data_5VAE
#
_entry.id   5VAE
#
_cell.length_a   152.597
_cell.length_b   257.294
_cell.length_c   217.724
_cell.angle_alpha   90.000
_cell.angle_beta   90.000
_cell.angle_gamma   90.000
#
_symmetry.space_group_name_H-M   'C 2 2 21'
#
loop_
_entity.id
_entity.type
_entity.pdbx_description
1 polymer 'Accessory Sec system protein Asp1'
2 polymer 'Accessory Sec system protein Asp3'
3 water water
#
loop_
_entity_poly.entity_id
_entity_poly.type
_entity_poly.pdbx_seq_one_letter_code
_entity_poly.pdbx_strand_id
1 'polypeptide(L)'
;(MSE)YYFIPSWSGSGKRVWHRDIIPWYRS(MSE)QRLEFDDTIHQIRIFHSENLPVKLLLQAY(MSE)PHARYFLHRQD
IFETEYYSVFDEIQAVESND(MSE)QVLQIKDLEWEDDCEFIYTPFLIIVRRQGQLYAHVEFGVEGFISFIKFFKDDQLE
KLNIFDDRGFVSSIVYYEDGQEVCQDYLNPNGDWRIREYLKFENSHVVVNPVFSRDFDKLEYEC(MSE)PDLILEKLGYY
ISHNVEEDSRFVVAAQPFTNQGVLDLLPQHSHSILSFFHERNQASNIENLKADLEYADLVLTDR(MSE)DFKETLQNYFP
LQAEKIHYLSPFDTRLQLGKSQQRHESKIFYQIDLSELLNDYAIFKVLFYVAQHPDTELVIGVYNAWQEGIKQVENKVEE
LISDYLDLKDFIKKSFKNNQAENPLPENQELEYRFRIRNITDELSLIQELDDTRLIIDLSQQPNLYTQIAGISAGIPQIN
LVASDYVTHLQNGYILDSISQLAVAADYYLQGLKNWNQALIYSIEKIKLNTGHQVIKRWEKWLKEAIDEKVDKLVPR
;
A,C,E,G
2 'polypeptide(L)'
;(MSE)KIQKHKEIYWGELRGASISKTRKDFTYLYGSTIIFHSPDQVYFENKLIASGQTIHEWSSSWNYQGDRQVPSLPLL
KRGRSYSLTRD(MSE)TSYPSESVFLKLIFFDRYNREVSNHVERSDK(MSE)TFTYPEEAYSYKVQLLSAGVESFEFHCL
RIEEILEESNG
;
B,D,F,H
#
# COMPACT_ATOMS: atom_id res chain seq x y z
N TYR A 2 -0.34 -52.01 15.91
CA TYR A 2 -0.13 -50.56 15.91
C TYR A 2 -1.13 -49.82 16.79
N TYR A 3 -0.59 -49.03 17.71
CA TYR A 3 -1.40 -48.15 18.55
C TYR A 3 -1.16 -46.71 18.13
N PHE A 4 -2.23 -45.94 18.01
CA PHE A 4 -2.10 -44.51 17.68
C PHE A 4 -2.53 -43.67 18.85
N ILE A 5 -1.69 -42.71 19.22
CA ILE A 5 -2.07 -41.74 20.25
C ILE A 5 -2.13 -40.34 19.66
N PRO A 6 -3.34 -39.96 19.21
CA PRO A 6 -3.62 -38.67 18.58
C PRO A 6 -3.49 -37.52 19.56
N SER A 7 -3.42 -36.33 18.99
CA SER A 7 -3.35 -35.09 19.73
C SER A 7 -4.61 -34.33 19.36
N TRP A 8 -5.73 -34.70 19.95
CA TRP A 8 -7.00 -34.11 19.58
C TRP A 8 -7.49 -33.23 20.73
N SER A 9 -7.19 -31.94 20.67
CA SER A 9 -7.33 -31.07 21.83
C SER A 9 -8.44 -30.05 21.77
N GLY A 10 -8.62 -29.35 22.88
CA GLY A 10 -9.51 -28.21 22.94
C GLY A 10 -8.65 -27.00 22.73
N SER A 11 -9.26 -25.82 22.75
CA SER A 11 -8.52 -24.60 22.47
C SER A 11 -8.46 -23.69 23.69
N GLY A 12 -8.94 -24.20 24.83
CA GLY A 12 -8.95 -23.46 26.08
C GLY A 12 -7.69 -23.73 26.88
N LYS A 13 -7.76 -23.55 28.19
CA LYS A 13 -6.63 -23.93 29.03
C LYS A 13 -6.78 -25.40 29.37
N ARG A 14 -8.03 -25.85 29.46
CA ARG A 14 -8.29 -27.27 29.58
C ARG A 14 -8.15 -27.91 28.20
N VAL A 15 -6.92 -28.31 27.85
CA VAL A 15 -6.65 -28.85 26.51
C VAL A 15 -7.16 -30.27 26.34
N TRP A 16 -7.35 -30.98 27.43
CA TRP A 16 -7.85 -32.34 27.35
C TRP A 16 -9.37 -32.33 27.12
N HIS A 17 -9.97 -31.13 27.09
CA HIS A 17 -11.41 -30.95 26.88
C HIS A 17 -11.73 -30.35 25.50
N ARG A 18 -12.21 -31.19 24.60
CA ARG A 18 -12.66 -30.77 23.28
C ARG A 18 -13.72 -29.71 23.37
N ASP A 19 -13.68 -28.75 22.46
CA ASP A 19 -14.66 -27.66 22.40
C ASP A 19 -16.07 -28.14 22.08
N ILE A 20 -17.06 -27.54 22.72
CA ILE A 20 -18.45 -27.80 22.37
C ILE A 20 -19.00 -26.58 21.63
N ILE A 21 -19.33 -26.75 20.35
CA ILE A 21 -19.74 -25.63 19.49
C ILE A 21 -21.04 -25.92 18.77
N PRO A 22 -22.00 -24.99 18.85
CA PRO A 22 -23.30 -25.09 18.17
C PRO A 22 -23.09 -25.15 16.65
N TRP A 23 -24.09 -25.61 15.91
CA TRP A 23 -23.85 -25.98 14.52
C TRP A 23 -23.57 -24.76 13.65
N TYR A 24 -24.00 -23.60 14.13
CA TYR A 24 -23.99 -22.37 13.37
C TYR A 24 -22.72 -21.53 13.60
N ARG A 25 -22.19 -21.57 14.83
CA ARG A 25 -20.97 -20.83 15.16
C ARG A 25 -19.76 -21.62 14.69
N SER A 26 -20.04 -22.77 14.11
CA SER A 26 -19.00 -23.64 13.54
C SER A 26 -18.17 -22.96 12.46
N GLN A 28 -14.06 -23.30 10.25
CA GLN A 28 -13.00 -24.19 9.79
C GLN A 28 -11.59 -23.82 10.27
N ARG A 29 -11.18 -24.50 11.36
CA ARG A 29 -9.77 -24.74 11.67
C ARG A 29 -9.55 -26.26 11.42
N LEU A 30 -8.36 -26.62 10.93
CA LEU A 30 -8.09 -27.96 10.35
C LEU A 30 -8.42 -29.19 11.21
N GLU A 31 -9.32 -30.05 10.75
CA GLU A 31 -9.77 -31.20 11.56
C GLU A 31 -9.17 -32.52 11.05
N PHE A 32 -8.83 -32.56 9.77
CA PHE A 32 -8.04 -33.63 9.21
C PHE A 32 -6.66 -33.50 9.82
N ASP A 33 -5.90 -34.59 9.80
CA ASP A 33 -4.80 -34.80 10.74
C ASP A 33 -3.84 -35.81 10.18
N ASP A 34 -2.56 -35.69 10.51
CA ASP A 34 -1.58 -36.75 10.18
C ASP A 34 -2.00 -38.10 10.77
N THR A 35 -2.50 -38.10 12.00
CA THR A 35 -2.99 -39.33 12.59
C THR A 35 -4.04 -39.95 11.69
N ILE A 36 -5.13 -39.22 11.44
CA ILE A 36 -6.22 -39.72 10.59
C ILE A 36 -5.74 -40.19 9.22
N HIS A 37 -4.78 -39.50 8.64
CA HIS A 37 -4.16 -39.93 7.40
C HIS A 37 -3.58 -41.35 7.56
N GLN A 38 -2.82 -41.55 8.63
CA GLN A 38 -2.16 -42.84 8.87
C GLN A 38 -3.16 -43.97 9.17
N ILE A 39 -3.98 -43.83 10.20
CA ILE A 39 -5.02 -44.82 10.49
C ILE A 39 -5.81 -45.28 9.27
N ARG A 40 -6.05 -44.37 8.33
CA ARG A 40 -6.83 -44.73 7.14
C ARG A 40 -6.03 -45.71 6.29
N ILE A 41 -4.71 -45.54 6.26
CA ILE A 41 -3.85 -46.44 5.49
C ILE A 41 -3.94 -47.85 6.05
N PHE A 42 -3.96 -47.97 7.37
CA PHE A 42 -4.11 -49.29 8.01
C PHE A 42 -5.45 -49.98 7.76
N HIS A 43 -6.50 -49.25 7.42
CA HIS A 43 -7.82 -49.87 7.27
C HIS A 43 -8.10 -50.43 5.88
N SER A 44 -7.65 -49.72 4.85
CA SER A 44 -7.42 -50.34 3.54
C SER A 44 -6.13 -51.08 3.84
N GLU A 45 -5.62 -51.88 2.90
CA GLU A 45 -4.45 -52.72 3.19
C GLU A 45 -4.66 -53.39 4.57
N ASN A 46 -5.81 -54.04 4.74
CA ASN A 46 -6.33 -54.45 6.05
C ASN A 46 -5.32 -54.97 7.10
N LEU A 47 -4.89 -54.07 7.99
CA LEU A 47 -3.95 -54.38 9.07
C LEU A 47 -4.62 -54.10 10.41
N PRO A 48 -4.10 -54.69 11.51
CA PRO A 48 -4.77 -54.44 12.78
C PRO A 48 -4.26 -53.14 13.40
N VAL A 49 -5.18 -52.36 13.97
CA VAL A 49 -4.83 -51.04 14.49
C VAL A 49 -5.81 -50.64 15.61
N LYS A 50 -5.31 -49.95 16.62
CA LYS A 50 -6.15 -49.48 17.71
C LYS A 50 -5.77 -48.07 18.13
N LEU A 51 -6.75 -47.36 18.68
CA LEU A 51 -6.65 -45.93 18.94
C LEU A 51 -6.71 -45.68 20.44
N LEU A 52 -5.78 -44.88 20.95
CA LEU A 52 -5.74 -44.58 22.40
C LEU A 52 -6.06 -43.11 22.70
N LEU A 53 -7.30 -42.87 23.11
CA LEU A 53 -7.83 -41.51 23.23
C LEU A 53 -7.70 -40.95 24.63
N GLN A 54 -6.89 -39.92 24.79
CA GLN A 54 -6.71 -39.37 26.12
C GLN A 54 -7.59 -38.16 26.43
N ALA A 55 -8.37 -37.69 25.47
CA ALA A 55 -9.09 -36.41 25.61
C ALA A 55 -10.58 -36.64 25.83
N TYR A 56 -11.27 -35.64 26.37
CA TYR A 56 -12.71 -35.77 26.60
C TYR A 56 -13.48 -35.36 25.35
N PRO A 58 -17.19 -35.97 24.01
CA PRO A 58 -18.55 -36.53 24.03
C PRO A 58 -19.13 -36.78 22.64
N HIS A 59 -18.62 -36.08 21.64
CA HIS A 59 -19.14 -36.25 20.29
C HIS A 59 -18.17 -37.01 19.34
N ALA A 60 -17.40 -37.96 19.87
CA ALA A 60 -16.32 -38.57 19.10
C ALA A 60 -16.76 -39.61 18.06
N ARG A 61 -17.98 -40.09 18.19
CA ARG A 61 -18.50 -41.04 17.20
C ARG A 61 -18.67 -40.33 15.88
N TYR A 62 -19.38 -39.19 15.90
CA TYR A 62 -19.60 -38.44 14.67
C TYR A 62 -18.26 -37.95 14.15
N PHE A 63 -17.38 -37.54 15.04
CA PHE A 63 -16.05 -37.12 14.64
C PHE A 63 -15.29 -38.20 13.86
N LEU A 64 -15.18 -39.39 14.45
CA LEU A 64 -14.50 -40.51 13.79
C LEU A 64 -15.18 -40.79 12.47
N HIS A 65 -16.51 -40.81 12.48
CA HIS A 65 -17.29 -41.16 11.30
C HIS A 65 -17.05 -40.19 10.17
N ARG A 66 -17.22 -38.92 10.51
CA ARG A 66 -17.00 -37.84 9.57
C ARG A 66 -15.62 -37.89 8.99
N GLN A 67 -14.67 -38.37 9.78
CA GLN A 67 -13.28 -38.44 9.36
C GLN A 67 -12.90 -39.76 8.75
N ASP A 68 -13.89 -40.62 8.49
CA ASP A 68 -13.68 -41.92 7.80
C ASP A 68 -12.90 -43.01 8.55
N ILE A 69 -12.85 -42.90 9.86
CA ILE A 69 -12.20 -43.90 10.68
C ILE A 69 -13.13 -44.38 11.76
N PHE A 70 -14.42 -44.49 11.44
CA PHE A 70 -15.43 -44.87 12.44
C PHE A 70 -15.28 -46.31 12.86
N GLU A 71 -14.72 -47.11 11.96
CA GLU A 71 -14.61 -48.54 12.17
C GLU A 71 -13.38 -48.93 13.01
N THR A 72 -12.54 -47.94 13.32
CA THR A 72 -11.36 -48.12 14.14
C THR A 72 -11.73 -48.46 15.57
N GLU A 73 -10.98 -49.37 16.19
CA GLU A 73 -11.17 -49.75 17.59
C GLU A 73 -10.43 -48.77 18.46
N TYR A 74 -11.06 -48.36 19.56
CA TYR A 74 -10.42 -47.38 20.43
C TYR A 74 -10.59 -47.70 21.91
N TYR A 75 -9.56 -47.38 22.67
CA TYR A 75 -9.72 -47.29 24.12
C TYR A 75 -9.77 -45.80 24.47
N SER A 76 -10.66 -45.44 25.38
CA SER A 76 -10.81 -44.03 25.75
C SER A 76 -10.71 -43.78 27.24
N VAL A 77 -9.68 -43.02 27.65
CA VAL A 77 -9.52 -42.62 29.05
C VAL A 77 -10.84 -42.15 29.71
N PHE A 78 -11.56 -41.24 29.06
CA PHE A 78 -12.78 -40.73 29.67
C PHE A 78 -13.97 -41.67 29.57
N ASP A 79 -13.79 -42.77 28.86
CA ASP A 79 -14.87 -43.76 28.77
C ASP A 79 -14.75 -44.70 29.97
N GLU A 80 -13.50 -44.92 30.38
CA GLU A 80 -13.21 -45.68 31.61
C GLU A 80 -13.63 -44.85 32.81
N ILE A 81 -13.08 -43.64 32.91
CA ILE A 81 -13.48 -42.68 33.94
C ILE A 81 -14.98 -42.59 34.14
N GLN A 82 -15.76 -42.62 33.06
CA GLN A 82 -17.20 -42.49 33.21
C GLN A 82 -17.96 -43.80 33.16
N ALA A 83 -17.23 -44.91 33.08
CA ALA A 83 -17.84 -46.24 33.09
C ALA A 83 -18.84 -46.38 31.97
N VAL A 84 -18.48 -45.90 30.78
CA VAL A 84 -19.33 -46.11 29.63
C VAL A 84 -19.03 -47.49 29.11
N GLU A 85 -19.99 -48.40 29.23
CA GLU A 85 -19.72 -49.80 28.90
C GLU A 85 -19.94 -50.15 27.43
N SER A 86 -21.07 -49.72 26.88
CA SER A 86 -21.41 -50.05 25.49
C SER A 86 -21.23 -48.89 24.51
N ASN A 87 -20.71 -49.18 23.32
CA ASN A 87 -20.71 -48.19 22.25
C ASN A 87 -22.04 -48.03 21.51
N ASP A 88 -23.10 -48.68 21.99
CA ASP A 88 -24.43 -48.53 21.39
C ASP A 88 -24.89 -47.09 21.36
N GLN A 90 -27.91 -44.42 20.69
CA GLN A 90 -29.35 -44.18 20.58
C GLN A 90 -29.55 -42.71 20.26
N VAL A 91 -29.86 -42.41 19.00
CA VAL A 91 -30.03 -41.04 18.56
C VAL A 91 -31.25 -40.42 19.22
N LEU A 92 -31.00 -39.47 20.11
CA LEU A 92 -32.04 -38.92 20.96
C LEU A 92 -32.92 -37.95 20.19
N GLN A 93 -34.23 -38.16 20.29
CA GLN A 93 -35.23 -37.22 19.82
C GLN A 93 -35.55 -36.31 20.99
N ILE A 94 -36.05 -35.10 20.74
CA ILE A 94 -36.38 -34.19 21.82
C ILE A 94 -37.53 -34.78 22.63
N LYS A 95 -38.47 -35.38 21.89
CA LYS A 95 -39.68 -35.95 22.45
C LYS A 95 -39.45 -36.88 23.64
N ASP A 96 -38.31 -37.56 23.65
CA ASP A 96 -38.03 -38.50 24.73
C ASP A 96 -36.94 -38.03 25.71
N LEU A 97 -37.18 -36.91 26.39
CA LEU A 97 -36.23 -36.44 27.40
C LEU A 97 -36.52 -36.77 28.91
N GLU A 98 -37.71 -36.48 29.42
CA GLU A 98 -38.64 -35.55 28.84
C GLU A 98 -38.80 -34.43 29.87
N TRP A 99 -39.60 -33.45 29.51
CA TRP A 99 -39.70 -32.21 30.24
C TRP A 99 -40.92 -32.21 31.14
N GLU A 100 -41.13 -31.10 31.85
CA GLU A 100 -42.37 -30.88 32.61
C GLU A 100 -43.54 -30.73 31.64
N ASP A 101 -44.75 -30.85 32.15
CA ASP A 101 -45.93 -30.82 31.29
C ASP A 101 -46.14 -29.44 30.65
N ASP A 102 -45.85 -28.40 31.43
CA ASP A 102 -46.14 -27.02 31.03
C ASP A 102 -45.17 -26.42 30.02
N CYS A 103 -44.08 -27.13 29.74
CA CYS A 103 -43.04 -26.61 28.85
C CYS A 103 -43.54 -26.41 27.43
N GLU A 104 -43.47 -25.17 26.96
CA GLU A 104 -43.80 -24.87 25.58
C GLU A 104 -42.51 -24.59 24.81
N PHE A 105 -42.48 -24.99 23.54
CA PHE A 105 -41.27 -24.90 22.75
C PHE A 105 -41.39 -23.89 21.61
N ILE A 106 -40.31 -23.17 21.34
CA ILE A 106 -40.30 -22.21 20.25
C ILE A 106 -39.07 -22.41 19.40
N TYR A 107 -39.29 -22.63 18.11
CA TYR A 107 -38.22 -23.05 17.20
C TYR A 107 -37.53 -21.90 16.47
N THR A 108 -36.51 -21.31 17.09
CA THR A 108 -35.53 -20.46 16.41
C THR A 108 -35.06 -21.17 15.13
N PRO A 109 -34.56 -20.44 14.14
CA PRO A 109 -33.85 -21.17 13.07
C PRO A 109 -32.49 -21.74 13.53
N PHE A 110 -32.01 -21.29 14.69
CA PHE A 110 -30.72 -21.70 15.23
C PHE A 110 -30.82 -22.77 16.33
N LEU A 111 -31.74 -22.58 17.26
CA LEU A 111 -31.92 -23.53 18.37
C LEU A 111 -33.38 -23.69 18.78
N ILE A 112 -33.64 -24.24 19.96
CA ILE A 112 -35.00 -24.41 20.45
C ILE A 112 -35.10 -23.77 21.82
N ILE A 113 -36.08 -22.90 21.98
CA ILE A 113 -36.27 -22.19 23.25
C ILE A 113 -37.43 -22.79 24.02
N VAL A 114 -37.13 -23.34 25.19
CA VAL A 114 -38.18 -23.92 26.01
C VAL A 114 -38.52 -22.93 27.11
N ARG A 115 -39.77 -22.48 27.11
CA ARG A 115 -40.30 -21.62 28.17
C ARG A 115 -41.31 -22.42 28.97
N ARG A 116 -41.39 -22.15 30.26
CA ARG A 116 -42.42 -22.75 31.10
C ARG A 116 -43.07 -21.67 31.98
N GLN A 117 -44.37 -21.49 31.81
CA GLN A 117 -45.11 -20.38 32.38
C GLN A 117 -44.45 -19.05 31.99
N GLY A 118 -44.17 -18.90 30.70
CA GLY A 118 -43.68 -17.65 30.15
C GLY A 118 -42.20 -17.37 30.38
N GLN A 119 -41.64 -17.93 31.45
CA GLN A 119 -40.24 -17.72 31.79
C GLN A 119 -39.30 -18.64 31.00
N LEU A 120 -38.20 -18.08 30.51
CA LEU A 120 -37.17 -18.86 29.83
C LEU A 120 -36.63 -20.00 30.70
N TYR A 121 -36.76 -21.23 30.22
CA TYR A 121 -36.32 -22.41 30.97
C TYR A 121 -35.04 -23.03 30.42
N ALA A 122 -34.99 -23.18 29.10
CA ALA A 122 -33.86 -23.85 28.47
C ALA A 122 -33.64 -23.52 26.99
N HIS A 123 -32.37 -23.57 26.58
CA HIS A 123 -31.98 -23.56 25.17
C HIS A 123 -31.44 -24.94 24.81
N VAL A 124 -32.01 -25.55 23.77
CA VAL A 124 -31.57 -26.85 23.27
C VAL A 124 -30.82 -26.69 21.96
N GLU A 125 -29.49 -26.80 22.00
CA GLU A 125 -28.68 -26.60 20.81
C GLU A 125 -28.27 -27.91 20.08
N PHE A 126 -27.87 -27.79 18.82
CA PHE A 126 -27.54 -28.96 18.00
C PHE A 126 -26.11 -28.90 17.46
N GLY A 127 -25.53 -30.06 17.16
CA GLY A 127 -24.19 -30.09 16.59
C GLY A 127 -24.25 -30.25 15.09
N VAL A 128 -23.13 -30.02 14.43
CA VAL A 128 -23.07 -30.02 12.96
C VAL A 128 -23.82 -31.15 12.26
N GLU A 129 -24.03 -32.26 12.95
CA GLU A 129 -24.64 -33.42 12.31
C GLU A 129 -26.11 -33.54 12.68
N GLY A 130 -26.51 -32.78 13.69
CA GLY A 130 -27.92 -32.63 13.99
C GLY A 130 -28.43 -33.37 15.19
N PHE A 131 -27.52 -33.91 15.99
CA PHE A 131 -27.92 -34.62 17.20
C PHE A 131 -27.94 -33.57 18.28
N ILE A 132 -28.69 -33.81 19.35
CA ILE A 132 -28.70 -32.89 20.48
C ILE A 132 -27.30 -32.81 21.10
N SER A 133 -26.71 -31.64 21.09
CA SER A 133 -25.32 -31.51 21.49
C SER A 133 -25.18 -31.10 22.92
N PHE A 134 -26.01 -30.17 23.35
CA PHE A 134 -25.98 -29.68 24.72
C PHE A 134 -27.21 -28.85 24.96
N ILE A 135 -27.59 -28.72 26.23
CA ILE A 135 -28.72 -27.91 26.62
C ILE A 135 -28.32 -26.99 27.77
N LYS A 136 -28.58 -25.70 27.58
CA LYS A 136 -28.43 -24.69 28.63
C LYS A 136 -29.72 -24.65 29.45
N PHE A 137 -29.59 -24.51 30.77
CA PHE A 137 -30.73 -24.45 31.67
C PHE A 137 -30.79 -23.10 32.43
N PHE A 138 -31.97 -22.49 32.53
CA PHE A 138 -32.10 -21.17 33.14
C PHE A 138 -33.00 -21.10 34.38
N LYS A 139 -32.54 -20.33 35.37
CA LYS A 139 -33.28 -20.05 36.59
C LYS A 139 -33.36 -18.54 36.76
N ASP A 140 -34.52 -17.96 36.43
CA ASP A 140 -34.75 -16.51 36.50
C ASP A 140 -33.75 -15.72 35.63
N ASP A 141 -33.91 -15.85 34.32
CA ASP A 141 -33.01 -15.23 33.32
C ASP A 141 -31.51 -15.36 33.68
N GLN A 142 -31.17 -16.39 34.43
CA GLN A 142 -29.77 -16.69 34.75
C GLN A 142 -29.41 -18.14 34.37
N LEU A 143 -28.25 -18.30 33.73
CA LEU A 143 -27.76 -19.62 33.34
C LEU A 143 -27.20 -20.34 34.55
N GLU A 144 -27.78 -21.48 34.92
CA GLU A 144 -27.29 -22.24 36.06
C GLU A 144 -26.66 -23.60 35.69
N LYS A 145 -27.24 -24.27 34.70
CA LYS A 145 -26.77 -25.59 34.28
C LYS A 145 -26.46 -25.64 32.78
N LEU A 146 -25.49 -26.48 32.43
CA LEU A 146 -25.21 -26.81 31.04
C LEU A 146 -25.01 -28.32 30.93
N ASN A 147 -25.99 -29.01 30.35
CA ASN A 147 -25.86 -30.44 30.08
C ASN A 147 -25.14 -30.69 28.75
N ILE A 148 -24.02 -31.40 28.79
CA ILE A 148 -23.33 -31.81 27.57
C ILE A 148 -23.70 -33.25 27.23
N PHE A 149 -24.31 -33.47 26.08
CA PHE A 149 -24.73 -34.82 25.70
C PHE A 149 -23.67 -35.60 24.94
N ASP A 150 -23.64 -36.89 25.19
CA ASP A 150 -22.81 -37.82 24.46
C ASP A 150 -23.54 -38.19 23.16
N ASP A 151 -22.80 -38.36 22.08
CA ASP A 151 -23.48 -38.67 20.82
C ASP A 151 -24.02 -40.10 20.77
N ARG A 152 -23.77 -40.86 21.83
CA ARG A 152 -24.31 -42.21 21.97
C ARG A 152 -25.68 -42.17 22.68
N GLY A 153 -26.02 -41.02 23.26
CA GLY A 153 -27.39 -40.81 23.70
C GLY A 153 -27.66 -40.74 25.19
N PHE A 154 -26.79 -40.04 25.91
CA PHE A 154 -26.99 -39.85 27.34
C PHE A 154 -26.30 -38.55 27.79
N VAL A 155 -26.51 -38.15 29.04
CA VAL A 155 -25.91 -36.91 29.50
C VAL A 155 -24.50 -37.18 30.02
N SER A 156 -23.52 -36.76 29.26
CA SER A 156 -22.15 -37.12 29.52
C SER A 156 -21.57 -36.35 30.69
N SER A 157 -22.07 -35.14 30.90
CA SER A 157 -21.39 -34.16 31.74
C SER A 157 -22.32 -33.01 32.14
N ILE A 158 -22.07 -32.40 33.29
CA ILE A 158 -22.81 -31.17 33.66
C ILE A 158 -21.89 -30.04 34.13
N VAL A 159 -22.09 -28.84 33.60
CA VAL A 159 -21.37 -27.66 34.09
C VAL A 159 -22.32 -26.80 34.90
N TYR A 160 -21.90 -26.46 36.12
CA TYR A 160 -22.71 -25.67 37.04
C TYR A 160 -22.24 -24.21 37.07
N TYR A 161 -23.20 -23.29 37.08
CA TYR A 161 -22.89 -21.86 36.98
C TYR A 161 -23.25 -21.07 38.24
N GLU A 162 -22.24 -20.42 38.80
CA GLU A 162 -22.38 -19.53 39.95
C GLU A 162 -22.23 -18.08 39.49
N ASP A 163 -23.27 -17.27 39.68
CA ASP A 163 -23.23 -15.85 39.33
C ASP A 163 -22.97 -15.63 37.84
N GLY A 164 -23.26 -16.65 37.03
CA GLY A 164 -23.03 -16.58 35.61
C GLY A 164 -21.62 -16.95 35.19
N GLN A 165 -20.90 -17.67 36.05
CA GLN A 165 -19.56 -18.17 35.72
C GLN A 165 -19.39 -19.69 36.00
N GLU A 166 -18.54 -20.35 35.20
CA GLU A 166 -18.27 -21.77 35.40
C GLU A 166 -17.65 -21.92 36.78
N VAL A 167 -18.24 -22.75 37.63
CA VAL A 167 -17.64 -23.01 38.94
C VAL A 167 -17.16 -24.45 39.05
N CYS A 168 -17.83 -25.34 38.34
CA CYS A 168 -17.73 -26.75 38.63
C CYS A 168 -18.33 -27.59 37.49
N GLN A 169 -17.71 -28.73 37.19
CA GLN A 169 -18.20 -29.64 36.15
C GLN A 169 -18.04 -31.10 36.58
N ASP A 170 -19.13 -31.81 36.81
CA ASP A 170 -19.01 -33.24 37.10
C ASP A 170 -19.40 -34.17 35.93
N TYR A 171 -18.65 -35.26 35.81
CA TYR A 171 -18.75 -36.19 34.68
C TYR A 171 -19.58 -37.41 35.05
N LEU A 172 -20.77 -37.55 34.48
CA LEU A 172 -21.67 -38.62 34.86
C LEU A 172 -21.28 -39.96 34.25
N ASN A 173 -21.94 -41.03 34.69
CA ASN A 173 -21.91 -42.32 34.01
C ASN A 173 -23.20 -42.38 33.19
N PRO A 174 -23.36 -43.37 32.29
CA PRO A 174 -24.56 -43.31 31.45
C PRO A 174 -25.84 -43.50 32.23
N ASN A 175 -25.71 -43.77 33.53
CA ASN A 175 -26.86 -43.94 34.39
C ASN A 175 -27.22 -42.64 35.11
N GLY A 176 -26.30 -41.68 35.12
CA GLY A 176 -26.61 -40.36 35.65
C GLY A 176 -25.85 -40.03 36.92
N ASP A 177 -25.23 -41.03 37.52
CA ASP A 177 -24.52 -40.84 38.77
C ASP A 177 -23.18 -40.18 38.49
N TRP A 178 -22.86 -39.08 39.17
CA TRP A 178 -21.56 -38.44 38.99
C TRP A 178 -20.44 -39.37 39.42
N ARG A 179 -19.36 -39.42 38.64
CA ARG A 179 -18.23 -40.29 38.94
C ARG A 179 -17.04 -39.50 39.42
N ILE A 180 -16.73 -38.39 38.73
CA ILE A 180 -15.75 -37.42 39.21
C ILE A 180 -16.32 -36.03 39.05
N ARG A 181 -15.91 -35.11 39.92
CA ARG A 181 -16.29 -33.71 39.82
C ARG A 181 -15.02 -32.87 39.64
N GLU A 182 -15.09 -31.90 38.74
CA GLU A 182 -13.95 -31.04 38.45
C GLU A 182 -14.27 -29.59 38.80
N TYR A 183 -13.42 -28.99 39.63
CA TYR A 183 -13.61 -27.62 40.07
C TYR A 183 -12.82 -26.68 39.17
N LEU A 184 -13.51 -25.68 38.62
CA LEU A 184 -12.95 -24.83 37.57
C LEU A 184 -12.66 -23.41 38.05
N LYS A 185 -12.08 -23.29 39.23
CA LYS A 185 -11.59 -22.00 39.72
C LYS A 185 -10.20 -22.19 40.29
N PHE A 186 -9.29 -21.29 39.96
CA PHE A 186 -7.91 -21.39 40.43
C PHE A 186 -7.79 -21.04 41.90
N SER A 189 -9.75 -26.19 42.71
CA SER A 189 -9.03 -26.23 41.43
C SER A 189 -8.66 -27.67 41.00
N HIS A 190 -9.28 -28.65 41.65
CA HIS A 190 -8.90 -30.07 41.55
C HIS A 190 -10.05 -30.94 41.03
N VAL A 191 -9.86 -32.25 41.12
CA VAL A 191 -10.88 -33.22 40.71
C VAL A 191 -11.08 -34.24 41.83
N VAL A 192 -12.32 -34.41 42.26
CA VAL A 192 -12.62 -35.33 43.37
C VAL A 192 -13.35 -36.56 42.86
N VAL A 193 -13.02 -37.74 43.38
CA VAL A 193 -13.75 -38.95 43.03
C VAL A 193 -14.94 -39.11 43.95
N ASN A 194 -16.07 -39.53 43.39
CA ASN A 194 -17.21 -39.93 44.18
C ASN A 194 -16.90 -41.21 44.91
N PRO A 195 -16.98 -41.19 46.26
CA PRO A 195 -16.66 -42.33 47.11
C PRO A 195 -17.32 -43.64 46.68
N VAL A 196 -18.58 -43.59 46.24
CA VAL A 196 -19.29 -44.82 45.89
C VAL A 196 -18.56 -45.62 44.80
N PHE A 197 -17.79 -44.91 43.97
CA PHE A 197 -17.05 -45.55 42.89
C PHE A 197 -15.53 -45.55 43.13
N SER A 198 -15.09 -45.70 44.37
CA SER A 198 -13.65 -45.70 44.64
C SER A 198 -12.96 -46.97 44.13
N ARG A 199 -13.75 -47.99 43.83
CA ARG A 199 -13.26 -49.26 43.28
C ARG A 199 -12.43 -49.07 42.01
N ASP A 200 -12.80 -48.09 41.20
CA ASP A 200 -12.26 -47.90 39.85
C ASP A 200 -11.16 -46.83 39.78
N PHE A 201 -11.00 -46.08 40.87
CA PHE A 201 -9.91 -45.12 40.95
C PHE A 201 -9.00 -45.45 42.12
N ASP A 202 -7.74 -45.74 41.82
CA ASP A 202 -6.72 -45.59 42.86
C ASP A 202 -6.51 -44.08 42.95
N LYS A 203 -6.17 -43.58 44.14
CA LYS A 203 -6.34 -42.16 44.53
C LYS A 203 -7.82 -41.78 44.74
N LEU A 204 -8.07 -40.91 45.69
CA LEU A 204 -9.43 -40.55 46.08
C LEU A 204 -9.68 -39.13 45.61
N GLU A 205 -8.59 -38.49 45.17
CA GLU A 205 -8.62 -37.12 44.72
C GLU A 205 -7.35 -36.85 43.87
N TYR A 206 -7.48 -35.95 42.90
CA TYR A 206 -6.40 -35.61 41.98
C TYR A 206 -6.32 -34.09 41.85
N GLU A 207 -5.09 -33.56 41.76
CA GLU A 207 -4.91 -32.11 41.77
C GLU A 207 -5.22 -31.42 40.42
N CYS A 208 -4.61 -31.94 39.36
CA CYS A 208 -4.92 -31.51 38.00
C CYS A 208 -5.50 -32.69 37.22
N PRO A 210 -5.14 -33.82 34.11
CA PRO A 210 -4.17 -34.69 33.42
C PRO A 210 -3.55 -35.80 34.26
N ASP A 211 -3.52 -35.66 35.57
CA ASP A 211 -3.00 -36.72 36.42
C ASP A 211 -3.88 -37.97 36.35
N LEU A 212 -5.19 -37.80 36.52
CA LEU A 212 -6.12 -38.91 36.43
C LEU A 212 -6.08 -39.49 35.02
N ILE A 213 -5.84 -38.62 34.04
CA ILE A 213 -5.69 -39.03 32.66
C ILE A 213 -4.43 -39.91 32.50
N LEU A 214 -3.28 -39.38 32.92
CA LEU A 214 -2.01 -40.09 32.83
C LEU A 214 -2.08 -41.45 33.55
N GLU A 215 -2.90 -41.51 34.59
CA GLU A 215 -3.10 -42.74 35.35
C GLU A 215 -3.70 -43.81 34.47
N LYS A 216 -4.91 -43.54 34.01
CA LYS A 216 -5.70 -44.51 33.26
C LYS A 216 -5.03 -44.95 31.94
N LEU A 217 -4.31 -44.02 31.31
CA LEU A 217 -3.63 -44.32 30.06
C LEU A 217 -2.55 -45.36 30.30
N GLY A 218 -1.57 -45.01 31.14
CA GLY A 218 -0.47 -45.90 31.49
C GLY A 218 -0.91 -47.28 31.94
N TYR A 219 -1.98 -47.35 32.72
CA TYR A 219 -2.51 -48.63 33.14
C TYR A 219 -2.90 -49.47 31.92
N TYR A 220 -3.43 -48.85 30.86
CA TYR A 220 -3.78 -49.61 29.67
C TYR A 220 -2.53 -50.13 28.94
N ILE A 221 -1.56 -49.26 28.74
CA ILE A 221 -0.34 -49.54 28.00
C ILE A 221 0.49 -50.68 28.62
N SER A 222 0.50 -50.72 29.95
CA SER A 222 1.20 -51.75 30.71
C SER A 222 0.48 -53.10 30.68
N HIS A 223 -0.80 -53.11 31.04
CA HIS A 223 -1.52 -54.34 31.27
C HIS A 223 -2.30 -54.91 30.06
N ASN A 224 -2.44 -54.13 28.99
CA ASN A 224 -3.32 -54.53 27.88
C ASN A 224 -2.67 -54.54 26.50
N VAL A 225 -1.45 -54.03 26.41
CA VAL A 225 -0.75 -54.01 25.14
C VAL A 225 -0.04 -55.33 24.87
N GLU A 226 -0.40 -55.94 23.73
CA GLU A 226 0.28 -57.13 23.24
C GLU A 226 1.78 -56.85 23.06
N GLU A 227 2.63 -57.71 23.62
CA GLU A 227 4.08 -57.53 23.60
C GLU A 227 4.67 -57.23 22.22
N ASP A 228 5.78 -56.48 22.22
CA ASP A 228 6.33 -55.85 21.01
C ASP A 228 5.27 -55.28 20.06
N SER A 229 4.71 -54.15 20.46
CA SER A 229 3.82 -53.43 19.58
C SER A 229 4.53 -52.20 19.06
N ARG A 230 3.74 -51.32 18.44
CA ARG A 230 4.25 -50.12 17.81
C ARG A 230 3.33 -48.95 18.15
N PHE A 231 3.92 -47.84 18.56
CA PHE A 231 3.16 -46.68 18.99
C PHE A 231 3.44 -45.47 18.12
N VAL A 232 2.39 -44.98 17.45
CA VAL A 232 2.50 -43.76 16.68
C VAL A 232 1.97 -42.61 17.52
N VAL A 233 2.86 -41.72 17.90
CA VAL A 233 2.49 -40.62 18.78
C VAL A 233 2.50 -39.29 18.04
N ALA A 234 1.35 -38.63 18.04
CA ALA A 234 1.22 -37.31 17.47
C ALA A 234 1.92 -36.37 18.41
N ALA A 235 2.90 -35.63 17.90
CA ALA A 235 3.71 -34.74 18.71
C ALA A 235 2.86 -33.64 19.31
N GLN A 236 2.54 -33.76 20.60
CA GLN A 236 1.70 -32.79 21.30
C GLN A 236 2.50 -31.51 21.52
N PRO A 237 1.81 -30.35 21.44
CA PRO A 237 2.32 -28.97 21.41
C PRO A 237 3.47 -28.67 22.36
N PHE A 238 3.51 -29.36 23.50
CA PHE A 238 4.47 -29.03 24.57
C PHE A 238 5.65 -30.02 24.70
N THR A 239 5.54 -31.01 25.60
CA THR A 239 6.57 -32.06 25.72
C THR A 239 5.95 -33.45 25.68
N ASN A 240 6.63 -34.36 24.99
CA ASN A 240 6.10 -35.70 24.78
C ASN A 240 6.49 -36.71 25.84
N GLN A 241 7.23 -36.24 26.84
CA GLN A 241 7.60 -37.07 27.98
C GLN A 241 6.38 -37.65 28.66
N GLY A 242 5.31 -36.84 28.74
CA GLY A 242 4.07 -37.28 29.34
C GLY A 242 3.65 -38.67 28.91
N VAL A 243 3.82 -38.97 27.63
CA VAL A 243 3.31 -40.21 27.06
C VAL A 243 4.43 -41.17 26.65
N LEU A 244 5.53 -40.62 26.15
CA LEU A 244 6.65 -41.45 25.73
C LEU A 244 7.17 -42.32 26.88
N ASP A 245 7.21 -41.75 28.07
CA ASP A 245 7.72 -42.42 29.25
C ASP A 245 6.66 -43.31 29.88
N LEU A 246 5.79 -43.89 29.05
CA LEU A 246 4.75 -44.80 29.50
C LEU A 246 4.78 -46.00 28.61
N LEU A 247 5.73 -46.01 27.67
CA LEU A 247 5.74 -47.01 26.62
C LEU A 247 6.50 -48.25 27.08
N PRO A 248 6.09 -49.45 26.60
CA PRO A 248 6.72 -50.71 27.00
C PRO A 248 8.23 -50.72 26.83
N GLN A 249 8.88 -51.68 27.47
CA GLN A 249 10.31 -51.84 27.36
C GLN A 249 10.62 -52.26 25.93
N HIS A 250 9.94 -53.30 25.47
CA HIS A 250 10.16 -53.78 24.11
C HIS A 250 9.05 -53.34 23.18
N SER A 251 9.23 -52.15 22.60
CA SER A 251 8.27 -51.55 21.68
C SER A 251 8.96 -50.52 20.79
N HIS A 252 8.46 -50.40 19.57
CA HIS A 252 8.94 -49.37 18.68
C HIS A 252 8.02 -48.16 18.84
N SER A 253 8.60 -46.98 18.82
CA SER A 253 7.81 -45.75 18.88
C SER A 253 8.02 -44.88 17.62
N ILE A 254 6.92 -44.46 16.99
CA ILE A 254 6.99 -43.47 15.92
C ILE A 254 6.44 -42.11 16.36
N LEU A 255 7.28 -41.08 16.31
CA LEU A 255 6.89 -39.70 16.63
C LEU A 255 6.54 -38.86 15.37
N SER A 256 5.30 -38.38 15.29
CA SER A 256 4.78 -37.77 14.06
C SER A 256 4.46 -36.27 14.19
N PHE A 257 5.12 -35.47 13.35
CA PHE A 257 4.96 -34.01 13.33
C PHE A 257 4.08 -33.50 12.19
N PHE A 258 3.01 -32.79 12.53
CA PHE A 258 2.08 -32.20 11.58
C PHE A 258 2.19 -30.70 11.67
N HIS A 259 2.48 -30.03 10.56
CA HIS A 259 2.70 -28.59 10.56
C HIS A 259 1.60 -27.77 11.22
N GLU A 260 0.35 -28.02 10.86
CA GLU A 260 -0.76 -27.26 11.43
C GLU A 260 -0.73 -27.25 12.95
N ARG A 261 -0.22 -28.34 13.52
CA ARG A 261 -0.14 -28.54 14.97
C ARG A 261 1.19 -28.06 15.57
N ASN A 262 2.30 -28.37 14.92
CA ASN A 262 3.62 -28.15 15.49
C ASN A 262 4.47 -27.10 14.81
N GLN A 263 3.86 -26.21 14.01
CA GLN A 263 4.64 -25.25 13.24
C GLN A 263 5.49 -24.43 14.17
N ALA A 264 4.88 -24.06 15.31
CA ALA A 264 5.54 -23.27 16.33
C ALA A 264 5.89 -24.19 17.47
N SER A 265 7.19 -24.46 17.59
CA SER A 265 7.73 -25.26 18.67
C SER A 265 9.20 -24.93 18.61
N ASN A 266 9.84 -24.76 19.76
CA ASN A 266 11.28 -24.50 19.75
C ASN A 266 12.03 -25.81 19.72
N ILE A 267 13.11 -25.83 18.95
CA ILE A 267 13.77 -27.07 18.62
C ILE A 267 14.45 -27.65 19.86
N GLU A 268 14.78 -26.79 20.80
CA GLU A 268 15.48 -27.22 22.01
C GLU A 268 14.70 -28.22 22.86
N ASN A 269 13.41 -27.99 23.05
CA ASN A 269 12.63 -28.89 23.90
C ASN A 269 12.23 -30.20 23.23
N LEU A 270 12.56 -30.29 21.95
CA LEU A 270 12.29 -31.49 21.19
C LEU A 270 13.36 -32.56 21.46
N LYS A 271 14.52 -32.09 21.93
CA LYS A 271 15.71 -32.94 22.11
C LYS A 271 15.42 -34.21 22.89
N ALA A 272 14.70 -34.09 24.00
CA ALA A 272 14.40 -35.25 24.82
C ALA A 272 13.62 -36.29 24.00
N ASP A 273 12.50 -35.83 23.45
CA ASP A 273 11.54 -36.71 22.79
C ASP A 273 12.08 -37.23 21.46
N LEU A 274 12.96 -36.46 20.82
CA LEU A 274 13.48 -36.80 19.50
C LEU A 274 14.61 -37.81 19.62
N GLU A 275 15.23 -37.85 20.80
CA GLU A 275 16.26 -38.84 21.11
C GLU A 275 15.60 -40.17 21.38
N TYR A 276 14.51 -40.16 22.16
CA TYR A 276 13.83 -41.41 22.50
C TYR A 276 13.27 -42.13 21.29
N ALA A 277 12.64 -41.37 20.40
CA ALA A 277 11.83 -41.96 19.33
C ALA A 277 12.66 -42.76 18.34
N ASP A 278 12.15 -43.93 18.00
CA ASP A 278 12.77 -44.77 16.98
C ASP A 278 12.66 -44.11 15.60
N LEU A 279 11.46 -43.61 15.29
CA LEU A 279 11.15 -43.02 13.99
C LEU A 279 10.61 -41.60 14.12
N VAL A 280 10.99 -40.73 13.21
CA VAL A 280 10.40 -39.38 13.16
C VAL A 280 9.74 -39.07 11.80
N LEU A 281 8.53 -38.53 11.82
CA LEU A 281 7.83 -38.16 10.58
C LEU A 281 7.42 -36.68 10.55
N THR A 282 7.76 -35.98 9.47
CA THR A 282 7.23 -34.62 9.26
C THR A 282 6.47 -34.51 7.96
N ASP A 283 5.48 -33.64 7.93
CA ASP A 283 4.70 -33.42 6.71
C ASP A 283 5.26 -32.20 5.97
N ARG A 284 6.39 -31.69 6.44
CA ARG A 284 7.03 -30.57 5.79
C ARG A 284 8.51 -30.86 5.58
N ASP A 286 11.04 -28.88 4.88
CA ASP A 286 12.02 -27.98 5.48
C ASP A 286 12.06 -28.08 7.00
N PHE A 287 11.03 -28.70 7.58
CA PHE A 287 11.06 -29.01 9.00
C PHE A 287 11.91 -30.25 9.23
N LYS A 288 11.84 -31.21 8.31
CA LYS A 288 12.73 -32.36 8.32
C LYS A 288 14.16 -31.87 8.31
N GLU A 289 14.43 -30.89 7.46
CA GLU A 289 15.77 -30.33 7.35
C GLU A 289 16.16 -29.51 8.58
N THR A 290 15.21 -28.77 9.14
CA THR A 290 15.49 -27.99 10.35
C THR A 290 15.95 -28.92 11.46
N LEU A 291 15.31 -30.09 11.56
CA LEU A 291 15.61 -31.07 12.60
C LEU A 291 16.91 -31.83 12.33
N GLN A 292 17.19 -32.07 11.07
CA GLN A 292 18.39 -32.79 10.68
C GLN A 292 19.66 -31.96 10.87
N ASN A 293 19.53 -30.64 10.93
CA ASN A 293 20.69 -29.79 11.13
C ASN A 293 20.94 -29.48 12.59
N TYR A 294 19.87 -29.31 13.35
CA TYR A 294 20.00 -28.95 14.74
C TYR A 294 20.34 -30.20 15.57
N PHE A 295 19.99 -31.35 15.03
CA PHE A 295 20.17 -32.60 15.77
C PHE A 295 20.85 -33.67 14.91
N PRO A 296 22.07 -33.38 14.45
CA PRO A 296 22.68 -34.19 13.38
C PRO A 296 22.90 -35.64 13.79
N LEU A 297 22.83 -35.91 15.09
CA LEU A 297 23.05 -37.27 15.59
C LEU A 297 21.83 -38.17 15.37
N GLN A 298 20.67 -37.54 15.15
CA GLN A 298 19.46 -38.31 14.91
C GLN A 298 18.88 -38.04 13.52
N ALA A 299 19.64 -37.35 12.69
CA ALA A 299 19.20 -37.05 11.32
C ALA A 299 18.62 -38.25 10.55
N GLU A 300 19.20 -39.42 10.75
CA GLU A 300 18.87 -40.57 9.90
C GLU A 300 17.47 -41.10 10.12
N LYS A 301 16.87 -40.77 11.25
CA LYS A 301 15.59 -41.40 11.62
C LYS A 301 14.40 -40.52 11.30
N ILE A 302 14.68 -39.31 10.83
CA ILE A 302 13.65 -38.36 10.42
C ILE A 302 13.35 -38.49 8.92
N HIS A 303 12.08 -38.70 8.61
CA HIS A 303 11.65 -38.92 7.24
C HIS A 303 10.46 -38.05 6.87
N TYR A 304 10.35 -37.71 5.59
CA TYR A 304 9.21 -36.92 5.12
C TYR A 304 8.07 -37.82 4.64
N LEU A 305 6.85 -37.45 5.04
CA LEU A 305 5.64 -38.13 4.58
C LEU A 305 4.50 -37.13 4.44
N SER A 306 4.04 -36.93 3.20
CA SER A 306 2.97 -35.97 2.91
C SER A 306 1.59 -36.59 3.10
N PRO A 307 0.70 -35.92 3.87
CA PRO A 307 -0.63 -36.46 4.14
C PRO A 307 -1.60 -36.14 3.00
N PHE A 308 -2.66 -36.92 2.86
CA PHE A 308 -3.60 -36.75 1.77
C PHE A 308 -4.96 -37.17 2.30
N ASP A 309 -5.99 -36.38 2.01
CA ASP A 309 -7.31 -36.72 2.49
C ASP A 309 -7.96 -37.60 1.46
N THR A 310 -8.20 -38.86 1.79
CA THR A 310 -8.78 -39.77 0.81
C THR A 310 -10.30 -39.76 0.84
N ARG A 311 -10.91 -38.82 1.56
CA ARG A 311 -12.37 -38.70 1.54
C ARG A 311 -12.75 -38.14 0.19
N LEU A 312 -11.78 -37.42 -0.39
CA LEU A 312 -11.92 -36.83 -1.71
C LEU A 312 -11.87 -37.91 -2.79
N GLN A 313 -13.00 -38.11 -3.46
CA GLN A 313 -13.04 -38.83 -4.73
C GLN A 313 -12.23 -38.02 -5.73
N LEU A 314 -11.63 -38.70 -6.70
CA LEU A 314 -11.04 -37.97 -7.81
C LEU A 314 -12.10 -37.09 -8.52
N GLY A 315 -11.62 -36.01 -9.13
CA GLY A 315 -12.48 -34.94 -9.61
C GLY A 315 -13.24 -35.30 -10.85
N LYS A 316 -14.52 -34.98 -10.85
CA LYS A 316 -15.42 -35.25 -11.95
C LYS A 316 -15.63 -33.99 -12.83
N SER A 317 -14.57 -33.22 -13.04
CA SER A 317 -14.67 -31.98 -13.79
C SER A 317 -14.62 -32.23 -15.28
N GLN A 318 -14.44 -33.49 -15.67
CA GLN A 318 -14.40 -33.83 -17.07
C GLN A 318 -15.82 -34.01 -17.58
N GLN A 319 -16.73 -34.19 -16.64
CA GLN A 319 -18.13 -34.37 -16.98
C GLN A 319 -18.90 -33.04 -16.99
N ARG A 320 -18.19 -31.96 -17.27
CA ARG A 320 -18.76 -30.62 -17.29
C ARG A 320 -18.26 -29.84 -18.51
N HIS A 321 -19.12 -29.07 -19.17
CA HIS A 321 -18.61 -28.29 -20.31
C HIS A 321 -17.95 -27.04 -19.75
N GLU A 322 -18.58 -26.50 -18.71
CA GLU A 322 -18.09 -25.32 -17.99
C GLU A 322 -16.90 -25.64 -17.08
N SER A 323 -15.79 -24.97 -17.30
CA SER A 323 -14.69 -24.98 -16.35
C SER A 323 -15.05 -24.19 -15.08
N LYS A 324 -15.30 -24.86 -13.95
CA LYS A 324 -15.61 -24.19 -12.69
C LYS A 324 -14.34 -23.83 -11.90
N ILE A 325 -14.29 -22.59 -11.41
CA ILE A 325 -13.14 -22.07 -10.72
C ILE A 325 -13.49 -21.83 -9.25
N PHE A 326 -12.74 -22.46 -8.34
CA PHE A 326 -12.92 -22.25 -6.91
C PHE A 326 -11.89 -21.25 -6.43
N TYR A 327 -12.36 -20.08 -6.02
CA TYR A 327 -11.49 -18.99 -5.59
C TYR A 327 -11.72 -18.81 -4.10
N GLN A 328 -10.62 -18.99 -3.35
CA GLN A 328 -10.61 -19.03 -1.91
C GLN A 328 -10.34 -17.63 -1.40
N ILE A 329 -11.13 -17.17 -0.45
CA ILE A 329 -10.88 -15.89 0.21
C ILE A 329 -10.91 -16.13 1.70
N ASP A 330 -9.82 -15.73 2.36
CA ASP A 330 -9.72 -15.77 3.82
C ASP A 330 -10.28 -14.45 4.39
N LEU A 331 -11.43 -14.46 5.02
CA LEU A 331 -12.02 -13.19 5.39
C LEU A 331 -11.52 -12.66 6.72
N SER A 332 -10.52 -13.31 7.29
CA SER A 332 -9.85 -12.75 8.44
C SER A 332 -8.83 -11.71 7.98
N GLU A 333 -8.61 -11.62 6.66
CA GLU A 333 -7.63 -10.71 6.09
C GLU A 333 -8.29 -9.45 5.46
N LEU A 334 -9.58 -9.28 5.70
CA LEU A 334 -10.36 -8.25 4.99
C LEU A 334 -10.28 -8.45 3.43
N LEU A 335 -10.92 -7.57 2.65
CA LEU A 335 -11.00 -7.83 1.20
C LEU A 335 -9.82 -7.23 0.47
N ASN A 336 -9.42 -7.87 -0.63
CA ASN A 336 -8.40 -7.30 -1.51
C ASN A 336 -9.00 -7.00 -2.88
N ASP A 337 -9.43 -5.77 -3.10
CA ASP A 337 -10.11 -5.42 -4.33
C ASP A 337 -9.33 -5.77 -5.58
N TYR A 338 -8.01 -5.59 -5.57
CA TYR A 338 -7.22 -5.95 -6.74
C TYR A 338 -7.31 -7.42 -7.08
N ALA A 339 -7.24 -8.28 -6.07
CA ALA A 339 -7.23 -9.70 -6.36
C ALA A 339 -8.61 -10.20 -6.70
N ILE A 340 -9.62 -9.70 -6.02
CA ILE A 340 -10.99 -10.04 -6.38
C ILE A 340 -11.26 -9.61 -7.81
N PHE A 341 -10.78 -8.43 -8.19
CA PHE A 341 -11.05 -7.97 -9.54
C PHE A 341 -10.33 -8.76 -10.63
N LYS A 342 -9.11 -9.23 -10.39
CA LYS A 342 -8.38 -9.95 -11.42
C LYS A 342 -9.09 -11.28 -11.72
N VAL A 343 -9.74 -11.87 -10.73
CA VAL A 343 -10.45 -13.11 -10.93
C VAL A 343 -11.76 -12.80 -11.64
N LEU A 344 -12.54 -11.87 -11.08
CA LEU A 344 -13.80 -11.42 -11.70
C LEU A 344 -13.60 -11.05 -13.16
N PHE A 345 -12.47 -10.42 -13.49
CA PHE A 345 -12.19 -10.00 -14.86
C PHE A 345 -11.90 -11.18 -15.75
N TYR A 346 -11.22 -12.19 -15.22
CA TYR A 346 -10.91 -13.39 -16.00
C TYR A 346 -12.20 -14.13 -16.32
N VAL A 347 -13.09 -14.18 -15.36
CA VAL A 347 -14.33 -14.90 -15.54
C VAL A 347 -15.28 -14.16 -16.48
N ALA A 348 -15.16 -12.84 -16.53
CA ALA A 348 -15.99 -12.07 -17.45
C ALA A 348 -15.56 -12.41 -18.87
N GLN A 349 -14.26 -12.39 -19.11
CA GLN A 349 -13.71 -12.61 -20.43
C GLN A 349 -13.99 -13.99 -20.98
N HIS A 350 -13.96 -15.03 -20.15
CA HIS A 350 -14.10 -16.40 -20.65
C HIS A 350 -15.43 -16.96 -20.26
N PRO A 351 -16.39 -16.97 -21.20
CA PRO A 351 -17.81 -17.17 -20.88
C PRO A 351 -18.09 -18.63 -20.60
N ASP A 352 -17.06 -19.46 -20.80
CA ASP A 352 -17.19 -20.88 -20.55
C ASP A 352 -16.78 -21.28 -19.13
N THR A 353 -16.68 -20.31 -18.24
CA THR A 353 -16.22 -20.57 -16.89
C THR A 353 -17.25 -20.14 -15.87
N GLU A 354 -17.31 -20.83 -14.75
CA GLU A 354 -18.15 -20.44 -13.65
C GLU A 354 -17.25 -20.19 -12.47
N LEU A 355 -17.70 -19.41 -11.51
CA LEU A 355 -16.84 -19.01 -10.40
C LEU A 355 -17.55 -19.27 -9.09
N VAL A 356 -16.95 -20.05 -8.21
CA VAL A 356 -17.43 -20.07 -6.82
C VAL A 356 -16.42 -19.33 -6.02
N ILE A 357 -16.87 -18.34 -5.25
CA ILE A 357 -15.97 -17.69 -4.33
C ILE A 357 -16.20 -18.30 -2.97
N GLY A 358 -15.24 -19.11 -2.55
CA GLY A 358 -15.30 -19.77 -1.24
C GLY A 358 -14.71 -18.91 -0.14
N VAL A 359 -15.53 -18.48 0.79
CA VAL A 359 -15.06 -17.60 1.84
C VAL A 359 -14.95 -18.40 3.12
N TYR A 360 -13.80 -18.38 3.78
CA TYR A 360 -13.73 -18.98 5.11
C TYR A 360 -13.28 -17.97 6.15
N ASN A 361 -13.51 -18.32 7.41
CA ASN A 361 -13.28 -17.40 8.51
C ASN A 361 -14.20 -16.23 8.36
N ALA A 362 -15.47 -16.49 8.07
CA ALA A 362 -16.37 -15.38 7.89
C ALA A 362 -17.65 -15.59 8.66
N TRP A 363 -18.18 -14.50 9.19
CA TRP A 363 -19.47 -14.50 9.85
C TRP A 363 -20.50 -14.04 8.86
N GLN A 364 -21.77 -14.18 9.19
CA GLN A 364 -22.86 -13.90 8.25
C GLN A 364 -22.69 -12.55 7.56
N GLU A 365 -22.35 -11.53 8.33
CA GLU A 365 -22.30 -10.19 7.78
C GLU A 365 -21.09 -9.97 6.88
N GLY A 366 -20.04 -10.74 7.08
CA GLY A 366 -18.85 -10.60 6.26
C GLY A 366 -19.07 -11.20 4.89
N ILE A 367 -19.93 -12.21 4.81
CA ILE A 367 -20.34 -12.75 3.53
C ILE A 367 -21.02 -11.68 2.70
N LYS A 368 -21.90 -10.90 3.32
CA LYS A 368 -22.56 -9.82 2.61
C LYS A 368 -21.53 -8.82 2.11
N GLN A 369 -20.43 -8.62 2.84
CA GLN A 369 -19.43 -7.66 2.38
C GLN A 369 -18.76 -8.12 1.09
N VAL A 370 -18.54 -9.42 0.99
CA VAL A 370 -17.95 -10.02 -0.18
C VAL A 370 -18.92 -9.90 -1.32
N GLU A 371 -20.18 -10.20 -1.04
CA GLU A 371 -21.23 -10.04 -2.03
C GLU A 371 -21.32 -8.60 -2.57
N ASN A 372 -21.37 -7.59 -1.73
CA ASN A 372 -21.44 -6.22 -2.21
C ASN A 372 -20.20 -5.79 -2.94
N LYS A 373 -19.05 -6.27 -2.51
CA LYS A 373 -17.86 -5.85 -3.20
C LYS A 373 -17.84 -6.45 -4.61
N VAL A 374 -18.33 -7.67 -4.77
CA VAL A 374 -18.39 -8.26 -6.08
C VAL A 374 -19.40 -7.53 -6.98
N GLU A 375 -20.59 -7.24 -6.44
CA GLU A 375 -21.62 -6.48 -7.15
C GLU A 375 -21.06 -5.17 -7.64
N GLU A 376 -20.46 -4.42 -6.71
CA GLU A 376 -19.83 -3.14 -6.99
C GLU A 376 -18.79 -3.20 -8.10
N LEU A 377 -17.82 -4.09 -7.95
CA LEU A 377 -16.74 -4.17 -8.92
C LEU A 377 -17.29 -4.49 -10.28
N ILE A 378 -18.24 -5.41 -10.32
CA ILE A 378 -18.87 -5.79 -11.58
C ILE A 378 -19.62 -4.60 -12.18
N SER A 379 -20.35 -3.88 -11.33
CA SER A 379 -21.13 -2.76 -11.80
C SER A 379 -20.28 -1.62 -12.36
N ASP A 380 -19.17 -1.32 -11.69
CA ASP A 380 -18.37 -0.17 -12.05
C ASP A 380 -17.46 -0.42 -13.24
N TYR A 381 -17.00 -1.65 -13.43
CA TYR A 381 -15.99 -1.89 -14.43
C TYR A 381 -16.37 -2.88 -15.53
N LEU A 382 -17.43 -3.66 -15.29
CA LEU A 382 -17.84 -4.73 -16.19
C LEU A 382 -19.33 -4.66 -16.51
N ASP A 383 -19.89 -5.73 -17.07
CA ASP A 383 -21.34 -5.75 -17.27
C ASP A 383 -21.93 -6.97 -16.62
N LEU A 384 -22.90 -6.79 -15.74
CA LEU A 384 -23.44 -7.95 -15.04
C LEU A 384 -24.10 -8.93 -16.01
N LYS A 385 -24.53 -8.43 -17.16
CA LYS A 385 -25.19 -9.26 -18.15
C LYS A 385 -24.25 -10.31 -18.69
N ASP A 386 -22.96 -10.05 -18.66
CA ASP A 386 -22.03 -11.05 -19.14
C ASP A 386 -21.80 -12.15 -18.12
N PHE A 387 -22.40 -11.99 -16.96
CA PHE A 387 -22.30 -13.02 -15.95
C PHE A 387 -23.55 -13.91 -15.85
N ILE A 388 -24.51 -13.77 -16.76
CA ILE A 388 -25.71 -14.59 -16.75
C ILE A 388 -25.35 -15.93 -17.34
N LYS A 389 -25.82 -17.03 -16.75
CA LYS A 389 -25.37 -18.36 -17.21
C LYS A 389 -26.11 -18.83 -18.44
N LYS A 390 -25.40 -19.56 -19.32
CA LYS A 390 -25.97 -20.10 -20.56
C LYS A 390 -27.35 -20.71 -20.33
N SER A 391 -27.42 -21.64 -19.38
CA SER A 391 -28.67 -22.31 -19.00
C SER A 391 -29.83 -21.34 -18.87
N PHE A 392 -29.53 -20.12 -18.45
CA PHE A 392 -30.58 -19.16 -18.19
C PHE A 392 -30.84 -18.19 -19.35
N LYS A 393 -29.81 -17.82 -20.12
CA LYS A 393 -29.97 -16.83 -21.21
C LYS A 393 -30.23 -17.44 -22.60
N ASN A 394 -29.92 -18.73 -22.74
CA ASN A 394 -30.28 -19.52 -23.93
C ASN A 394 -31.73 -20.02 -23.86
N ASN A 395 -32.42 -19.65 -22.78
CA ASN A 395 -33.84 -19.95 -22.55
C ASN A 395 -34.67 -18.72 -22.15
N GLN A 396 -34.11 -17.53 -22.32
CA GLN A 396 -34.78 -16.26 -21.96
C GLN A 396 -34.42 -15.12 -22.94
N LEU A 407 -33.43 -14.70 -12.25
CA LEU A 407 -32.14 -14.65 -12.97
C LEU A 407 -31.05 -15.46 -12.26
N GLU A 408 -30.09 -15.99 -13.03
CA GLU A 408 -29.02 -16.85 -12.49
C GLU A 408 -27.66 -16.56 -13.10
N TYR A 409 -26.63 -16.47 -12.26
CA TYR A 409 -25.31 -16.03 -12.72
C TYR A 409 -24.17 -17.05 -12.64
N ARG A 410 -23.14 -16.84 -13.47
CA ARG A 410 -21.94 -17.66 -13.49
C ARG A 410 -21.03 -17.56 -12.26
N PHE A 411 -21.42 -16.77 -11.27
CA PHE A 411 -20.61 -16.63 -10.09
C PHE A 411 -21.54 -16.68 -8.89
N ARG A 412 -21.08 -17.28 -7.80
CA ARG A 412 -21.78 -17.16 -6.53
C ARG A 412 -20.80 -17.31 -5.39
N ILE A 413 -21.26 -16.92 -4.22
CA ILE A 413 -20.42 -16.80 -3.05
C ILE A 413 -20.90 -17.76 -2.00
N ARG A 414 -20.04 -18.70 -1.64
CA ARG A 414 -20.32 -19.79 -0.69
C ARG A 414 -19.51 -19.61 0.58
N ASN A 415 -20.17 -19.75 1.72
CA ASN A 415 -19.53 -19.77 3.03
C ASN A 415 -18.94 -21.15 3.29
N ILE A 416 -17.62 -21.28 3.28
CA ILE A 416 -17.02 -22.57 3.61
C ILE A 416 -16.82 -22.71 5.12
N THR A 417 -17.77 -23.34 5.79
CA THR A 417 -17.70 -23.61 7.23
C THR A 417 -17.01 -24.95 7.61
N ASP A 418 -17.53 -26.07 7.06
CA ASP A 418 -16.98 -27.44 7.15
C ASP A 418 -15.76 -27.67 6.27
N GLU A 419 -15.12 -28.84 6.41
CA GLU A 419 -14.26 -29.38 5.36
C GLU A 419 -15.15 -30.12 4.38
N LEU A 420 -16.23 -30.70 4.88
CA LEU A 420 -17.19 -31.39 4.04
C LEU A 420 -17.74 -30.46 2.95
N SER A 421 -18.04 -29.22 3.34
CA SER A 421 -18.48 -28.16 2.43
C SER A 421 -17.55 -28.06 1.25
N LEU A 422 -16.27 -27.92 1.54
CA LEU A 422 -15.24 -27.80 0.53
C LEU A 422 -15.13 -29.07 -0.29
N ILE A 423 -15.26 -30.23 0.34
CA ILE A 423 -15.15 -31.47 -0.42
C ILE A 423 -16.24 -31.52 -1.48
N GLN A 424 -17.47 -31.22 -1.10
CA GLN A 424 -18.55 -31.12 -2.08
C GLN A 424 -18.24 -30.14 -3.21
N GLU A 425 -17.95 -28.90 -2.87
CA GLU A 425 -17.59 -27.90 -3.87
C GLU A 425 -16.49 -28.36 -4.83
N LEU A 426 -15.52 -29.11 -4.34
CA LEU A 426 -14.39 -29.49 -5.19
C LEU A 426 -14.69 -30.60 -6.21
N ASP A 427 -15.85 -31.26 -6.08
CA ASP A 427 -16.11 -32.46 -6.87
C ASP A 427 -16.10 -32.19 -8.38
N ASP A 428 -16.82 -31.15 -8.79
CA ASP A 428 -16.84 -30.73 -10.18
C ASP A 428 -15.99 -29.48 -10.48
N THR A 429 -15.08 -29.11 -9.58
CA THR A 429 -14.24 -27.93 -9.77
C THR A 429 -13.06 -28.23 -10.66
N ARG A 430 -12.71 -27.32 -11.57
CA ARG A 430 -11.58 -27.56 -12.45
C ARG A 430 -10.28 -26.85 -12.08
N LEU A 431 -10.36 -25.80 -11.27
CA LEU A 431 -9.18 -25.03 -10.97
C LEU A 431 -9.38 -24.31 -9.65
N ILE A 432 -8.35 -24.34 -8.81
CA ILE A 432 -8.40 -23.70 -7.51
C ILE A 432 -7.50 -22.49 -7.51
N ILE A 433 -8.03 -21.35 -7.10
CA ILE A 433 -7.21 -20.15 -6.95
C ILE A 433 -7.22 -19.68 -5.50
N ASP A 434 -6.03 -19.51 -4.93
CA ASP A 434 -5.83 -18.94 -3.60
C ASP A 434 -4.79 -17.84 -3.67
N LEU A 435 -5.20 -16.59 -3.48
CA LEU A 435 -4.28 -15.48 -3.61
C LEU A 435 -3.92 -14.85 -2.27
N SER A 436 -4.09 -15.60 -1.18
CA SER A 436 -3.72 -15.13 0.16
C SER A 436 -2.21 -15.23 0.35
N GLN A 437 -1.67 -14.62 1.40
CA GLN A 437 -0.23 -14.80 1.63
C GLN A 437 0.01 -16.13 2.32
N GLN A 438 -0.93 -16.53 3.18
CA GLN A 438 -0.97 -17.90 3.67
C GLN A 438 -2.21 -18.64 3.18
N PRO A 439 -2.03 -19.45 2.13
CA PRO A 439 -3.14 -20.18 1.48
C PRO A 439 -3.71 -21.17 2.45
N ASN A 440 -5.03 -21.24 2.56
CA ASN A 440 -5.68 -22.22 3.41
C ASN A 440 -5.05 -23.59 3.20
N LEU A 441 -4.41 -24.10 4.25
CA LEU A 441 -3.73 -25.37 4.20
C LEU A 441 -4.67 -26.53 3.85
N TYR A 442 -5.86 -26.61 4.46
CA TYR A 442 -6.72 -27.74 4.10
C TYR A 442 -7.10 -27.76 2.64
N THR A 443 -7.34 -26.59 2.05
CA THR A 443 -7.61 -26.52 0.62
C THR A 443 -6.44 -27.03 -0.26
N GLN A 444 -5.20 -26.81 0.16
CA GLN A 444 -4.07 -27.36 -0.59
C GLN A 444 -4.06 -28.89 -0.52
N ILE A 445 -4.34 -29.41 0.66
CA ILE A 445 -4.40 -30.85 0.86
C ILE A 445 -5.53 -31.42 0.05
N ALA A 446 -6.71 -30.79 0.14
CA ALA A 446 -7.90 -31.24 -0.57
C ALA A 446 -7.76 -31.10 -2.07
N GLY A 447 -7.01 -30.09 -2.50
CA GLY A 447 -6.78 -29.86 -3.90
C GLY A 447 -5.97 -30.96 -4.55
N ILE A 448 -4.84 -31.29 -3.96
CA ILE A 448 -4.02 -32.33 -4.56
C ILE A 448 -4.69 -33.68 -4.43
N SER A 449 -5.49 -33.87 -3.39
CA SER A 449 -6.20 -35.12 -3.16
C SER A 449 -7.24 -35.42 -4.20
N ALA A 450 -7.87 -34.38 -4.74
CA ALA A 450 -8.96 -34.57 -5.67
C ALA A 450 -8.43 -34.40 -7.08
N GLY A 451 -7.16 -34.00 -7.16
CA GLY A 451 -6.42 -33.94 -8.41
C GLY A 451 -6.77 -32.75 -9.26
N ILE A 452 -6.96 -31.59 -8.61
CA ILE A 452 -7.30 -30.32 -9.25
C ILE A 452 -6.10 -29.40 -9.15
N PRO A 453 -5.79 -28.63 -10.21
CA PRO A 453 -4.57 -27.82 -10.14
C PRO A 453 -4.78 -26.60 -9.26
N GLN A 454 -3.72 -25.98 -8.76
CA GLN A 454 -3.89 -24.88 -7.84
C GLN A 454 -2.96 -23.73 -8.17
N ILE A 455 -3.49 -22.53 -8.09
CA ILE A 455 -2.69 -21.34 -8.27
C ILE A 455 -2.48 -20.64 -6.91
N ASN A 456 -1.23 -20.56 -6.45
CA ASN A 456 -0.90 -19.84 -5.22
C ASN A 456 0.18 -18.78 -5.47
N LEU A 457 0.38 -17.94 -4.47
CA LEU A 457 1.35 -16.86 -4.52
C LEU A 457 2.68 -17.22 -3.83
N VAL A 458 2.63 -18.28 -3.02
CA VAL A 458 3.78 -18.82 -2.30
C VAL A 458 3.92 -20.33 -2.56
N ALA A 459 5.16 -20.82 -2.58
CA ALA A 459 5.40 -22.24 -2.84
C ALA A 459 5.01 -23.12 -1.64
N SER A 460 4.89 -24.42 -1.90
CA SER A 460 4.39 -25.36 -0.92
C SER A 460 4.80 -26.80 -1.26
N ASP A 461 4.38 -27.74 -0.41
CA ASP A 461 4.72 -29.14 -0.60
C ASP A 461 3.63 -29.87 -1.35
N TYR A 462 2.56 -29.15 -1.65
CA TYR A 462 1.42 -29.79 -2.30
C TYR A 462 1.32 -29.31 -3.74
N VAL A 463 1.96 -28.20 -4.04
CA VAL A 463 1.88 -27.64 -5.38
C VAL A 463 3.25 -27.46 -6.03
N THR A 464 3.47 -28.21 -7.10
CA THR A 464 4.74 -28.16 -7.83
C THR A 464 4.57 -27.33 -9.10
N HIS A 465 5.38 -26.29 -9.22
CA HIS A 465 5.24 -25.34 -10.33
C HIS A 465 5.26 -25.96 -11.72
N LEU A 466 4.19 -25.72 -12.47
CA LEU A 466 4.02 -26.19 -13.85
C LEU A 466 3.78 -27.69 -13.97
N GLN A 467 3.57 -28.34 -12.83
CA GLN A 467 3.18 -29.74 -12.79
C GLN A 467 1.79 -29.87 -12.17
N ASN A 468 1.70 -29.39 -10.94
CA ASN A 468 0.54 -29.51 -10.07
C ASN A 468 -0.34 -28.29 -10.09
N GLY A 469 0.24 -27.15 -10.50
CA GLY A 469 -0.39 -25.86 -10.35
C GLY A 469 0.60 -24.79 -10.76
N TYR A 470 0.29 -23.55 -10.45
CA TYR A 470 1.16 -22.48 -10.89
C TYR A 470 1.45 -21.65 -9.66
N ILE A 471 2.71 -21.26 -9.50
CA ILE A 471 3.06 -20.38 -8.41
C ILE A 471 3.34 -19.00 -8.96
N LEU A 472 2.40 -18.09 -8.73
CA LEU A 472 2.44 -16.75 -9.32
C LEU A 472 3.50 -15.86 -8.70
N ASP A 473 4.14 -15.02 -9.52
CA ASP A 473 4.97 -13.97 -8.94
C ASP A 473 4.15 -12.86 -8.31
N SER A 474 3.21 -12.31 -9.08
CA SER A 474 2.24 -11.34 -8.56
C SER A 474 0.90 -11.68 -9.15
N ILE A 475 -0.16 -11.11 -8.62
CA ILE A 475 -1.46 -11.42 -9.16
C ILE A 475 -1.64 -10.80 -10.55
N SER A 476 -0.69 -9.98 -10.98
CA SER A 476 -0.74 -9.43 -12.33
C SER A 476 -0.72 -10.55 -13.35
N GLN A 477 0.00 -11.62 -13.04
CA GLN A 477 0.10 -12.72 -13.97
C GLN A 477 -1.02 -13.77 -13.91
N LEU A 478 -2.01 -13.54 -13.06
CA LEU A 478 -3.10 -14.50 -12.86
C LEU A 478 -3.64 -15.15 -14.13
N ALA A 479 -3.80 -14.42 -15.22
CA ALA A 479 -4.33 -15.03 -16.45
C ALA A 479 -3.38 -16.04 -17.07
N VAL A 480 -2.09 -15.78 -17.03
CA VAL A 480 -1.13 -16.75 -17.58
C VAL A 480 -1.24 -18.08 -16.85
N ALA A 481 -1.37 -18.02 -15.53
CA ALA A 481 -1.58 -19.20 -14.73
C ALA A 481 -2.87 -19.87 -15.11
N ALA A 482 -3.96 -19.13 -14.99
CA ALA A 482 -5.29 -19.64 -15.28
C ALA A 482 -5.36 -20.34 -16.63
N ASP A 483 -4.73 -19.73 -17.64
CA ASP A 483 -4.78 -20.26 -18.98
C ASP A 483 -4.05 -21.58 -19.04
N TYR A 484 -2.87 -21.61 -18.44
CA TYR A 484 -2.05 -22.82 -18.45
C TYR A 484 -2.85 -24.09 -18.19
N TYR A 485 -3.85 -24.02 -17.32
CA TYR A 485 -4.68 -25.20 -17.05
C TYR A 485 -6.07 -25.14 -17.64
N LEU A 486 -6.58 -23.95 -17.91
CA LEU A 486 -7.92 -23.87 -18.44
C LEU A 486 -7.96 -24.02 -19.97
N GLN A 487 -6.83 -23.79 -20.61
CA GLN A 487 -6.77 -23.79 -22.06
C GLN A 487 -6.27 -25.11 -22.61
N GLY A 488 -7.19 -25.91 -23.14
CA GLY A 488 -6.79 -27.19 -23.71
C GLY A 488 -6.98 -28.27 -22.69
N LEU A 489 -6.51 -29.48 -22.99
CA LEU A 489 -6.65 -30.57 -22.05
C LEU A 489 -5.31 -31.11 -21.59
N LYS A 490 -4.28 -30.89 -22.40
CA LYS A 490 -2.99 -31.50 -22.14
C LYS A 490 -2.44 -31.20 -20.74
N ASN A 491 -2.25 -29.93 -20.41
CA ASN A 491 -1.65 -29.58 -19.13
C ASN A 491 -2.47 -29.99 -17.93
N TRP A 492 -3.77 -29.79 -18.03
CA TRP A 492 -4.65 -30.15 -16.93
C TRP A 492 -4.56 -31.63 -16.65
N ASN A 493 -4.37 -32.42 -17.70
CA ASN A 493 -4.21 -33.87 -17.58
C ASN A 493 -2.83 -34.31 -17.10
N GLN A 494 -1.77 -33.67 -17.57
CA GLN A 494 -0.42 -34.02 -17.07
C GLN A 494 -0.32 -33.75 -15.58
N ALA A 495 -1.32 -33.05 -15.06
CA ALA A 495 -1.37 -32.59 -13.69
C ALA A 495 -2.18 -33.54 -12.85
N LEU A 496 -3.15 -34.19 -13.47
CA LEU A 496 -3.94 -35.22 -12.80
C LEU A 496 -3.06 -36.45 -12.64
N ILE A 497 -2.20 -36.66 -13.63
CA ILE A 497 -1.26 -37.75 -13.61
C ILE A 497 -0.30 -37.51 -12.45
N TYR A 498 0.35 -36.36 -12.45
CA TYR A 498 1.32 -36.04 -11.41
C TYR A 498 0.69 -36.17 -10.03
N SER A 499 -0.52 -35.66 -9.88
CA SER A 499 -1.20 -35.70 -8.58
C SER A 499 -1.56 -37.10 -8.16
N ILE A 500 -1.95 -37.93 -9.11
CA ILE A 500 -2.33 -39.31 -8.82
C ILE A 500 -1.15 -40.17 -8.37
N GLU A 501 0.00 -40.04 -9.03
CA GLU A 501 1.15 -40.83 -8.65
C GLU A 501 1.86 -40.17 -7.47
N LYS A 502 1.15 -39.30 -6.77
CA LYS A 502 1.68 -38.68 -5.57
C LYS A 502 0.70 -39.02 -4.46
N ILE A 503 -0.55 -39.23 -4.83
CA ILE A 503 -1.53 -39.80 -3.91
C ILE A 503 -1.11 -41.24 -3.68
N LYS A 504 -0.65 -41.91 -4.75
CA LYS A 504 -0.22 -43.32 -4.69
C LYS A 504 0.91 -43.59 -3.68
N LEU A 505 2.07 -42.97 -3.88
CA LEU A 505 3.20 -43.24 -2.99
C LEU A 505 3.12 -42.49 -1.64
N ASN A 506 1.91 -42.23 -1.18
CA ASN A 506 1.73 -41.64 0.14
C ASN A 506 0.48 -42.19 0.82
N THR A 507 -0.20 -43.15 0.19
CA THR A 507 -1.35 -43.78 0.83
C THR A 507 -1.52 -45.26 0.50
N GLY A 508 -0.46 -45.91 0.07
CA GLY A 508 -0.53 -47.33 -0.26
C GLY A 508 -0.27 -48.23 0.93
N HIS A 509 0.01 -49.51 0.68
CA HIS A 509 0.62 -50.37 1.70
C HIS A 509 2.06 -49.88 1.72
N GLN A 510 2.50 -49.42 0.56
CA GLN A 510 3.85 -48.91 0.34
C GLN A 510 4.39 -48.02 1.47
N VAL A 511 3.50 -47.25 2.10
CA VAL A 511 3.90 -46.35 3.16
C VAL A 511 4.25 -47.14 4.41
N ILE A 512 3.43 -48.12 4.80
CA ILE A 512 3.72 -48.91 6.00
C ILE A 512 4.94 -49.80 5.80
N LYS A 513 5.01 -50.41 4.62
CA LYS A 513 6.24 -51.01 4.14
C LYS A 513 7.45 -50.12 4.45
N ARG A 514 7.45 -48.89 3.92
CA ARG A 514 8.55 -47.95 4.14
C ARG A 514 8.82 -47.70 5.62
N TRP A 515 7.80 -47.86 6.47
CA TRP A 515 7.96 -47.67 7.91
C TRP A 515 8.72 -48.82 8.53
N GLU A 516 8.32 -50.04 8.15
CA GLU A 516 8.95 -51.23 8.66
C GLU A 516 10.41 -51.27 8.21
N LYS A 517 10.66 -51.00 6.92
CA LYS A 517 12.01 -50.86 6.40
C LYS A 517 12.82 -49.78 7.15
N TRP A 518 12.15 -48.71 7.55
CA TRP A 518 12.80 -47.59 8.25
C TRP A 518 13.07 -47.94 9.70
N LEU A 519 12.32 -48.90 10.23
CA LEU A 519 12.51 -49.34 11.60
C LEU A 519 13.71 -50.28 11.67
N LYS A 520 13.81 -51.17 10.69
CA LYS A 520 14.98 -52.04 10.55
C LYS A 520 16.25 -51.20 10.33
N GLU A 521 16.17 -50.20 9.47
CA GLU A 521 17.30 -49.30 9.18
C GLU A 521 17.73 -48.47 10.40
N ALA A 522 16.90 -48.41 11.43
CA ALA A 522 17.20 -47.62 12.63
C ALA A 522 17.94 -48.46 13.67
N ILE A 523 17.75 -49.78 13.56
CA ILE A 523 18.48 -50.76 14.36
C ILE A 523 19.91 -50.90 13.83
N ASP A 524 20.03 -51.05 12.51
CA ASP A 524 21.33 -51.22 11.85
C ASP A 524 22.23 -50.00 12.03
N GLU A 525 21.68 -48.93 12.59
CA GLU A 525 22.43 -47.72 12.88
C GLU A 525 22.89 -47.75 14.32
N LYS A 526 22.14 -48.47 15.16
CA LYS A 526 22.46 -48.60 16.58
C LYS A 526 23.68 -49.50 16.74
N VAL A 527 23.71 -50.59 15.98
CA VAL A 527 24.85 -51.49 15.98
C VAL A 527 26.16 -50.75 15.64
N ASP A 528 26.06 -49.61 14.95
CA ASP A 528 27.24 -48.80 14.67
C ASP A 528 27.62 -47.87 15.82
N LYS A 529 28.65 -48.28 16.56
CA LYS A 529 29.16 -47.53 17.71
C LYS A 529 30.61 -47.94 18.03
N LYS B 2 -34.01 -37.21 32.49
CA LYS B 2 -34.07 -38.67 32.72
C LYS B 2 -33.65 -39.46 31.47
N ILE B 3 -33.88 -38.84 30.31
CA ILE B 3 -33.39 -39.30 29.01
C ILE B 3 -34.15 -40.46 28.34
N GLN B 4 -34.83 -41.31 29.11
CA GLN B 4 -35.75 -42.30 28.51
C GLN B 4 -35.02 -43.27 27.54
N LYS B 5 -34.24 -44.19 28.10
CA LYS B 5 -33.44 -45.08 27.26
C LYS B 5 -34.30 -46.14 26.56
N HIS B 6 -33.99 -46.39 25.30
CA HIS B 6 -34.57 -47.52 24.55
C HIS B 6 -33.70 -47.70 23.33
N LYS B 7 -33.65 -48.90 22.78
CA LYS B 7 -32.76 -49.13 21.65
C LYS B 7 -33.57 -49.22 20.36
N GLU B 8 -34.89 -49.14 20.51
CA GLU B 8 -35.81 -49.16 19.38
C GLU B 8 -35.94 -47.78 18.73
N ILE B 9 -36.31 -47.75 17.47
CA ILE B 9 -36.48 -46.49 16.74
C ILE B 9 -37.95 -46.18 16.50
N TYR B 10 -38.48 -45.16 17.18
CA TYR B 10 -39.89 -44.78 17.09
C TYR B 10 -40.21 -43.89 15.90
N TRP B 11 -41.45 -43.43 15.83
CA TRP B 11 -41.91 -42.67 14.67
C TRP B 11 -41.40 -41.23 14.67
N GLY B 12 -41.78 -40.46 15.68
CA GLY B 12 -41.38 -39.06 15.78
C GLY B 12 -41.89 -38.16 14.65
N SER B 32 -52.12 -36.22 6.85
CA SER B 32 -51.81 -36.16 8.28
C SER B 32 -52.97 -36.64 9.17
N THR B 33 -53.43 -37.87 8.91
CA THR B 33 -54.34 -38.57 9.81
C THR B 33 -53.49 -39.37 10.81
N ILE B 34 -52.18 -39.17 10.72
CA ILE B 34 -51.20 -39.77 11.61
C ILE B 34 -51.47 -39.39 13.08
N ILE B 35 -52.06 -40.33 13.81
CA ILE B 35 -52.46 -40.14 15.22
C ILE B 35 -51.48 -40.79 16.19
N PHE B 36 -50.97 -40.01 17.14
CA PHE B 36 -49.99 -40.51 18.10
C PHE B 36 -50.66 -40.96 19.39
N HIS B 37 -51.20 -42.17 19.38
CA HIS B 37 -51.85 -42.73 20.57
C HIS B 37 -50.82 -43.07 21.67
N SER B 38 -49.55 -43.14 21.29
CA SER B 38 -48.44 -43.36 22.23
C SER B 38 -47.10 -43.04 21.56
N PRO B 39 -46.05 -42.83 22.37
CA PRO B 39 -44.70 -42.75 21.77
C PRO B 39 -44.36 -44.02 20.98
N ASP B 40 -44.78 -45.17 21.52
CA ASP B 40 -44.47 -46.46 20.91
C ASP B 40 -45.60 -47.05 20.05
N GLN B 41 -46.66 -46.27 19.81
CA GLN B 41 -47.66 -46.68 18.83
C GLN B 41 -48.35 -45.52 18.09
N VAL B 42 -48.40 -45.64 16.77
CA VAL B 42 -48.89 -44.59 15.89
C VAL B 42 -49.94 -45.16 14.90
N TYR B 43 -51.10 -44.53 14.81
CA TYR B 43 -52.16 -44.97 13.88
C TYR B 43 -52.09 -44.19 12.58
N PHE B 44 -52.56 -44.79 11.49
CA PHE B 44 -52.55 -44.10 10.22
C PHE B 44 -53.67 -44.57 9.30
N GLU B 45 -54.32 -43.63 8.61
CA GLU B 45 -55.29 -43.93 7.56
C GLU B 45 -54.87 -43.23 6.27
N ASN B 46 -55.06 -43.89 5.14
CA ASN B 46 -54.74 -43.30 3.84
C ASN B 46 -55.69 -42.16 3.44
N LEU B 48 -54.75 -40.70 -0.14
CA LEU B 48 -53.82 -39.72 0.47
C LEU B 48 -52.36 -39.96 0.10
N ILE B 49 -51.99 -41.22 -0.04
CA ILE B 49 -50.64 -41.59 -0.45
C ILE B 49 -50.69 -42.61 -1.57
N ALA B 50 -50.18 -42.20 -2.74
CA ALA B 50 -50.18 -43.05 -3.94
C ALA B 50 -49.40 -44.34 -3.72
N SER B 51 -49.83 -45.41 -4.36
CA SER B 51 -49.05 -46.64 -4.37
C SER B 51 -47.69 -46.36 -5.00
N GLY B 52 -46.62 -46.69 -4.28
CA GLY B 52 -45.27 -46.43 -4.76
C GLY B 52 -44.58 -45.25 -4.08
N GLN B 53 -45.37 -44.41 -3.41
CA GLN B 53 -44.86 -43.21 -2.74
C GLN B 53 -44.41 -43.47 -1.30
N THR B 54 -43.87 -42.44 -0.67
CA THR B 54 -43.32 -42.59 0.66
C THR B 54 -44.30 -42.18 1.74
N ILE B 55 -44.51 -43.03 2.73
CA ILE B 55 -45.37 -42.71 3.86
C ILE B 55 -44.58 -42.04 4.98
N HIS B 56 -43.30 -42.38 5.08
CA HIS B 56 -42.44 -41.85 6.13
C HIS B 56 -40.99 -42.14 5.81
N GLU B 57 -40.09 -41.39 6.43
CA GLU B 57 -38.65 -41.53 6.16
C GLU B 57 -37.82 -41.29 7.42
N TRP B 58 -36.81 -42.13 7.63
CA TRP B 58 -35.83 -41.91 8.69
C TRP B 58 -34.44 -41.76 8.05
N SER B 59 -33.57 -40.95 8.67
CA SER B 59 -32.26 -40.68 8.10
C SER B 59 -31.18 -40.69 9.18
N SER B 60 -29.95 -41.05 8.81
CA SER B 60 -28.84 -41.02 9.78
C SER B 60 -28.06 -39.69 9.71
N SER B 61 -28.67 -38.66 9.12
CA SER B 61 -27.98 -37.41 8.81
C SER B 61 -28.97 -36.25 8.59
N TRP B 62 -28.46 -35.02 8.72
CA TRP B 62 -29.22 -33.80 8.45
C TRP B 62 -29.29 -33.50 6.95
N ASN B 63 -30.49 -33.26 6.43
CA ASN B 63 -30.66 -32.93 5.00
C ASN B 63 -29.95 -31.61 4.64
N TYR B 64 -30.09 -30.64 5.56
CA TYR B 64 -29.37 -29.37 5.53
C TYR B 64 -29.21 -28.87 6.99
N GLN B 65 -28.16 -28.07 7.24
CA GLN B 65 -27.83 -27.59 8.59
C GLN B 65 -28.98 -27.01 9.44
N GLY B 66 -29.74 -26.08 8.89
CA GLY B 66 -30.82 -25.46 9.64
C GLY B 66 -31.94 -26.41 10.03
N ASP B 67 -32.15 -27.44 9.19
CA ASP B 67 -33.29 -28.35 9.24
C ASP B 67 -33.74 -28.77 10.66
N ARG B 68 -35.05 -28.74 10.88
CA ARG B 68 -35.61 -29.20 12.15
C ARG B 68 -35.94 -30.71 12.09
N GLN B 69 -35.61 -31.33 10.95
CA GLN B 69 -35.67 -32.79 10.79
C GLN B 69 -34.33 -33.42 11.21
N VAL B 70 -34.27 -33.81 12.48
CA VAL B 70 -33.06 -34.35 13.11
C VAL B 70 -32.92 -35.86 12.87
N PRO B 71 -31.67 -36.34 12.66
CA PRO B 71 -31.41 -37.77 12.43
C PRO B 71 -32.03 -38.69 13.49
N SER B 72 -32.46 -39.88 13.08
CA SER B 72 -33.08 -40.84 13.99
C SER B 72 -32.26 -42.11 14.06
N LEU B 73 -31.66 -42.47 12.92
CA LEU B 73 -30.94 -43.72 12.76
C LEU B 73 -29.47 -43.65 13.18
N PRO B 74 -28.97 -44.70 13.83
CA PRO B 74 -27.63 -44.68 14.43
C PRO B 74 -26.55 -44.84 13.36
N LEU B 75 -25.33 -44.39 13.67
CA LEU B 75 -24.20 -44.53 12.78
C LEU B 75 -23.91 -46.01 12.59
N LEU B 76 -23.58 -46.42 11.37
CA LEU B 76 -23.28 -47.81 11.06
C LEU B 76 -21.82 -47.98 10.66
N LYS B 77 -21.30 -49.20 10.74
CA LYS B 77 -19.91 -49.50 10.39
C LYS B 77 -19.82 -50.15 9.01
N ARG B 78 -18.84 -49.75 8.22
CA ARG B 78 -18.76 -50.22 6.86
C ARG B 78 -18.30 -51.65 6.77
N GLY B 79 -18.87 -52.39 5.81
CA GLY B 79 -18.57 -53.81 5.65
C GLY B 79 -19.35 -54.73 6.59
N ARG B 80 -19.87 -54.19 7.69
CA ARG B 80 -20.58 -55.03 8.66
C ARG B 80 -22.02 -55.35 8.25
N SER B 81 -22.67 -56.26 8.96
CA SER B 81 -23.97 -56.71 8.51
C SER B 81 -25.00 -56.56 9.60
N TYR B 82 -26.22 -56.17 9.22
CA TYR B 82 -27.21 -55.74 10.21
C TYR B 82 -28.60 -56.26 9.89
N SER B 83 -29.47 -56.21 10.89
CA SER B 83 -30.84 -56.65 10.68
C SER B 83 -31.80 -55.50 10.93
N LEU B 84 -32.56 -55.15 9.90
CA LEU B 84 -33.57 -54.11 9.99
C LEU B 84 -34.94 -54.78 10.16
N THR B 85 -35.66 -54.39 11.22
CA THR B 85 -36.88 -55.06 11.61
C THR B 85 -38.06 -54.10 11.80
N ARG B 86 -39.17 -54.34 11.09
CA ARG B 86 -40.41 -53.58 11.31
C ARG B 86 -41.23 -54.23 12.42
N ASP B 87 -41.83 -53.42 13.26
CA ASP B 87 -42.76 -53.93 14.26
C ASP B 87 -44.06 -53.18 14.08
N THR B 89 -48.29 -53.61 11.98
CA THR B 89 -49.25 -54.41 11.24
C THR B 89 -50.06 -53.51 10.31
N SER B 90 -50.14 -53.89 9.04
CA SER B 90 -50.84 -53.10 8.04
C SER B 90 -52.18 -53.76 7.71
N TYR B 91 -53.26 -53.00 7.84
CA TYR B 91 -54.61 -53.55 7.65
C TYR B 91 -54.81 -54.30 6.33
N PRO B 92 -54.34 -53.74 5.21
CA PRO B 92 -54.44 -54.61 4.03
C PRO B 92 -53.23 -55.56 3.93
N SER B 93 -52.83 -56.11 5.07
CA SER B 93 -51.79 -57.14 5.16
C SER B 93 -50.45 -56.68 4.59
N GLU B 94 -49.95 -57.43 3.61
CA GLU B 94 -48.65 -57.14 2.99
C GLU B 94 -48.79 -55.96 2.01
N SER B 95 -48.93 -54.76 2.58
CA SER B 95 -49.18 -53.54 1.80
C SER B 95 -48.05 -52.51 1.89
N VAL B 96 -47.52 -52.30 3.10
CA VAL B 96 -46.42 -51.35 3.31
C VAL B 96 -45.06 -51.99 3.05
N PHE B 97 -44.30 -51.44 2.10
CA PHE B 97 -42.92 -51.89 1.86
C PHE B 97 -41.89 -51.15 2.70
N LEU B 98 -40.65 -51.62 2.69
CA LEU B 98 -39.61 -51.05 3.52
C LEU B 98 -38.35 -50.83 2.70
N LYS B 99 -38.15 -49.61 2.21
CA LYS B 99 -36.98 -49.31 1.37
C LYS B 99 -35.78 -48.85 2.20
N LEU B 100 -34.59 -49.22 1.75
CA LEU B 100 -33.37 -48.87 2.44
C LEU B 100 -32.39 -48.27 1.45
N ILE B 101 -31.99 -47.01 1.66
CA ILE B 101 -31.07 -46.37 0.72
C ILE B 101 -29.74 -46.00 1.37
N PHE B 102 -28.65 -46.24 0.64
CA PHE B 102 -27.32 -45.85 1.10
C PHE B 102 -26.79 -44.75 0.21
N PHE B 103 -26.35 -43.66 0.81
CA PHE B 103 -25.81 -42.53 0.07
C PHE B 103 -24.36 -42.33 0.40
N ASP B 104 -23.61 -41.78 -0.54
CA ASP B 104 -22.21 -41.47 -0.25
C ASP B 104 -22.02 -40.07 0.36
N ARG B 105 -20.78 -39.61 0.33
CA ARG B 105 -20.41 -38.35 0.98
C ARG B 105 -20.88 -37.18 0.16
N TYR B 106 -21.09 -37.44 -1.13
CA TYR B 106 -21.51 -36.42 -2.06
C TYR B 106 -23.04 -36.34 -2.21
N ASN B 107 -23.73 -37.12 -1.40
CA ASN B 107 -25.19 -37.29 -1.43
C ASN B 107 -25.78 -38.09 -2.60
N ARG B 108 -24.91 -38.59 -3.47
CA ARG B 108 -25.31 -39.52 -4.51
C ARG B 108 -25.63 -40.90 -3.93
N GLU B 109 -26.71 -41.51 -4.40
CA GLU B 109 -27.05 -42.89 -4.03
C GLU B 109 -25.93 -43.89 -4.28
N VAL B 110 -26.00 -45.02 -3.61
CA VAL B 110 -25.00 -46.07 -3.75
C VAL B 110 -25.70 -47.36 -4.11
N SER B 111 -26.92 -47.51 -3.59
CA SER B 111 -27.58 -48.81 -3.53
C SER B 111 -28.91 -48.63 -2.83
N ASN B 112 -29.88 -49.48 -3.16
CA ASN B 112 -31.17 -49.46 -2.49
C ASN B 112 -31.81 -50.83 -2.43
N HIS B 113 -32.30 -51.19 -1.25
CA HIS B 113 -32.95 -52.48 -1.06
C HIS B 113 -34.39 -52.26 -0.59
N VAL B 114 -35.31 -52.99 -1.20
CA VAL B 114 -36.70 -52.95 -0.78
C VAL B 114 -37.08 -54.33 -0.23
N GLU B 115 -37.91 -54.37 0.80
CA GLU B 115 -38.31 -55.63 1.44
C GLU B 115 -39.80 -55.70 1.75
N ARG B 116 -40.47 -56.74 1.22
CA ARG B 116 -41.89 -56.90 1.49
C ARG B 116 -42.14 -57.39 2.91
N SER B 117 -41.24 -58.24 3.40
CA SER B 117 -41.37 -58.88 4.71
C SER B 117 -41.23 -57.87 5.85
N ASP B 118 -41.08 -58.37 7.08
CA ASP B 118 -40.91 -57.49 8.23
C ASP B 118 -39.48 -57.54 8.78
N LYS B 119 -38.65 -58.37 8.18
CA LYS B 119 -37.24 -58.42 8.56
C LYS B 119 -36.38 -58.36 7.31
N THR B 121 -31.97 -58.28 6.05
CA THR B 121 -30.56 -58.24 6.38
C THR B 121 -29.81 -57.66 5.20
N PHE B 122 -28.97 -56.69 5.52
CA PHE B 122 -28.13 -56.05 4.53
C PHE B 122 -26.73 -55.97 5.08
N THR B 123 -25.79 -55.70 4.18
CA THR B 123 -24.45 -55.43 4.60
C THR B 123 -24.15 -53.97 4.21
N TYR B 124 -23.80 -53.14 5.20
CA TYR B 124 -23.52 -51.71 5.01
C TYR B 124 -22.34 -51.53 4.10
N PRO B 125 -22.57 -50.99 2.88
CA PRO B 125 -21.56 -50.90 1.81
C PRO B 125 -20.38 -50.04 2.22
N GLU B 126 -19.24 -50.18 1.57
CA GLU B 126 -18.08 -49.42 2.01
C GLU B 126 -17.97 -48.06 1.39
N GLU B 127 -18.93 -47.71 0.55
CA GLU B 127 -18.98 -46.38 0.00
C GLU B 127 -20.01 -45.55 0.76
N ALA B 128 -20.74 -46.19 1.66
CA ALA B 128 -21.85 -45.51 2.30
C ALA B 128 -21.42 -44.55 3.40
N TYR B 129 -21.93 -43.32 3.33
CA TYR B 129 -21.67 -42.30 4.33
C TYR B 129 -22.90 -42.11 5.20
N SER B 130 -24.07 -42.27 4.61
CA SER B 130 -25.29 -42.19 5.40
C SER B 130 -26.32 -43.13 4.80
N TYR B 131 -27.41 -43.30 5.52
CA TYR B 131 -28.46 -44.15 5.01
C TYR B 131 -29.81 -43.61 5.45
N LYS B 132 -30.84 -43.94 4.67
CA LYS B 132 -32.23 -43.62 5.00
C LYS B 132 -33.04 -44.89 4.85
N VAL B 133 -34.04 -45.04 5.72
CA VAL B 133 -35.09 -46.04 5.52
C VAL B 133 -36.45 -45.33 5.39
N GLN B 134 -37.18 -45.74 4.36
CA GLN B 134 -38.52 -45.25 4.09
C GLN B 134 -39.49 -46.41 4.26
N LEU B 135 -40.72 -46.10 4.68
CA LEU B 135 -41.89 -46.96 4.48
C LEU B 135 -42.55 -46.54 3.18
N LEU B 136 -42.43 -47.37 2.13
CA LEU B 136 -43.19 -47.16 0.89
C LEU B 136 -44.63 -47.68 0.99
N SER B 137 -45.30 -47.87 -0.15
CA SER B 137 -46.71 -48.22 -0.12
C SER B 137 -47.20 -49.08 -1.31
N ALA B 138 -47.93 -50.16 -1.01
CA ALA B 138 -48.84 -50.77 -1.96
C ALA B 138 -50.18 -50.13 -1.63
N GLY B 139 -51.29 -50.80 -1.91
CA GLY B 139 -52.56 -50.26 -1.48
C GLY B 139 -52.66 -50.37 0.03
N VAL B 140 -52.30 -49.32 0.76
CA VAL B 140 -52.37 -49.38 2.22
C VAL B 140 -53.55 -48.59 2.73
N GLU B 141 -54.45 -49.25 3.45
CA GLU B 141 -55.61 -48.55 4.00
C GLU B 141 -55.29 -47.97 5.37
N SER B 142 -54.72 -48.80 6.24
CA SER B 142 -54.31 -48.33 7.54
C SER B 142 -53.22 -49.21 8.13
N PHE B 143 -52.46 -48.67 9.07
CA PHE B 143 -51.50 -49.45 9.83
C PHE B 143 -51.29 -48.93 11.24
N GLU B 144 -50.95 -49.83 12.14
CA GLU B 144 -50.47 -49.47 13.46
C GLU B 144 -48.97 -49.69 13.47
N PHE B 145 -48.23 -48.66 13.89
CA PHE B 145 -46.77 -48.74 13.89
C PHE B 145 -46.20 -48.70 15.29
N HIS B 146 -45.27 -49.61 15.59
CA HIS B 146 -44.59 -49.61 16.88
C HIS B 146 -43.15 -49.11 16.74
N CYS B 147 -42.30 -49.83 16.02
CA CYS B 147 -40.93 -49.37 15.82
C CYS B 147 -40.09 -50.04 14.72
N LEU B 148 -38.85 -49.58 14.62
CA LEU B 148 -37.83 -50.25 13.83
C LEU B 148 -36.75 -50.72 14.79
N ARG B 149 -35.99 -51.74 14.38
CA ARG B 149 -34.90 -52.26 15.17
C ARG B 149 -33.72 -52.52 14.28
N ILE B 150 -32.57 -51.99 14.67
CA ILE B 150 -31.33 -52.36 14.00
C ILE B 150 -30.36 -52.94 15.02
N GLU B 151 -29.86 -54.14 14.74
CA GLU B 151 -28.79 -54.72 15.52
C GLU B 151 -27.80 -55.39 14.57
N GLU B 152 -26.54 -55.47 14.99
CA GLU B 152 -25.49 -56.10 14.20
C GLU B 152 -25.70 -57.62 14.20
N ILE B 153 -25.48 -58.25 13.06
CA ILE B 153 -25.68 -59.68 12.90
C ILE B 153 -24.33 -60.30 12.49
N LEU B 154 -24.32 -61.52 11.94
CA LEU B 154 -23.11 -62.10 11.33
C LEU B 154 -23.43 -62.81 10.00
N TYR C 2 10.03 -23.59 -47.73
CA TYR C 2 9.66 -23.58 -46.31
C TYR C 2 8.16 -23.77 -46.02
N TYR C 3 7.83 -24.66 -45.11
CA TYR C 3 6.46 -24.79 -44.60
C TYR C 3 6.39 -24.23 -43.19
N PHE C 4 5.33 -23.48 -42.89
CA PHE C 4 5.14 -22.97 -41.53
C PHE C 4 3.96 -23.66 -40.90
N ILE C 5 4.16 -24.22 -39.72
CA ILE C 5 3.05 -24.80 -38.95
C ILE C 5 2.79 -23.98 -37.70
N PRO C 6 1.86 -23.02 -37.79
CA PRO C 6 1.60 -22.08 -36.71
C PRO C 6 0.79 -22.71 -35.59
N SER C 7 0.79 -22.05 -34.44
CA SER C 7 -0.03 -22.48 -33.32
C SER C 7 -1.11 -21.44 -33.14
N TRP C 8 -2.20 -21.58 -33.86
CA TRP C 8 -3.22 -20.53 -33.75
C TRP C 8 -4.44 -21.10 -33.08
N SER C 9 -4.49 -21.03 -31.76
CA SER C 9 -5.46 -21.83 -31.01
C SER C 9 -6.66 -21.06 -30.52
N GLY C 10 -7.60 -21.78 -29.95
CA GLY C 10 -8.73 -21.17 -29.29
C GLY C 10 -8.38 -21.10 -27.82
N SER C 11 -9.33 -20.63 -27.03
CA SER C 11 -9.02 -20.33 -25.64
C SER C 11 -9.78 -21.23 -24.64
N GLY C 12 -10.36 -22.30 -25.16
CA GLY C 12 -11.12 -23.21 -24.32
C GLY C 12 -10.50 -24.59 -24.28
N LYS C 13 -11.31 -25.60 -23.94
CA LYS C 13 -10.80 -26.97 -23.92
C LYS C 13 -10.57 -27.46 -25.33
N ARG C 14 -11.45 -27.06 -26.24
CA ARG C 14 -11.27 -27.35 -27.65
C ARG C 14 -10.31 -26.30 -28.21
N VAL C 15 -9.03 -26.64 -28.29
CA VAL C 15 -8.06 -25.64 -28.69
C VAL C 15 -7.93 -25.56 -30.18
N TRP C 16 -8.34 -26.61 -30.86
CA TRP C 16 -8.25 -26.66 -32.30
C TRP C 16 -9.34 -25.76 -32.91
N HIS C 17 -10.33 -25.39 -32.11
CA HIS C 17 -11.44 -24.52 -32.53
C HIS C 17 -11.19 -23.05 -32.15
N ARG C 18 -10.93 -22.18 -33.12
CA ARG C 18 -10.76 -20.74 -32.87
C ARG C 18 -12.00 -20.12 -32.22
N ASP C 19 -11.80 -19.10 -31.40
CA ASP C 19 -12.91 -18.39 -30.78
C ASP C 19 -13.80 -17.68 -31.79
N ILE C 20 -15.10 -17.69 -31.54
CA ILE C 20 -16.02 -16.92 -32.36
C ILE C 20 -16.52 -15.78 -31.49
N ILE C 21 -16.17 -14.54 -31.83
CA ILE C 21 -16.47 -13.40 -30.99
C ILE C 21 -17.10 -12.26 -31.80
N PRO C 22 -18.17 -11.65 -31.26
CA PRO C 22 -18.89 -10.51 -31.85
C PRO C 22 -17.95 -9.33 -31.94
N TRP C 23 -18.24 -8.33 -32.76
CA TRP C 23 -17.29 -7.22 -32.93
C TRP C 23 -17.12 -6.43 -31.64
N TYR C 24 -18.22 -6.28 -30.91
CA TYR C 24 -18.27 -5.45 -29.73
C TYR C 24 -17.67 -6.08 -28.48
N ARG C 25 -17.25 -7.33 -28.56
CA ARG C 25 -16.77 -8.02 -27.36
C ARG C 25 -15.30 -8.23 -27.52
N SER C 26 -14.82 -7.82 -28.69
CA SER C 26 -13.42 -7.96 -29.03
C SER C 26 -12.58 -7.25 -27.97
N GLN C 28 -8.27 -6.57 -27.15
CA GLN C 28 -6.92 -6.72 -27.73
C GLN C 28 -6.13 -7.86 -27.04
N ARG C 29 -6.22 -9.07 -27.61
CA ARG C 29 -5.26 -10.13 -27.28
C ARG C 29 -4.07 -9.99 -28.25
N LEU C 30 -3.02 -10.80 -28.05
CA LEU C 30 -1.85 -10.62 -28.92
C LEU C 30 -1.96 -11.54 -30.12
N GLU C 31 -2.34 -10.97 -31.25
CA GLU C 31 -2.65 -11.76 -32.41
C GLU C 31 -1.41 -11.94 -33.29
N PHE C 32 -0.65 -10.87 -33.45
CA PHE C 32 0.65 -10.95 -34.07
C PHE C 32 1.51 -11.97 -33.32
N ASP C 33 2.44 -12.62 -34.02
CA ASP C 33 3.35 -13.56 -33.40
C ASP C 33 4.51 -13.86 -34.32
N ASP C 34 5.47 -14.66 -33.83
CA ASP C 34 6.65 -15.09 -34.60
C ASP C 34 6.30 -15.65 -35.98
N THR C 35 5.39 -16.62 -36.04
CA THR C 35 5.01 -17.20 -37.32
C THR C 35 4.72 -16.13 -38.35
N ILE C 36 3.77 -15.25 -38.03
CA ILE C 36 3.49 -14.09 -38.87
C ILE C 36 4.74 -13.26 -39.20
N HIS C 37 5.58 -12.98 -38.20
CA HIS C 37 6.76 -12.17 -38.43
C HIS C 37 7.69 -12.82 -39.45
N GLN C 38 7.81 -14.15 -39.37
CA GLN C 38 8.75 -14.87 -40.21
C GLN C 38 8.22 -15.03 -41.63
N ILE C 39 6.95 -15.43 -41.76
CA ILE C 39 6.31 -15.51 -43.07
C ILE C 39 6.45 -14.19 -43.83
N ARG C 40 6.27 -13.06 -43.17
CA ARG C 40 6.39 -11.78 -43.87
C ARG C 40 7.79 -11.57 -44.45
N ILE C 41 8.80 -12.17 -43.83
CA ILE C 41 10.16 -12.04 -44.32
C ILE C 41 10.33 -12.79 -45.61
N PHE C 42 9.68 -13.95 -45.73
CA PHE C 42 9.71 -14.69 -46.98
C PHE C 42 9.06 -13.90 -48.11
N HIS C 43 7.81 -13.49 -47.94
CA HIS C 43 7.14 -12.72 -48.99
C HIS C 43 7.89 -11.49 -49.48
N SER C 44 8.66 -10.84 -48.61
CA SER C 44 9.33 -9.62 -49.03
C SER C 44 10.53 -9.92 -49.92
N GLU C 45 11.00 -11.17 -49.88
CA GLU C 45 12.08 -11.63 -50.76
C GLU C 45 11.55 -12.57 -51.83
N ASN C 46 10.23 -12.67 -51.93
CA ASN C 46 9.58 -13.56 -52.88
C ASN C 46 10.13 -14.99 -52.87
N LEU C 47 10.40 -15.49 -51.67
CA LEU C 47 10.87 -16.85 -51.49
C LEU C 47 9.64 -17.72 -51.29
N PRO C 48 9.64 -18.91 -51.90
CA PRO C 48 8.45 -19.77 -51.84
C PRO C 48 8.19 -20.29 -50.42
N VAL C 49 6.96 -20.11 -49.97
CA VAL C 49 6.56 -20.46 -48.62
C VAL C 49 5.11 -20.92 -48.62
N LYS C 50 4.77 -21.84 -47.73
CA LYS C 50 3.41 -22.34 -47.61
C LYS C 50 3.05 -22.56 -46.14
N LEU C 51 1.75 -22.50 -45.83
CA LEU C 51 1.28 -22.52 -44.46
C LEU C 51 0.42 -23.77 -44.27
N LEU C 52 0.63 -24.49 -43.17
CA LEU C 52 -0.15 -25.71 -42.88
C LEU C 52 -1.03 -25.53 -41.65
N LEU C 53 -2.35 -25.42 -41.83
CA LEU C 53 -3.25 -25.05 -40.74
C LEU C 53 -4.02 -26.21 -40.11
N GLN C 54 -3.80 -26.48 -38.82
CA GLN C 54 -4.54 -27.52 -38.12
C GLN C 54 -5.87 -27.04 -37.56
N ALA C 55 -6.01 -25.75 -37.26
CA ALA C 55 -7.19 -25.32 -36.52
C ALA C 55 -8.40 -25.03 -37.38
N TYR C 56 -9.56 -25.04 -36.76
CA TYR C 56 -10.78 -24.68 -37.42
C TYR C 56 -10.84 -23.18 -37.34
N PRO C 58 -13.04 -20.55 -39.35
CA PRO C 58 -14.04 -20.03 -40.28
C PRO C 58 -13.72 -18.64 -40.79
N HIS C 59 -13.03 -17.83 -40.00
CA HIS C 59 -12.79 -16.46 -40.40
C HIS C 59 -11.29 -16.21 -40.72
N ALA C 60 -10.62 -17.18 -41.34
CA ALA C 60 -9.17 -17.09 -41.52
C ALA C 60 -8.72 -16.14 -42.62
N ARG C 61 -9.63 -15.80 -43.52
CA ARG C 61 -9.26 -14.91 -44.60
C ARG C 61 -9.07 -13.52 -44.03
N TYR C 62 -10.03 -13.08 -43.21
CA TYR C 62 -9.91 -11.75 -42.63
C TYR C 62 -8.71 -11.69 -41.70
N PHE C 63 -8.46 -12.79 -41.00
CA PHE C 63 -7.30 -12.92 -40.13
C PHE C 63 -6.00 -12.75 -40.92
N LEU C 64 -5.78 -13.58 -41.93
CA LEU C 64 -4.54 -13.51 -42.69
C LEU C 64 -4.34 -12.12 -43.27
N HIS C 65 -5.42 -11.54 -43.75
CA HIS C 65 -5.39 -10.24 -44.38
C HIS C 65 -5.00 -9.17 -43.40
N ARG C 66 -5.71 -9.14 -42.28
CA ARG C 66 -5.40 -8.28 -41.13
C ARG C 66 -3.94 -8.34 -40.72
N GLN C 67 -3.33 -9.51 -40.86
CA GLN C 67 -1.96 -9.73 -40.44
C GLN C 67 -0.95 -9.67 -41.55
N ASP C 68 -1.31 -9.05 -42.67
CA ASP C 68 -0.41 -8.90 -43.83
C ASP C 68 0.17 -10.16 -44.46
N ILE C 69 -0.55 -11.28 -44.33
CA ILE C 69 -0.11 -12.50 -44.97
C ILE C 69 -1.20 -13.16 -45.80
N PHE C 70 -2.09 -12.36 -46.35
CA PHE C 70 -3.22 -12.90 -47.12
C PHE C 70 -2.81 -13.57 -48.43
N GLU C 71 -1.63 -13.21 -48.94
CA GLU C 71 -1.17 -13.72 -50.20
C GLU C 71 -0.39 -15.02 -50.02
N THR C 72 -0.46 -15.58 -48.82
CA THR C 72 0.27 -16.81 -48.52
C THR C 72 -0.54 -18.01 -48.97
N GLU C 73 0.11 -18.98 -49.60
CA GLU C 73 -0.60 -20.21 -49.94
C GLU C 73 -0.70 -21.06 -48.68
N TYR C 74 -1.81 -21.73 -48.53
CA TYR C 74 -1.97 -22.54 -47.34
C TYR C 74 -2.74 -23.81 -47.61
N TYR C 75 -2.38 -24.86 -46.87
CA TYR C 75 -3.17 -26.07 -46.83
C TYR C 75 -3.96 -26.03 -45.54
N SER C 76 -5.20 -26.48 -45.54
CA SER C 76 -5.94 -26.41 -44.30
C SER C 76 -6.64 -27.71 -43.98
N VAL C 77 -6.30 -28.29 -42.83
CA VAL C 77 -6.98 -29.49 -42.35
C VAL C 77 -8.51 -29.39 -42.39
N PHE C 78 -9.09 -28.35 -41.81
CA PHE C 78 -10.53 -28.31 -41.80
C PHE C 78 -11.16 -27.98 -43.14
N ASP C 79 -10.31 -27.61 -44.09
CA ASP C 79 -10.79 -27.40 -45.45
C ASP C 79 -10.90 -28.73 -46.19
N GLU C 80 -9.90 -29.61 -46.04
CA GLU C 80 -10.04 -31.00 -46.46
C GLU C 80 -11.24 -31.61 -45.76
N ILE C 81 -11.27 -31.60 -44.44
CA ILE C 81 -12.42 -32.11 -43.71
C ILE C 81 -13.79 -31.65 -44.25
N GLN C 82 -13.93 -30.37 -44.57
CA GLN C 82 -15.23 -29.86 -44.97
C GLN C 82 -15.45 -29.82 -46.48
N ALA C 83 -14.45 -30.26 -47.24
CA ALA C 83 -14.49 -30.25 -48.71
C ALA C 83 -14.70 -28.87 -49.27
N VAL C 84 -13.99 -27.88 -48.73
CA VAL C 84 -14.03 -26.56 -49.32
C VAL C 84 -12.99 -26.56 -50.42
N GLU C 85 -13.46 -26.50 -51.67
CA GLU C 85 -12.58 -26.65 -52.82
C GLU C 85 -12.18 -25.34 -53.50
N SER C 86 -12.82 -24.25 -53.12
CA SER C 86 -12.48 -22.93 -53.65
C SER C 86 -12.21 -21.89 -52.56
N ASN C 87 -11.24 -21.02 -52.80
CA ASN C 87 -11.01 -19.90 -51.89
C ASN C 87 -11.82 -18.66 -52.26
N ASP C 88 -12.60 -18.73 -53.35
CA ASP C 88 -13.47 -17.65 -53.78
C ASP C 88 -14.35 -17.12 -52.65
N GLN C 90 -17.46 -14.69 -51.36
CA GLN C 90 -18.63 -13.89 -51.68
C GLN C 90 -19.12 -13.27 -50.41
N VAL C 91 -18.97 -11.95 -50.28
CA VAL C 91 -19.39 -11.29 -49.05
C VAL C 91 -20.91 -11.28 -48.90
N LEU C 92 -21.44 -12.07 -47.97
CA LEU C 92 -22.89 -12.19 -47.86
C LEU C 92 -23.54 -10.96 -47.26
N GLN C 93 -24.62 -10.53 -47.91
CA GLN C 93 -25.52 -9.49 -47.42
C GLN C 93 -26.66 -10.16 -46.71
N ILE C 94 -27.38 -9.43 -45.85
CA ILE C 94 -28.53 -10.01 -45.19
C ILE C 94 -29.52 -10.62 -46.18
N LYS C 95 -29.88 -9.84 -47.21
CA LYS C 95 -30.96 -10.24 -48.10
C LYS C 95 -30.70 -11.52 -48.89
N ASP C 96 -29.44 -11.88 -49.10
CA ASP C 96 -29.19 -13.15 -49.79
C ASP C 96 -29.12 -14.39 -48.87
N LEU C 97 -29.48 -14.18 -47.61
CA LEU C 97 -29.93 -15.27 -46.72
C LEU C 97 -31.44 -15.51 -46.94
N GLU C 98 -31.84 -16.77 -47.15
CA GLU C 98 -33.25 -17.08 -47.36
C GLU C 98 -34.05 -17.12 -46.06
N TRP C 99 -34.74 -16.01 -45.77
CA TRP C 99 -35.61 -15.90 -44.61
C TRP C 99 -37.03 -16.19 -45.03
N GLU C 100 -37.89 -16.53 -44.07
CA GLU C 100 -39.33 -16.64 -44.32
C GLU C 100 -39.90 -15.27 -44.69
N ASP C 101 -41.16 -15.25 -45.14
CA ASP C 101 -41.77 -14.04 -45.69
C ASP C 101 -42.23 -13.07 -44.60
N ASP C 102 -42.53 -13.62 -43.42
CA ASP C 102 -43.15 -12.87 -42.34
C ASP C 102 -42.14 -12.33 -41.33
N CYS C 103 -40.89 -12.17 -41.75
CA CYS C 103 -39.81 -11.81 -40.84
C CYS C 103 -39.63 -10.31 -40.67
N GLU C 104 -39.48 -9.86 -39.43
CA GLU C 104 -39.23 -8.45 -39.16
C GLU C 104 -37.80 -8.26 -38.64
N PHE C 105 -37.15 -7.18 -39.06
CA PHE C 105 -35.78 -6.91 -38.66
C PHE C 105 -35.70 -5.63 -37.82
N ILE C 106 -35.03 -5.72 -36.67
CA ILE C 106 -34.78 -4.54 -35.84
C ILE C 106 -33.28 -4.41 -35.58
N TYR C 107 -32.73 -3.22 -35.82
CA TYR C 107 -31.30 -2.99 -35.69
C TYR C 107 -30.90 -2.42 -34.33
N THR C 108 -30.39 -3.27 -33.44
CA THR C 108 -29.60 -2.89 -32.26
C THR C 108 -28.38 -2.14 -32.81
N PRO C 109 -27.71 -1.33 -31.98
CA PRO C 109 -26.40 -0.82 -32.42
C PRO C 109 -25.30 -1.88 -32.34
N PHE C 110 -25.66 -3.09 -31.93
CA PHE C 110 -24.72 -4.19 -31.77
C PHE C 110 -25.02 -5.37 -32.71
N LEU C 111 -26.30 -5.72 -32.87
CA LEU C 111 -26.67 -6.80 -33.77
C LEU C 111 -27.98 -6.55 -34.51
N ILE C 112 -28.52 -7.55 -35.16
CA ILE C 112 -29.83 -7.44 -35.79
C ILE C 112 -30.74 -8.47 -35.14
N ILE C 113 -31.92 -8.03 -34.71
CA ILE C 113 -32.89 -8.94 -34.13
C ILE C 113 -33.94 -9.29 -35.15
N VAL C 114 -34.16 -10.59 -35.37
CA VAL C 114 -35.13 -11.05 -36.35
C VAL C 114 -36.35 -11.67 -35.66
N ARG C 115 -37.51 -11.03 -35.84
CA ARG C 115 -38.77 -11.51 -35.28
C ARG C 115 -39.70 -12.05 -36.36
N ARG C 116 -40.45 -13.08 -36.02
CA ARG C 116 -41.53 -13.55 -36.88
C ARG C 116 -42.82 -13.70 -36.07
N GLN C 117 -43.78 -12.81 -36.34
CA GLN C 117 -45.04 -12.70 -35.62
C GLN C 117 -44.82 -12.18 -34.20
N GLY C 118 -43.92 -11.20 -34.06
CA GLY C 118 -43.60 -10.65 -32.75
C GLY C 118 -42.90 -11.66 -31.84
N GLN C 119 -42.39 -12.73 -32.45
CA GLN C 119 -41.66 -13.74 -31.70
C GLN C 119 -40.16 -13.71 -32.03
N LEU C 120 -39.32 -13.54 -31.02
CA LEU C 120 -37.88 -13.52 -31.23
C LEU C 120 -37.44 -14.82 -31.91
N TYR C 121 -36.86 -14.68 -33.11
CA TYR C 121 -36.52 -15.81 -33.97
C TYR C 121 -35.01 -15.94 -34.15
N ALA C 122 -34.33 -14.81 -34.36
CA ALA C 122 -32.91 -14.83 -34.67
C ALA C 122 -32.12 -13.62 -34.22
N HIS C 123 -30.85 -13.89 -33.87
CA HIS C 123 -29.83 -12.87 -33.67
C HIS C 123 -28.79 -12.99 -34.77
N VAL C 124 -28.63 -11.95 -35.60
CA VAL C 124 -27.57 -11.95 -36.60
C VAL C 124 -26.43 -11.10 -36.08
N GLU C 125 -25.24 -11.67 -36.00
CA GLU C 125 -24.10 -10.94 -35.46
C GLU C 125 -22.92 -10.79 -36.42
N PHE C 126 -22.21 -9.68 -36.31
CA PHE C 126 -21.13 -9.37 -37.22
C PHE C 126 -19.78 -9.53 -36.57
N GLY C 127 -18.76 -9.76 -37.38
CA GLY C 127 -17.41 -9.88 -36.88
C GLY C 127 -16.71 -8.55 -36.94
N VAL C 128 -15.51 -8.49 -36.38
CA VAL C 128 -14.76 -7.24 -36.28
C VAL C 128 -14.62 -6.49 -37.60
N GLU C 129 -14.67 -7.21 -38.71
CA GLU C 129 -14.48 -6.59 -40.04
C GLU C 129 -15.77 -6.27 -40.78
N GLY C 130 -16.89 -6.77 -40.28
CA GLY C 130 -18.16 -6.35 -40.81
C GLY C 130 -18.98 -7.41 -41.48
N PHE C 131 -18.35 -8.53 -41.83
CA PHE C 131 -19.04 -9.66 -42.45
C PHE C 131 -19.90 -10.36 -41.43
N ILE C 132 -20.88 -11.13 -41.90
CA ILE C 132 -21.75 -11.91 -41.01
C ILE C 132 -20.95 -13.03 -40.35
N SER C 133 -20.88 -13.00 -39.02
CA SER C 133 -20.00 -13.91 -38.29
C SER C 133 -20.72 -15.20 -37.92
N PHE C 134 -21.91 -15.03 -37.36
CA PHE C 134 -22.71 -16.15 -36.89
C PHE C 134 -24.11 -15.66 -36.66
N ILE C 135 -25.08 -16.58 -36.77
CA ILE C 135 -26.46 -16.26 -36.47
C ILE C 135 -27.00 -17.22 -35.44
N LYS C 136 -27.67 -16.66 -34.43
CA LYS C 136 -28.32 -17.43 -33.38
C LYS C 136 -29.79 -17.58 -33.69
N PHE C 137 -30.29 -18.81 -33.54
CA PHE C 137 -31.69 -19.13 -33.84
C PHE C 137 -32.49 -19.55 -32.60
N PHE C 138 -33.74 -19.10 -32.53
CA PHE C 138 -34.58 -19.34 -31.36
C PHE C 138 -35.93 -20.01 -31.72
N LYS C 139 -36.38 -20.89 -30.82
CA LYS C 139 -37.73 -21.47 -30.84
C LYS C 139 -38.27 -21.48 -29.41
N ASP C 140 -39.47 -20.92 -29.23
CA ASP C 140 -40.07 -20.77 -27.90
C ASP C 140 -39.15 -20.02 -26.93
N ASP C 141 -38.65 -18.88 -27.39
CA ASP C 141 -37.75 -18.03 -26.60
C ASP C 141 -36.51 -18.78 -26.10
N GLN C 142 -36.21 -19.91 -26.75
CA GLN C 142 -35.10 -20.76 -26.37
C GLN C 142 -34.08 -20.91 -27.53
N LEU C 143 -32.80 -20.75 -27.22
CA LEU C 143 -31.72 -20.93 -28.20
C LEU C 143 -31.62 -22.38 -28.65
N GLU C 144 -32.06 -22.67 -29.88
CA GLU C 144 -31.96 -24.04 -30.38
C GLU C 144 -30.66 -24.29 -31.17
N LYS C 145 -30.38 -23.45 -32.16
CA LYS C 145 -29.13 -23.62 -32.90
C LYS C 145 -28.36 -22.31 -33.15
N LEU C 146 -27.06 -22.47 -33.38
CA LEU C 146 -26.15 -21.38 -33.75
C LEU C 146 -25.43 -21.73 -35.06
N ASN C 147 -25.62 -20.91 -36.08
CA ASN C 147 -24.90 -21.08 -37.34
C ASN C 147 -23.62 -20.26 -37.36
N ILE C 148 -22.50 -20.89 -37.67
CA ILE C 148 -21.24 -20.18 -37.76
C ILE C 148 -20.84 -20.07 -39.22
N PHE C 149 -20.76 -18.85 -39.73
CA PHE C 149 -20.46 -18.62 -41.14
C PHE C 149 -18.99 -18.55 -41.48
N ASP C 150 -18.65 -19.06 -42.63
CA ASP C 150 -17.32 -18.91 -43.20
C ASP C 150 -17.22 -17.52 -43.82
N ASP C 151 -16.03 -16.94 -43.78
CA ASP C 151 -15.87 -15.62 -44.33
C ASP C 151 -15.78 -15.62 -45.86
N ARG C 152 -15.75 -16.81 -46.45
CA ARG C 152 -15.81 -16.96 -47.91
C ARG C 152 -17.26 -17.00 -48.37
N GLY C 153 -18.19 -17.04 -47.41
CA GLY C 153 -19.60 -16.84 -47.72
C GLY C 153 -20.53 -18.05 -47.70
N PHE C 154 -20.32 -18.96 -46.77
CA PHE C 154 -21.24 -20.07 -46.58
C PHE C 154 -21.36 -20.48 -45.12
N VAL C 155 -22.29 -21.35 -44.79
CA VAL C 155 -22.41 -21.79 -43.41
C VAL C 155 -21.39 -22.88 -43.16
N SER C 156 -20.53 -22.68 -42.18
CA SER C 156 -19.38 -23.54 -42.00
C SER C 156 -19.70 -24.65 -41.01
N SER C 157 -20.48 -24.33 -39.99
CA SER C 157 -20.89 -25.34 -39.03
C SER C 157 -22.11 -24.92 -38.23
N ILE C 158 -22.77 -25.90 -37.63
CA ILE C 158 -23.92 -25.62 -36.79
C ILE C 158 -23.71 -26.23 -35.40
N VAL C 159 -24.08 -25.48 -34.36
CA VAL C 159 -24.05 -25.99 -32.99
C VAL C 159 -25.48 -26.08 -32.52
N TYR C 160 -25.85 -27.24 -32.00
CA TYR C 160 -27.22 -27.49 -31.53
C TYR C 160 -27.29 -27.51 -30.01
N TYR C 161 -28.42 -27.04 -29.48
CA TYR C 161 -28.52 -26.79 -28.06
C TYR C 161 -29.76 -27.45 -27.47
N GLU C 162 -29.57 -28.33 -26.48
CA GLU C 162 -30.70 -28.84 -25.71
C GLU C 162 -30.79 -28.18 -24.35
N ASP C 163 -31.90 -27.49 -24.11
CA ASP C 163 -32.13 -26.76 -22.87
C ASP C 163 -31.12 -25.65 -22.67
N GLY C 164 -30.37 -25.31 -23.70
CA GLY C 164 -29.36 -24.28 -23.58
C GLY C 164 -27.97 -24.84 -23.35
N GLN C 165 -27.83 -26.15 -23.50
CA GLN C 165 -26.51 -26.77 -23.42
C GLN C 165 -26.07 -27.25 -24.79
N GLU C 166 -24.86 -26.89 -25.20
CA GLU C 166 -24.31 -27.38 -26.44
C GLU C 166 -24.34 -28.90 -26.38
N VAL C 167 -24.85 -29.53 -27.42
CA VAL C 167 -24.92 -30.99 -27.46
C VAL C 167 -23.99 -31.57 -28.52
N CYS C 168 -23.99 -30.95 -29.70
CA CYS C 168 -23.07 -31.30 -30.75
C CYS C 168 -22.95 -30.19 -31.76
N GLN C 169 -21.99 -30.36 -32.64
CA GLN C 169 -21.71 -29.39 -33.68
C GLN C 169 -21.28 -30.17 -34.90
N ASP C 170 -22.04 -30.07 -35.98
CA ASP C 170 -21.60 -30.69 -37.23
C ASP C 170 -21.07 -29.67 -38.27
N TYR C 171 -20.09 -30.10 -39.05
CA TYR C 171 -19.27 -29.23 -39.87
C TYR C 171 -19.67 -29.40 -41.31
N LEU C 172 -20.40 -28.43 -41.86
CA LEU C 172 -20.93 -28.54 -43.22
C LEU C 172 -19.86 -28.49 -44.31
N ASN C 173 -20.24 -28.86 -45.53
CA ASN C 173 -19.47 -28.54 -46.73
C ASN C 173 -20.09 -27.27 -47.29
N PRO C 174 -19.48 -26.66 -48.32
CA PRO C 174 -20.08 -25.39 -48.73
C PRO C 174 -21.48 -25.57 -49.30
N ASN C 175 -21.88 -26.80 -49.60
CA ASN C 175 -23.22 -27.03 -50.14
C ASN C 175 -24.29 -27.13 -49.05
N GLY C 176 -23.89 -27.53 -47.85
CA GLY C 176 -24.80 -27.50 -46.73
C GLY C 176 -24.99 -28.83 -46.05
N ASP C 177 -24.28 -29.83 -46.57
CA ASP C 177 -24.39 -31.21 -46.09
C ASP C 177 -23.40 -31.43 -44.98
N TRP C 178 -23.81 -32.05 -43.87
CA TRP C 178 -22.83 -32.34 -42.83
C TRP C 178 -21.80 -33.39 -43.22
N ARG C 179 -20.53 -33.06 -43.05
CA ARG C 179 -19.41 -33.95 -43.39
C ARG C 179 -18.90 -34.73 -42.18
N ILE C 180 -18.91 -34.11 -40.98
CA ILE C 180 -18.68 -34.80 -39.70
C ILE C 180 -19.49 -34.17 -38.58
N ARG C 181 -19.94 -34.98 -37.61
CA ARG C 181 -20.51 -34.46 -36.37
C ARG C 181 -19.55 -34.64 -35.19
N GLU C 182 -19.55 -33.65 -34.30
CA GLU C 182 -18.75 -33.70 -33.09
C GLU C 182 -19.65 -33.56 -31.88
N TYR C 183 -19.56 -34.53 -30.97
CA TYR C 183 -20.41 -34.53 -29.77
C TYR C 183 -19.74 -33.78 -28.62
N LEU C 184 -20.55 -33.04 -27.86
CA LEU C 184 -20.02 -32.12 -26.87
C LEU C 184 -20.59 -32.36 -25.46
N LYS C 185 -20.70 -33.63 -25.09
CA LYS C 185 -21.08 -33.99 -23.72
C LYS C 185 -20.18 -35.14 -23.28
N PHE C 186 -20.24 -35.51 -22.00
CA PHE C 186 -19.41 -36.58 -21.40
C PHE C 186 -17.96 -36.17 -21.13
N SER C 189 -19.56 -38.73 -26.46
CA SER C 189 -18.49 -37.81 -26.88
C SER C 189 -17.48 -38.44 -27.83
N HIS C 190 -17.50 -37.99 -29.09
CA HIS C 190 -16.57 -38.46 -30.12
C HIS C 190 -16.82 -37.67 -31.41
N VAL C 191 -16.17 -38.08 -32.49
CA VAL C 191 -16.44 -37.47 -33.80
C VAL C 191 -16.85 -38.51 -34.84
N VAL C 192 -18.06 -38.34 -35.36
CA VAL C 192 -18.69 -39.24 -36.32
C VAL C 192 -18.60 -38.74 -37.75
N VAL C 193 -18.07 -39.54 -38.68
CA VAL C 193 -18.15 -39.19 -40.10
C VAL C 193 -19.53 -39.47 -40.65
N ASN C 194 -20.08 -38.58 -41.47
CA ASN C 194 -21.21 -38.91 -42.33
C ASN C 194 -20.82 -39.99 -43.34
N PRO C 195 -21.57 -41.10 -43.34
CA PRO C 195 -21.27 -42.28 -44.16
C PRO C 195 -21.15 -41.90 -45.63
N VAL C 196 -22.05 -41.04 -46.11
CA VAL C 196 -22.00 -40.54 -47.48
C VAL C 196 -20.59 -40.15 -47.93
N PHE C 197 -19.77 -39.63 -47.02
CA PHE C 197 -18.48 -39.11 -47.44
C PHE C 197 -17.30 -39.99 -47.01
N SER C 198 -17.58 -41.27 -46.78
CA SER C 198 -16.57 -42.23 -46.35
C SER C 198 -15.28 -42.25 -47.17
N ARG C 199 -15.33 -41.87 -48.44
CA ARG C 199 -14.14 -42.01 -49.29
C ARG C 199 -12.97 -41.16 -48.79
N ASP C 200 -13.29 -40.09 -48.06
CA ASP C 200 -12.32 -39.06 -47.69
C ASP C 200 -11.72 -39.23 -46.28
N PHE C 201 -12.47 -39.86 -45.39
CA PHE C 201 -12.01 -40.15 -44.05
C PHE C 201 -11.63 -41.59 -43.89
N ASP C 202 -10.41 -41.87 -43.46
CA ASP C 202 -10.02 -43.28 -43.38
C ASP C 202 -10.37 -44.02 -42.06
N LYS C 203 -11.28 -43.44 -41.28
CA LYS C 203 -12.00 -44.15 -40.22
C LYS C 203 -13.42 -43.65 -40.24
N LEU C 204 -14.29 -44.16 -39.39
CA LEU C 204 -15.69 -43.77 -39.51
C LEU C 204 -16.10 -43.07 -38.26
N GLU C 205 -15.27 -43.28 -37.24
CA GLU C 205 -15.38 -42.58 -35.97
C GLU C 205 -13.99 -42.22 -35.51
N TYR C 206 -13.94 -41.13 -34.74
CA TYR C 206 -12.72 -40.71 -34.07
C TYR C 206 -13.05 -40.39 -32.63
N GLU C 207 -12.12 -40.75 -31.75
CA GLU C 207 -12.30 -40.67 -30.30
C GLU C 207 -12.49 -39.23 -29.83
N CYS C 208 -11.63 -38.36 -30.36
CA CYS C 208 -11.68 -36.90 -30.18
C CYS C 208 -11.15 -36.23 -31.46
N PRO C 210 -8.68 -34.11 -32.27
CA PRO C 210 -7.28 -34.04 -32.65
C PRO C 210 -6.81 -35.21 -33.48
N ASP C 211 -7.45 -36.35 -33.37
CA ASP C 211 -6.99 -37.54 -34.10
C ASP C 211 -7.23 -37.37 -35.59
N LEU C 212 -8.47 -36.99 -35.90
CA LEU C 212 -8.86 -36.69 -37.27
C LEU C 212 -7.92 -35.65 -37.86
N ILE C 213 -7.62 -34.62 -37.07
CA ILE C 213 -6.69 -33.58 -37.49
C ILE C 213 -5.29 -34.11 -37.83
N LEU C 214 -4.74 -34.95 -36.95
CA LEU C 214 -3.40 -35.50 -37.17
C LEU C 214 -3.39 -36.46 -38.36
N GLU C 215 -4.52 -37.10 -38.61
CA GLU C 215 -4.67 -37.95 -39.79
C GLU C 215 -4.39 -37.15 -41.05
N LYS C 216 -5.25 -36.15 -41.26
CA LYS C 216 -5.20 -35.25 -42.40
C LYS C 216 -3.86 -34.53 -42.57
N LEU C 217 -3.36 -33.96 -41.47
CA LEU C 217 -2.09 -33.22 -41.53
C LEU C 217 -0.96 -34.18 -41.84
N GLY C 218 -1.06 -35.38 -41.28
CA GLY C 218 -0.07 -36.42 -41.49
C GLY C 218 0.05 -36.76 -42.96
N TYR C 219 -1.08 -37.17 -43.54
CA TYR C 219 -1.13 -37.48 -44.96
C TYR C 219 -0.49 -36.37 -45.77
N TYR C 220 -0.92 -35.12 -45.56
CA TYR C 220 -0.34 -34.03 -46.35
C TYR C 220 1.19 -34.07 -46.31
N ILE C 221 1.76 -34.06 -45.12
CA ILE C 221 3.22 -33.94 -44.97
C ILE C 221 3.95 -35.11 -45.59
N SER C 222 3.32 -36.28 -45.55
CA SER C 222 3.88 -37.50 -46.13
C SER C 222 3.83 -37.56 -47.67
N HIS C 223 2.65 -37.46 -48.25
CA HIS C 223 2.52 -37.39 -49.71
C HIS C 223 2.90 -36.03 -50.38
N ASN C 224 2.32 -34.91 -49.94
CA ASN C 224 2.39 -33.65 -50.71
C ASN C 224 3.55 -32.67 -50.47
N VAL C 225 4.64 -33.09 -49.84
CA VAL C 225 5.80 -32.20 -49.71
C VAL C 225 7.06 -32.90 -50.20
N GLU C 226 7.95 -32.13 -50.79
CA GLU C 226 9.18 -32.68 -51.33
C GLU C 226 10.14 -31.52 -51.37
N GLU C 227 11.41 -31.71 -51.02
CA GLU C 227 11.99 -32.83 -50.29
C GLU C 227 13.34 -32.22 -50.01
N ASP C 228 13.88 -32.42 -48.81
CA ASP C 228 14.87 -31.49 -48.27
C ASP C 228 14.17 -30.13 -48.29
N SER C 229 12.93 -30.14 -47.81
CA SER C 229 12.16 -28.93 -47.61
C SER C 229 12.22 -28.66 -46.11
N ARG C 230 11.91 -27.43 -45.71
CA ARG C 230 12.10 -27.01 -44.33
C ARG C 230 10.78 -26.76 -43.57
N PHE C 231 10.77 -27.11 -42.29
CA PHE C 231 9.57 -26.96 -41.46
C PHE C 231 9.80 -26.02 -40.26
N VAL C 232 9.03 -24.93 -40.19
CA VAL C 232 9.14 -24.02 -39.08
C VAL C 232 7.95 -24.30 -38.16
N VAL C 233 8.21 -24.92 -37.02
CA VAL C 233 7.14 -25.26 -36.10
C VAL C 233 7.05 -24.28 -34.94
N ALA C 234 5.88 -23.64 -34.80
CA ALA C 234 5.59 -22.83 -33.63
C ALA C 234 5.38 -23.78 -32.46
N ALA C 235 6.17 -23.61 -31.40
CA ALA C 235 6.11 -24.48 -30.24
C ALA C 235 4.74 -24.46 -29.55
N GLN C 236 4.00 -25.57 -29.66
CA GLN C 236 2.67 -25.69 -29.05
C GLN C 236 2.82 -25.59 -27.54
N PRO C 237 1.89 -24.89 -26.88
CA PRO C 237 1.89 -24.64 -25.44
C PRO C 237 1.63 -25.93 -24.68
N PHE C 238 1.56 -27.01 -25.44
CA PHE C 238 1.37 -28.35 -24.94
C PHE C 238 2.70 -29.09 -25.00
N THR C 239 2.66 -30.36 -25.33
CA THR C 239 3.86 -31.06 -25.78
C THR C 239 3.91 -30.93 -27.31
N ASN C 240 5.12 -30.92 -27.87
CA ASN C 240 5.30 -30.75 -29.31
C ASN C 240 5.48 -32.04 -30.11
N GLN C 241 5.27 -33.18 -29.46
CA GLN C 241 5.50 -34.49 -30.08
C GLN C 241 4.53 -34.76 -31.24
N GLY C 242 3.29 -34.31 -31.09
CA GLY C 242 2.28 -34.51 -32.11
C GLY C 242 2.80 -34.24 -33.52
N VAL C 243 3.26 -33.01 -33.75
CA VAL C 243 3.61 -32.56 -35.10
C VAL C 243 5.01 -32.96 -35.52
N LEU C 244 5.97 -32.86 -34.60
CA LEU C 244 7.35 -33.17 -34.93
C LEU C 244 7.50 -34.59 -35.48
N ASP C 245 6.74 -35.52 -34.90
CA ASP C 245 6.73 -36.92 -35.30
C ASP C 245 6.00 -37.20 -36.61
N LEU C 246 5.74 -36.17 -37.41
CA LEU C 246 5.08 -36.38 -38.69
C LEU C 246 6.01 -35.95 -39.80
N LEU C 247 7.19 -35.49 -39.41
CA LEU C 247 8.10 -34.88 -40.37
C LEU C 247 8.94 -35.91 -41.12
N PRO C 248 9.21 -35.65 -42.42
CA PRO C 248 10.08 -36.48 -43.27
C PRO C 248 11.47 -36.74 -42.69
N GLN C 249 12.15 -37.72 -43.27
CA GLN C 249 13.53 -38.02 -42.91
C GLN C 249 14.46 -36.99 -43.57
N HIS C 250 14.31 -36.81 -44.88
CA HIS C 250 15.08 -35.80 -45.58
C HIS C 250 14.37 -34.45 -45.45
N SER C 251 14.50 -33.82 -44.29
CA SER C 251 13.82 -32.57 -44.00
C SER C 251 14.42 -31.90 -42.77
N HIS C 252 14.68 -30.60 -42.87
CA HIS C 252 15.16 -29.84 -41.72
C HIS C 252 13.98 -29.28 -40.91
N SER C 253 14.15 -29.18 -39.60
CA SER C 253 13.10 -28.62 -38.74
C SER C 253 13.57 -27.43 -37.87
N ILE C 254 12.82 -26.32 -37.91
CA ILE C 254 13.06 -25.21 -37.01
C ILE C 254 11.93 -25.03 -35.99
N LEU C 255 12.26 -25.10 -34.69
CA LEU C 255 11.30 -24.95 -33.59
C LEU C 255 11.31 -23.53 -32.99
N SER C 256 10.19 -22.80 -33.09
CA SER C 256 10.15 -21.37 -32.73
C SER C 256 9.36 -21.05 -31.45
N PHE C 257 10.05 -20.44 -30.48
CA PHE C 257 9.46 -20.11 -29.18
C PHE C 257 9.14 -18.63 -29.08
N PHE C 258 7.92 -18.33 -28.68
CA PHE C 258 7.42 -16.97 -28.67
C PHE C 258 6.87 -16.73 -27.29
N HIS C 259 7.40 -15.72 -26.62
CA HIS C 259 7.17 -15.57 -25.19
C HIS C 259 5.70 -15.53 -24.84
N GLU C 260 4.94 -14.71 -25.55
CA GLU C 260 3.51 -14.61 -25.28
C GLU C 260 2.82 -15.96 -25.24
N ARG C 261 3.38 -16.92 -25.98
CA ARG C 261 2.78 -18.24 -26.14
C ARG C 261 3.36 -19.27 -25.19
N ASN C 262 4.69 -19.35 -25.12
CA ASN C 262 5.39 -20.38 -24.35
C ASN C 262 6.07 -19.92 -23.09
N GLN C 263 5.61 -18.82 -22.49
CA GLN C 263 6.33 -18.30 -21.33
C GLN C 263 6.25 -19.29 -20.18
N ALA C 264 5.09 -19.90 -20.00
CA ALA C 264 4.94 -20.91 -18.96
C ALA C 264 5.25 -22.25 -19.57
N SER C 265 6.53 -22.55 -19.73
CA SER C 265 6.92 -23.81 -20.33
C SER C 265 7.53 -24.70 -19.27
N ASN C 266 7.03 -25.93 -19.18
CA ASN C 266 7.67 -26.94 -18.33
C ASN C 266 8.99 -27.33 -19.00
N ILE C 267 10.14 -26.96 -18.41
CA ILE C 267 11.42 -27.16 -19.10
C ILE C 267 11.79 -28.63 -19.31
N GLU C 268 11.22 -29.52 -18.51
CA GLU C 268 11.50 -30.95 -18.69
C GLU C 268 10.84 -31.54 -19.95
N ASN C 269 9.58 -31.22 -20.18
CA ASN C 269 8.89 -31.68 -21.39
C ASN C 269 9.54 -31.21 -22.70
N LEU C 270 10.41 -30.22 -22.60
CA LEU C 270 11.04 -29.67 -23.78
C LEU C 270 12.16 -30.56 -24.27
N LYS C 271 12.63 -31.48 -23.43
CA LYS C 271 13.81 -32.29 -23.74
C LYS C 271 13.61 -33.10 -25.03
N ALA C 272 12.40 -33.65 -25.18
CA ALA C 272 12.06 -34.48 -26.35
C ALA C 272 12.18 -33.68 -27.63
N ASP C 273 11.40 -32.61 -27.66
CA ASP C 273 11.25 -31.74 -28.83
C ASP C 273 12.55 -30.98 -29.12
N LEU C 274 13.20 -30.49 -28.07
CA LEU C 274 14.43 -29.71 -28.22
C LEU C 274 15.56 -30.50 -28.85
N GLU C 275 15.61 -31.80 -28.54
CA GLU C 275 16.65 -32.65 -29.11
C GLU C 275 16.44 -32.84 -30.61
N TYR C 276 15.20 -33.15 -30.99
CA TYR C 276 14.87 -33.37 -32.40
C TYR C 276 15.20 -32.18 -33.32
N ALA C 277 14.78 -30.98 -32.91
CA ALA C 277 14.90 -29.78 -33.74
C ALA C 277 16.32 -29.50 -34.23
N ASP C 278 16.47 -29.12 -35.50
CA ASP C 278 17.79 -28.84 -36.04
C ASP C 278 18.23 -27.45 -35.65
N LEU C 279 17.26 -26.65 -35.22
CA LEU C 279 17.42 -25.22 -34.99
C LEU C 279 16.33 -24.74 -34.06
N VAL C 280 16.68 -23.89 -33.11
CA VAL C 280 15.70 -23.37 -32.18
C VAL C 280 15.76 -21.84 -32.15
N LEU C 281 14.59 -21.20 -32.22
CA LEU C 281 14.53 -19.74 -32.12
C LEU C 281 13.71 -19.31 -30.90
N THR C 282 14.18 -18.26 -30.22
CA THR C 282 13.42 -17.70 -29.13
C THR C 282 13.47 -16.19 -29.15
N ASP C 283 12.37 -15.56 -28.76
CA ASP C 283 12.26 -14.09 -28.83
C ASP C 283 12.67 -13.45 -27.51
N ARG C 284 13.31 -14.24 -26.65
CA ARG C 284 13.76 -13.74 -25.36
C ARG C 284 15.19 -14.16 -25.05
N ASP C 286 16.56 -14.19 -22.18
CA ASP C 286 16.50 -15.02 -20.96
C ASP C 286 16.25 -16.48 -21.31
N PHE C 287 15.13 -16.69 -22.00
CA PHE C 287 14.74 -18.04 -22.41
C PHE C 287 15.83 -18.73 -23.23
N LYS C 288 16.58 -17.96 -24.01
CA LYS C 288 17.69 -18.54 -24.76
C LYS C 288 18.64 -19.17 -23.79
N GLU C 289 19.11 -18.40 -22.82
CA GLU C 289 20.08 -18.95 -21.88
C GLU C 289 19.43 -19.91 -20.89
N THR C 290 18.20 -19.63 -20.48
CA THR C 290 17.48 -20.60 -19.63
C THR C 290 17.52 -21.98 -20.26
N LEU C 291 17.36 -22.02 -21.58
CA LEU C 291 17.48 -23.26 -22.34
C LEU C 291 18.93 -23.73 -22.49
N GLN C 292 19.83 -22.81 -22.78
CA GLN C 292 21.23 -23.17 -22.99
C GLN C 292 21.89 -23.71 -21.73
N ASN C 293 21.28 -23.44 -20.58
CA ASN C 293 21.87 -23.84 -19.32
C ASN C 293 21.25 -25.13 -18.84
N TYR C 294 20.11 -25.49 -19.39
CA TYR C 294 19.42 -26.69 -18.95
C TYR C 294 19.68 -27.81 -19.93
N PHE C 295 20.05 -27.47 -21.16
CA PHE C 295 20.43 -28.48 -22.12
C PHE C 295 21.71 -28.06 -22.84
N PRO C 296 22.82 -27.99 -22.09
CA PRO C 296 24.04 -27.42 -22.68
C PRO C 296 24.64 -28.30 -23.79
N LEU C 297 24.09 -29.49 -23.96
CA LEU C 297 24.44 -30.31 -25.12
C LEU C 297 23.83 -29.75 -26.41
N GLN C 298 22.69 -29.07 -26.27
CA GLN C 298 21.92 -28.56 -27.41
C GLN C 298 22.06 -27.05 -27.59
N ALA C 299 22.87 -26.43 -26.74
CA ALA C 299 22.94 -24.97 -26.69
C ALA C 299 23.43 -24.28 -27.96
N GLU C 300 24.11 -25.02 -28.83
CA GLU C 300 24.72 -24.39 -30.00
C GLU C 300 23.69 -24.07 -31.07
N LYS C 301 22.57 -24.78 -31.02
CA LYS C 301 21.51 -24.62 -32.04
C LYS C 301 20.40 -23.66 -31.61
N ILE C 302 20.47 -23.14 -30.38
CA ILE C 302 19.49 -22.21 -29.87
C ILE C 302 19.88 -20.75 -30.17
N HIS C 303 19.00 -20.03 -30.88
CA HIS C 303 19.28 -18.66 -31.29
C HIS C 303 18.18 -17.64 -30.97
N TYR C 304 18.59 -16.37 -30.85
CA TYR C 304 17.67 -15.29 -30.54
C TYR C 304 17.27 -14.52 -31.78
N LEU C 305 15.98 -14.27 -31.90
CA LEU C 305 15.44 -13.48 -32.99
C LEU C 305 14.28 -12.65 -32.44
N SER C 306 14.40 -11.33 -32.55
CA SER C 306 13.35 -10.42 -32.10
C SER C 306 12.31 -10.20 -33.21
N PRO C 307 11.02 -10.32 -32.90
CA PRO C 307 9.99 -10.08 -33.91
C PRO C 307 9.58 -8.61 -33.99
N PHE C 308 9.27 -8.14 -35.18
CA PHE C 308 8.85 -6.76 -35.39
C PHE C 308 7.63 -6.76 -36.26
N ASP C 309 6.68 -5.91 -35.93
CA ASP C 309 5.46 -5.85 -36.71
C ASP C 309 5.63 -4.81 -37.79
N THR C 310 5.86 -5.26 -39.02
CA THR C 310 6.10 -4.30 -40.10
C THR C 310 4.82 -3.81 -40.72
N ARG C 311 3.69 -3.97 -40.03
CA ARG C 311 2.47 -3.31 -40.47
C ARG C 311 2.61 -1.83 -40.19
N LEU C 312 3.46 -1.51 -39.23
CA LEU C 312 3.69 -0.12 -38.86
C LEU C 312 4.72 0.55 -39.77
N GLN C 313 4.29 1.66 -40.37
CA GLN C 313 5.22 2.55 -41.04
C GLN C 313 5.95 3.31 -39.96
N LEU C 314 7.18 3.74 -40.25
CA LEU C 314 7.86 4.64 -39.32
C LEU C 314 6.97 5.86 -38.97
N GLY C 315 7.14 6.40 -37.78
CA GLY C 315 6.27 7.46 -37.32
C GLY C 315 6.46 8.77 -38.05
N LYS C 316 5.43 9.60 -37.97
CA LYS C 316 5.45 10.90 -38.59
C LYS C 316 5.15 11.95 -37.55
N SER C 317 5.90 11.93 -36.45
CA SER C 317 5.77 12.96 -35.39
C SER C 317 6.54 14.24 -35.72
N GLN C 318 7.59 14.11 -36.52
CA GLN C 318 8.36 15.24 -37.01
C GLN C 318 7.44 16.16 -37.78
N GLN C 319 6.45 15.57 -38.42
CA GLN C 319 5.50 16.33 -39.22
C GLN C 319 4.44 17.04 -38.37
N ARG C 320 4.59 17.01 -37.05
CA ARG C 320 3.53 17.52 -36.20
C ARG C 320 4.06 18.56 -35.22
N HIS C 321 3.25 19.54 -34.87
CA HIS C 321 3.77 20.64 -34.07
C HIS C 321 3.76 20.26 -32.59
N GLU C 322 2.62 19.80 -32.11
CA GLU C 322 2.50 19.29 -30.74
C GLU C 322 3.21 17.95 -30.53
N SER C 323 3.71 17.72 -29.32
CA SER C 323 4.26 16.43 -29.00
C SER C 323 3.16 15.55 -28.42
N LYS C 324 2.80 14.48 -29.14
CA LYS C 324 1.72 13.58 -28.70
C LYS C 324 2.25 12.40 -27.86
N ILE C 325 1.68 12.26 -26.67
CA ILE C 325 2.10 11.23 -25.75
C ILE C 325 1.02 10.15 -25.71
N PHE C 326 1.41 8.90 -25.97
CA PHE C 326 0.52 7.77 -25.82
C PHE C 326 0.77 7.10 -24.47
N TYR C 327 -0.20 7.14 -23.59
CA TYR C 327 -0.07 6.59 -22.23
C TYR C 327 -1.00 5.39 -22.10
N GLN C 328 -0.40 4.23 -21.87
CA GLN C 328 -1.10 2.96 -21.85
C GLN C 328 -1.62 2.61 -20.47
N ILE C 329 -2.82 2.07 -20.39
CA ILE C 329 -3.39 1.69 -19.10
C ILE C 329 -4.10 0.36 -19.27
N ASP C 330 -3.77 -0.59 -18.40
CA ASP C 330 -4.34 -1.92 -18.39
C ASP C 330 -5.47 -1.91 -17.39
N LEU C 331 -6.70 -1.93 -17.83
CA LEU C 331 -7.75 -1.86 -16.84
C LEU C 331 -8.11 -3.25 -16.31
N SER C 332 -7.22 -4.21 -16.48
CA SER C 332 -7.43 -5.54 -15.88
C SER C 332 -6.88 -5.47 -14.49
N GLU C 333 -5.82 -4.65 -14.31
CA GLU C 333 -5.39 -4.14 -13.01
C GLU C 333 -6.41 -3.06 -12.65
N LEU C 334 -6.31 -2.37 -11.54
CA LEU C 334 -7.36 -1.36 -11.42
C LEU C 334 -6.82 0.01 -11.83
N LEU C 335 -7.24 1.09 -11.18
CA LEU C 335 -6.64 2.39 -11.52
C LEU C 335 -5.56 2.77 -10.54
N ASN C 336 -4.46 3.31 -11.03
CA ASN C 336 -3.39 3.83 -10.17
C ASN C 336 -3.40 5.35 -10.18
N ASP C 337 -4.08 5.98 -9.22
CA ASP C 337 -4.20 7.45 -9.24
C ASP C 337 -2.86 8.17 -9.27
N TYR C 338 -1.86 7.64 -8.58
CA TYR C 338 -0.53 8.25 -8.59
C TYR C 338 0.07 8.28 -9.99
N ALA C 339 -0.01 7.17 -10.69
CA ALA C 339 0.58 7.07 -12.02
C ALA C 339 -0.17 7.92 -13.04
N ILE C 340 -1.49 7.82 -13.04
CA ILE C 340 -2.32 8.69 -13.87
C ILE C 340 -2.02 10.16 -13.57
N PHE C 341 -2.00 10.54 -12.30
CA PHE C 341 -1.75 11.94 -11.98
C PHE C 341 -0.36 12.45 -12.38
N LYS C 342 0.66 11.61 -12.28
CA LYS C 342 1.99 12.02 -12.70
C LYS C 342 2.00 12.37 -14.18
N VAL C 343 1.23 11.64 -14.99
CA VAL C 343 1.22 11.91 -16.43
C VAL C 343 0.46 13.20 -16.69
N LEU C 344 -0.77 13.29 -16.18
CA LEU C 344 -1.61 14.47 -16.32
C LEU C 344 -0.92 15.71 -15.82
N PHE C 345 -0.08 15.60 -14.79
CA PHE C 345 0.62 16.76 -14.25
C PHE C 345 1.68 17.21 -15.23
N TYR C 346 2.37 16.26 -15.84
CA TYR C 346 3.39 16.59 -16.83
C TYR C 346 2.78 17.30 -17.99
N VAL C 347 1.60 16.88 -18.39
CA VAL C 347 0.98 17.39 -19.58
C VAL C 347 0.35 18.73 -19.28
N ALA C 348 -0.12 18.86 -18.04
CA ALA C 348 -0.66 20.12 -17.55
C ALA C 348 0.36 21.23 -17.68
N GLN C 349 1.64 20.92 -17.67
CA GLN C 349 2.58 22.02 -17.61
C GLN C 349 3.49 22.18 -18.79
N HIS C 350 3.27 21.39 -19.83
CA HIS C 350 3.97 21.59 -21.10
C HIS C 350 2.86 21.72 -22.11
N PRO C 351 2.57 22.97 -22.52
CA PRO C 351 1.31 23.17 -23.23
C PRO C 351 1.47 22.79 -24.68
N ASP C 352 2.69 22.44 -25.07
CA ASP C 352 2.93 21.88 -26.40
C ASP C 352 2.71 20.38 -26.48
N THR C 353 2.21 19.76 -25.43
CA THR C 353 1.97 18.33 -25.49
C THR C 353 0.47 17.99 -25.59
N GLU C 354 0.19 16.79 -26.07
CA GLU C 354 -1.15 16.25 -26.13
C GLU C 354 -1.07 14.86 -25.62
N LEU C 355 -2.16 14.39 -25.00
CA LEU C 355 -2.18 13.08 -24.33
C LEU C 355 -3.31 12.23 -24.86
N VAL C 356 -2.99 11.03 -25.34
CA VAL C 356 -4.02 10.02 -25.55
C VAL C 356 -3.79 9.00 -24.49
N ILE C 357 -4.76 8.80 -23.62
CA ILE C 357 -4.68 7.71 -22.67
C ILE C 357 -5.34 6.52 -23.33
N GLY C 358 -4.54 5.56 -23.83
CA GLY C 358 -5.10 4.36 -24.46
C GLY C 358 -5.37 3.23 -23.48
N VAL C 359 -6.63 2.90 -23.27
CA VAL C 359 -6.96 1.95 -22.23
C VAL C 359 -7.26 0.59 -22.84
N TYR C 360 -6.67 -0.49 -22.32
CA TYR C 360 -7.04 -1.82 -22.81
C TYR C 360 -7.47 -2.77 -21.71
N ASN C 361 -8.01 -3.92 -22.11
CA ASN C 361 -8.71 -4.82 -21.20
C ASN C 361 -9.81 -4.07 -20.48
N ALA C 362 -10.61 -3.31 -21.21
CA ALA C 362 -11.65 -2.52 -20.61
C ALA C 362 -13.00 -2.72 -21.23
N TRP C 363 -14.04 -2.68 -20.40
CA TRP C 363 -15.43 -2.73 -20.87
C TRP C 363 -15.96 -1.32 -20.87
N GLN C 364 -17.10 -1.05 -21.50
CA GLN C 364 -17.62 0.31 -21.53
C GLN C 364 -17.64 0.98 -20.19
N GLU C 365 -18.20 0.35 -19.18
CA GLU C 365 -18.25 1.08 -17.92
C GLU C 365 -16.89 1.42 -17.30
N GLY C 366 -15.87 0.63 -17.63
CA GLY C 366 -14.52 0.84 -17.13
C GLY C 366 -13.83 2.00 -17.81
N ILE C 367 -14.11 2.24 -19.08
CA ILE C 367 -13.64 3.44 -19.73
C ILE C 367 -14.27 4.66 -19.06
N LYS C 368 -15.52 4.56 -18.63
CA LYS C 368 -16.10 5.69 -17.95
C LYS C 368 -15.41 5.94 -16.63
N GLN C 369 -14.83 4.92 -16.02
CA GLN C 369 -14.12 5.13 -14.76
C GLN C 369 -12.82 5.89 -14.99
N VAL C 370 -12.11 5.54 -16.05
CA VAL C 370 -10.90 6.25 -16.43
C VAL C 370 -11.25 7.69 -16.71
N GLU C 371 -12.36 7.90 -17.41
CA GLU C 371 -12.82 9.26 -17.71
C GLU C 371 -13.09 10.09 -16.45
N ASN C 372 -13.83 9.56 -15.48
CA ASN C 372 -14.05 10.32 -14.26
C ASN C 372 -12.80 10.52 -13.42
N LYS C 373 -11.90 9.55 -13.44
CA LYS C 373 -10.71 9.70 -12.63
C LYS C 373 -9.88 10.83 -13.21
N VAL C 374 -9.75 10.91 -14.52
CA VAL C 374 -9.03 12.02 -15.12
C VAL C 374 -9.74 13.34 -14.87
N GLU C 375 -11.06 13.36 -14.98
CA GLU C 375 -11.84 14.57 -14.69
C GLU C 375 -11.63 15.04 -13.26
N GLU C 376 -11.78 14.13 -12.30
CA GLU C 376 -11.59 14.47 -10.89
C GLU C 376 -10.22 14.93 -10.57
N LEU C 377 -9.21 14.23 -11.07
CA LEU C 377 -7.85 14.61 -10.74
C LEU C 377 -7.55 16.00 -11.26
N ILE C 378 -7.87 16.26 -12.52
CA ILE C 378 -7.70 17.60 -13.05
C ILE C 378 -8.47 18.63 -12.24
N SER C 379 -9.67 18.28 -11.82
CA SER C 379 -10.50 19.23 -11.12
C SER C 379 -9.99 19.61 -9.73
N ASP C 380 -9.53 18.61 -8.98
CA ASP C 380 -9.12 18.81 -7.60
C ASP C 380 -7.74 19.38 -7.47
N TYR C 381 -6.86 19.13 -8.43
CA TYR C 381 -5.47 19.52 -8.28
C TYR C 381 -4.91 20.47 -9.35
N LEU C 382 -5.57 20.53 -10.51
CA LEU C 382 -5.09 21.33 -11.62
C LEU C 382 -6.16 22.32 -12.08
N ASP C 383 -6.06 22.83 -13.30
CA ASP C 383 -7.15 23.64 -13.82
C ASP C 383 -7.47 23.15 -15.22
N LEU C 384 -8.72 22.76 -15.46
CA LEU C 384 -9.07 22.18 -16.75
C LEU C 384 -8.77 23.12 -17.90
N LYS C 385 -8.81 24.42 -17.65
CA LYS C 385 -8.51 25.45 -18.66
C LYS C 385 -7.13 25.31 -19.26
N ASP C 386 -6.20 24.73 -18.55
CA ASP C 386 -4.85 24.64 -19.07
C ASP C 386 -4.72 23.44 -19.97
N PHE C 387 -5.84 22.74 -20.12
CA PHE C 387 -5.89 21.58 -21.01
C PHE C 387 -6.61 21.90 -22.31
N ILE C 388 -7.15 23.10 -22.45
CA ILE C 388 -7.80 23.53 -23.68
C ILE C 388 -6.80 23.53 -24.81
N LYS C 389 -7.20 23.03 -25.98
CA LYS C 389 -6.34 22.89 -27.15
C LYS C 389 -5.81 24.25 -27.57
N LYS C 390 -4.62 24.27 -28.14
CA LYS C 390 -4.03 25.51 -28.64
C LYS C 390 -4.89 26.06 -29.77
N SER C 391 -5.22 25.20 -30.72
CA SER C 391 -6.00 25.56 -31.88
C SER C 391 -7.50 25.76 -31.56
N PHE C 392 -7.78 26.16 -30.32
CA PHE C 392 -9.17 26.31 -29.92
C PHE C 392 -9.33 27.53 -29.03
N LYS C 393 -8.34 27.82 -28.19
CA LYS C 393 -8.36 29.05 -27.37
C LYS C 393 -7.62 30.21 -28.04
N ASN C 394 -6.95 29.88 -29.15
CA ASN C 394 -6.31 30.89 -30.00
C ASN C 394 -7.20 31.26 -31.19
N ASN C 395 -8.33 30.55 -31.32
CA ASN C 395 -9.35 30.86 -32.32
C ASN C 395 -10.70 31.19 -31.67
N GLN C 396 -10.68 31.44 -30.36
CA GLN C 396 -11.88 31.76 -29.56
C GLN C 396 -11.55 32.44 -28.21
N LEU C 407 -16.09 23.12 -26.84
CA LEU C 407 -14.78 23.16 -26.17
C LEU C 407 -13.97 21.88 -26.35
N GLU C 408 -12.72 21.99 -26.80
CA GLU C 408 -11.92 20.82 -27.12
C GLU C 408 -10.55 20.76 -26.39
N TYR C 409 -10.28 19.63 -25.71
CA TYR C 409 -9.13 19.54 -24.81
C TYR C 409 -7.94 18.75 -25.38
N ARG C 410 -6.75 18.90 -24.80
CA ARG C 410 -5.59 18.21 -25.38
C ARG C 410 -5.24 16.89 -24.70
N PHE C 411 -6.22 16.31 -24.02
CA PHE C 411 -6.16 14.90 -23.63
C PHE C 411 -7.45 14.21 -24.08
N ARG C 412 -7.36 12.94 -24.45
CA ARG C 412 -8.56 12.12 -24.60
C ARG C 412 -8.29 10.67 -24.31
N ILE C 413 -9.36 9.95 -24.05
CA ILE C 413 -9.28 8.56 -23.63
C ILE C 413 -9.85 7.64 -24.68
N ARG C 414 -8.99 6.86 -25.33
CA ARG C 414 -9.37 5.94 -26.38
C ARG C 414 -9.41 4.50 -25.88
N ASN C 415 -10.50 3.79 -26.15
CA ASN C 415 -10.55 2.35 -25.85
C ASN C 415 -9.81 1.57 -26.93
N ILE C 416 -8.72 0.92 -26.56
CA ILE C 416 -7.94 0.18 -27.53
C ILE C 416 -8.36 -1.27 -27.55
N THR C 417 -9.09 -1.66 -28.58
CA THR C 417 -9.61 -3.02 -28.70
C THR C 417 -8.91 -3.89 -29.75
N ASP C 418 -8.37 -3.24 -30.78
CA ASP C 418 -7.68 -3.87 -31.92
C ASP C 418 -6.21 -3.75 -31.68
N GLU C 419 -5.39 -4.42 -32.50
CA GLU C 419 -4.01 -4.02 -32.63
C GLU C 419 -4.00 -2.91 -33.64
N LEU C 420 -4.99 -2.90 -34.52
CA LEU C 420 -5.03 -1.92 -35.58
C LEU C 420 -5.26 -0.52 -35.01
N SER C 421 -6.12 -0.44 -33.99
CA SER C 421 -6.41 0.80 -33.26
C SER C 421 -5.12 1.43 -32.79
N LEU C 422 -4.25 0.61 -32.21
CA LEU C 422 -2.97 1.09 -31.76
C LEU C 422 -2.12 1.52 -32.93
N ILE C 423 -2.12 0.76 -34.02
CA ILE C 423 -1.24 1.09 -35.15
C ILE C 423 -1.54 2.49 -35.67
N GLN C 424 -2.81 2.85 -35.63
CA GLN C 424 -3.23 4.14 -36.12
C GLN C 424 -2.90 5.23 -35.14
N GLU C 425 -3.19 5.01 -33.87
CA GLU C 425 -2.87 6.00 -32.84
C GLU C 425 -1.38 6.29 -32.83
N LEU C 426 -0.54 5.29 -33.08
CA LEU C 426 0.89 5.49 -32.96
C LEU C 426 1.48 6.22 -34.13
N ASP C 427 0.70 6.49 -35.17
CA ASP C 427 1.27 7.06 -36.40
C ASP C 427 1.90 8.43 -36.20
N ASP C 428 1.22 9.30 -35.45
CA ASP C 428 1.75 10.62 -35.13
C ASP C 428 2.14 10.78 -33.66
N THR C 429 2.44 9.68 -32.98
CA THR C 429 2.78 9.73 -31.57
C THR C 429 4.27 9.95 -31.40
N ARG C 430 4.67 10.77 -30.42
CA ARG C 430 6.09 11.05 -30.19
C ARG C 430 6.75 10.24 -29.07
N LEU C 431 5.96 9.84 -28.09
CA LEU C 431 6.48 9.13 -26.93
C LEU C 431 5.40 8.20 -26.36
N ILE C 432 5.78 6.98 -26.00
CA ILE C 432 4.86 6.02 -25.41
C ILE C 432 5.18 5.85 -23.93
N ILE C 433 4.17 5.78 -23.07
CA ILE C 433 4.39 5.61 -21.64
C ILE C 433 3.54 4.47 -21.09
N ASP C 434 4.19 3.51 -20.43
CA ASP C 434 3.54 2.34 -19.85
C ASP C 434 4.02 2.16 -18.42
N LEU C 435 3.20 2.59 -17.46
CA LEU C 435 3.65 2.55 -16.08
C LEU C 435 3.06 1.36 -15.38
N SER C 436 2.72 0.35 -16.16
CA SER C 436 2.19 -0.88 -15.57
C SER C 436 3.35 -1.77 -15.13
N GLN C 437 3.03 -2.77 -14.30
CA GLN C 437 4.04 -3.67 -13.72
C GLN C 437 4.56 -4.64 -14.76
N GLN C 438 3.64 -5.14 -15.58
CA GLN C 438 4.01 -5.86 -16.80
C GLN C 438 3.39 -5.17 -18.04
N PRO C 439 4.19 -4.35 -18.73
CA PRO C 439 3.79 -3.48 -19.85
C PRO C 439 3.14 -4.30 -20.94
N ASN C 440 2.12 -3.77 -21.61
CA ASN C 440 1.47 -4.49 -22.70
C ASN C 440 2.47 -4.86 -23.79
N LEU C 441 2.65 -6.16 -24.03
CA LEU C 441 3.67 -6.64 -24.93
C LEU C 441 3.51 -6.18 -26.38
N TYR C 442 2.31 -6.19 -26.92
CA TYR C 442 2.15 -5.68 -28.29
C TYR C 442 2.59 -4.21 -28.41
N THR C 443 2.17 -3.35 -27.47
CA THR C 443 2.63 -1.97 -27.49
C THR C 443 4.16 -1.84 -27.51
N GLN C 444 4.88 -2.74 -26.84
CA GLN C 444 6.33 -2.71 -26.89
C GLN C 444 6.85 -3.03 -28.28
N ILE C 445 6.27 -4.05 -28.89
CA ILE C 445 6.60 -4.45 -30.25
C ILE C 445 6.22 -3.33 -31.20
N ALA C 446 5.03 -2.78 -31.00
CA ALA C 446 4.50 -1.75 -31.89
C ALA C 446 5.36 -0.52 -31.85
N GLY C 447 5.75 -0.12 -30.64
CA GLY C 447 6.56 1.07 -30.46
C GLY C 447 7.90 1.03 -31.17
N ILE C 448 8.66 -0.01 -30.94
CA ILE C 448 9.97 -0.07 -31.56
C ILE C 448 9.82 -0.20 -33.06
N SER C 449 8.71 -0.77 -33.51
CA SER C 449 8.49 -0.99 -34.94
C SER C 449 8.23 0.30 -35.66
N ALA C 450 7.57 1.22 -34.98
CA ALA C 450 7.26 2.54 -35.52
C ALA C 450 8.36 3.55 -35.23
N GLY C 451 9.38 3.12 -34.47
CA GLY C 451 10.49 3.98 -34.09
C GLY C 451 10.10 5.12 -33.16
N ILE C 452 9.56 4.75 -32.00
CA ILE C 452 9.07 5.69 -31.01
C ILE C 452 9.69 5.30 -29.68
N PRO C 453 10.11 6.30 -28.87
CA PRO C 453 10.70 5.98 -27.57
C PRO C 453 9.64 5.49 -26.61
N GLN C 454 9.99 4.58 -25.71
CA GLN C 454 9.06 4.13 -24.71
C GLN C 454 9.66 4.20 -23.33
N ILE C 455 8.85 4.66 -22.39
CA ILE C 455 9.19 4.69 -20.98
C ILE C 455 8.44 3.54 -20.26
N ASN C 456 9.16 2.54 -19.75
CA ASN C 456 8.53 1.50 -18.92
C ASN C 456 9.15 1.46 -17.52
N LEU C 457 8.55 0.69 -16.62
CA LEU C 457 9.05 0.59 -15.26
C LEU C 457 9.97 -0.59 -15.10
N VAL C 458 9.93 -1.51 -16.07
CA VAL C 458 10.72 -2.74 -16.06
C VAL C 458 11.42 -2.95 -17.40
N ALA C 459 12.61 -3.55 -17.37
CA ALA C 459 13.39 -3.67 -18.60
C ALA C 459 12.83 -4.74 -19.53
N SER C 460 13.24 -4.66 -20.79
CA SER C 460 12.72 -5.54 -21.83
C SER C 460 13.69 -5.60 -22.97
N ASP C 461 13.54 -6.61 -23.82
CA ASP C 461 14.42 -6.78 -24.98
C ASP C 461 14.11 -5.73 -26.02
N TYR C 462 12.99 -5.04 -25.86
CA TYR C 462 12.57 -4.07 -26.86
C TYR C 462 13.07 -2.67 -26.52
N VAL C 463 12.97 -2.28 -25.25
CA VAL C 463 13.49 -1.00 -24.79
C VAL C 463 14.90 -1.09 -24.18
N THR C 464 15.84 -0.33 -24.75
CA THR C 464 17.22 -0.28 -24.28
C THR C 464 17.48 1.07 -23.65
N HIS C 465 17.77 1.09 -22.35
CA HIS C 465 17.82 2.34 -21.59
C HIS C 465 18.76 3.42 -22.12
N LEU C 466 18.24 4.65 -22.16
CA LEU C 466 18.90 5.81 -22.78
C LEU C 466 19.21 5.66 -24.27
N GLN C 467 18.60 4.68 -24.92
CA GLN C 467 18.76 4.45 -26.35
C GLN C 467 17.41 4.47 -27.07
N ASN C 468 16.61 3.46 -26.79
CA ASN C 468 15.25 3.30 -27.29
C ASN C 468 14.24 4.00 -26.46
N GLY C 469 14.53 4.13 -25.17
CA GLY C 469 13.54 4.60 -24.23
C GLY C 469 14.21 4.86 -22.90
N TYR C 470 13.47 4.63 -21.83
CA TYR C 470 13.95 4.96 -20.52
C TYR C 470 13.29 3.99 -19.57
N ILE C 471 14.08 3.35 -18.72
CA ILE C 471 13.53 2.46 -17.71
C ILE C 471 13.52 3.22 -16.40
N LEU C 472 12.34 3.60 -15.94
CA LEU C 472 12.17 4.30 -14.68
C LEU C 472 12.49 3.42 -13.49
N ASP C 473 13.12 3.97 -12.47
CA ASP C 473 13.16 3.27 -11.19
C ASP C 473 11.84 3.46 -10.48
N SER C 474 11.25 4.64 -10.60
CA SER C 474 9.88 4.82 -10.11
C SER C 474 9.13 5.91 -10.86
N ILE C 475 7.80 5.85 -10.77
CA ILE C 475 6.89 6.88 -11.21
C ILE C 475 7.42 8.28 -10.86
N SER C 476 8.17 8.41 -9.77
CA SER C 476 8.66 9.72 -9.33
C SER C 476 9.59 10.38 -10.33
N GLN C 477 10.38 9.59 -11.04
CA GLN C 477 11.28 10.13 -12.06
C GLN C 477 10.65 10.40 -13.42
N LEU C 478 9.33 10.21 -13.57
CA LEU C 478 8.65 10.29 -14.87
C LEU C 478 9.03 11.50 -15.70
N ALA C 479 9.10 12.68 -15.08
CA ALA C 479 9.42 13.89 -15.83
C ALA C 479 10.85 13.91 -16.35
N VAL C 480 11.78 13.32 -15.62
CA VAL C 480 13.15 13.28 -16.10
C VAL C 480 13.14 12.50 -17.42
N ALA C 481 12.34 11.44 -17.45
CA ALA C 481 12.31 10.53 -18.59
C ALA C 481 11.65 11.21 -19.76
N ALA C 482 10.47 11.77 -19.53
CA ALA C 482 9.74 12.52 -20.55
C ALA C 482 10.64 13.55 -21.19
N ASP C 483 11.21 14.43 -20.37
CA ASP C 483 12.08 15.49 -20.85
C ASP C 483 13.26 14.95 -21.66
N TYR C 484 13.79 13.81 -21.28
CA TYR C 484 14.92 13.23 -21.99
C TYR C 484 14.68 13.15 -23.47
N TYR C 485 13.42 12.92 -23.84
CA TYR C 485 13.04 12.68 -25.24
C TYR C 485 12.21 13.82 -25.83
N LEU C 486 11.50 14.53 -24.98
CA LEU C 486 10.64 15.61 -25.45
C LEU C 486 11.36 16.96 -25.63
N GLN C 487 12.42 17.20 -24.86
CA GLN C 487 13.19 18.42 -24.94
C GLN C 487 14.25 18.34 -26.02
N GLY C 488 14.18 19.23 -26.99
CA GLY C 488 15.20 19.25 -28.02
C GLY C 488 14.87 18.23 -29.07
N LEU C 489 15.86 17.85 -29.88
CA LEU C 489 15.60 16.94 -30.98
C LEU C 489 16.67 15.88 -31.04
N LYS C 490 17.81 16.18 -30.43
CA LYS C 490 18.96 15.30 -30.46
C LYS C 490 18.63 13.87 -29.98
N ASN C 491 18.18 13.72 -28.75
CA ASN C 491 17.96 12.39 -28.23
C ASN C 491 16.89 11.58 -28.95
N TRP C 492 15.78 12.22 -29.27
CA TRP C 492 14.69 11.53 -29.92
C TRP C 492 15.19 10.96 -31.25
N ASN C 493 15.90 11.79 -32.02
CA ASN C 493 16.50 11.32 -33.25
C ASN C 493 17.50 10.18 -33.09
N GLN C 494 18.29 10.21 -32.03
CA GLN C 494 19.25 9.12 -31.78
C GLN C 494 18.53 7.80 -31.62
N ALA C 495 17.30 7.86 -31.11
CA ALA C 495 16.51 6.69 -30.77
C ALA C 495 15.85 6.13 -32.01
N LEU C 496 15.55 7.01 -32.94
CA LEU C 496 14.98 6.61 -34.21
C LEU C 496 16.03 5.76 -34.90
N ILE C 497 17.24 6.30 -34.96
CA ILE C 497 18.37 5.60 -35.53
C ILE C 497 18.53 4.24 -34.89
N TYR C 498 18.62 4.20 -33.56
CA TYR C 498 18.84 2.96 -32.84
C TYR C 498 17.78 1.92 -33.19
N SER C 499 16.52 2.32 -33.14
CA SER C 499 15.41 1.42 -33.40
C SER C 499 15.45 0.90 -34.83
N ILE C 500 15.76 1.78 -35.77
CA ILE C 500 15.87 1.39 -37.18
C ILE C 500 16.94 0.31 -37.41
N GLU C 501 18.12 0.45 -36.79
CA GLU C 501 19.13 -0.60 -36.87
C GLU C 501 18.55 -1.93 -36.42
N LYS C 502 17.89 -1.94 -35.27
CA LYS C 502 17.28 -3.16 -34.73
C LYS C 502 16.23 -3.77 -35.67
N ILE C 503 15.40 -2.92 -36.27
CA ILE C 503 14.43 -3.40 -37.26
C ILE C 503 15.16 -4.05 -38.42
N LYS C 504 16.07 -3.31 -39.08
CA LYS C 504 16.89 -3.83 -40.19
C LYS C 504 17.50 -5.23 -39.93
N LEU C 505 18.28 -5.33 -38.86
CA LEU C 505 18.92 -6.58 -38.43
C LEU C 505 17.96 -7.77 -38.23
N ASN C 506 16.72 -7.50 -37.86
CA ASN C 506 15.77 -8.56 -37.56
C ASN C 506 14.63 -8.73 -38.58
N THR C 507 14.78 -8.18 -39.78
CA THR C 507 13.63 -8.12 -40.65
C THR C 507 13.97 -8.19 -42.15
N GLY C 508 15.26 -8.31 -42.46
CA GLY C 508 15.68 -8.32 -43.85
C GLY C 508 15.78 -9.69 -44.51
N HIS C 509 16.45 -9.75 -45.65
CA HIS C 509 16.81 -11.03 -46.25
C HIS C 509 17.76 -11.74 -45.29
N GLN C 510 18.65 -10.97 -44.69
CA GLN C 510 19.71 -11.50 -43.84
C GLN C 510 19.24 -12.34 -42.67
N VAL C 511 17.95 -12.33 -42.39
CA VAL C 511 17.38 -13.17 -41.35
C VAL C 511 17.37 -14.62 -41.84
N ILE C 512 17.05 -14.81 -43.11
CA ILE C 512 16.96 -16.15 -43.68
C ILE C 512 18.34 -16.68 -44.04
N LYS C 513 19.22 -15.78 -44.46
CA LYS C 513 20.64 -16.10 -44.61
C LYS C 513 21.16 -16.72 -43.31
N ARG C 514 20.97 -16.00 -42.20
CA ARG C 514 21.34 -16.46 -40.87
C ARG C 514 20.78 -17.85 -40.56
N TRP C 515 19.58 -18.14 -41.03
CA TRP C 515 18.96 -19.45 -40.80
C TRP C 515 19.66 -20.54 -41.59
N GLU C 516 19.95 -20.24 -42.86
CA GLU C 516 20.52 -21.23 -43.76
C GLU C 516 21.96 -21.54 -43.39
N LYS C 517 22.64 -20.52 -42.87
CA LYS C 517 23.97 -20.67 -42.30
C LYS C 517 23.92 -21.60 -41.08
N TRP C 518 22.97 -21.37 -40.16
CA TRP C 518 22.79 -22.21 -38.98
C TRP C 518 22.33 -23.62 -39.35
N LEU C 519 21.91 -23.80 -40.60
CA LEU C 519 21.40 -25.10 -41.04
C LEU C 519 22.51 -25.89 -41.72
N LYS C 520 23.49 -25.18 -42.27
CA LYS C 520 24.73 -25.81 -42.70
C LYS C 520 25.51 -26.27 -41.47
N GLU C 521 25.51 -25.46 -40.42
CA GLU C 521 26.22 -25.74 -39.16
C GLU C 521 25.43 -26.65 -38.23
N ALA C 522 24.40 -27.31 -38.77
CA ALA C 522 23.62 -28.32 -38.06
C ALA C 522 23.73 -29.67 -38.78
N ILE C 523 24.23 -29.63 -40.01
CA ILE C 523 24.65 -30.86 -40.70
C ILE C 523 26.06 -31.18 -40.20
N ASP C 524 26.75 -30.15 -39.68
CA ASP C 524 28.10 -30.31 -39.12
C ASP C 524 28.09 -30.41 -37.59
N GLU C 525 26.98 -30.88 -37.02
CA GLU C 525 26.80 -30.97 -35.56
C GLU C 525 26.52 -32.41 -35.14
N LYS D 2 -30.84 -21.62 -46.28
CA LYS D 2 -30.42 -21.52 -47.68
C LYS D 2 -29.81 -20.15 -48.02
N ILE D 3 -28.69 -20.16 -48.73
CA ILE D 3 -28.02 -18.91 -49.09
C ILE D 3 -27.99 -18.77 -50.59
N GLN D 4 -28.32 -17.58 -51.09
CA GLN D 4 -28.20 -17.28 -52.50
C GLN D 4 -26.74 -17.14 -52.91
N LYS D 5 -26.14 -18.22 -53.40
CA LYS D 5 -24.75 -18.15 -53.87
C LYS D 5 -24.68 -17.43 -55.22
N HIS D 6 -23.75 -16.48 -55.35
CA HIS D 6 -23.53 -15.81 -56.63
C HIS D 6 -22.26 -14.98 -56.65
N LYS D 7 -21.48 -15.09 -57.72
CA LYS D 7 -20.23 -14.33 -57.83
C LYS D 7 -20.44 -12.84 -58.12
N GLU D 8 -21.64 -12.46 -58.53
CA GLU D 8 -21.88 -11.06 -58.83
C GLU D 8 -21.98 -10.21 -57.56
N ILE D 9 -21.76 -8.91 -57.70
CA ILE D 9 -21.94 -7.98 -56.58
C ILE D 9 -23.09 -7.03 -56.88
N TYR D 10 -24.19 -7.15 -56.15
CA TYR D 10 -25.39 -6.38 -56.42
C TYR D 10 -25.41 -5.04 -55.67
N TRP D 11 -26.37 -4.20 -56.03
CA TRP D 11 -26.65 -2.96 -55.31
C TRP D 11 -27.10 -3.32 -53.90
N GLY D 12 -26.81 -2.48 -52.91
CA GLY D 12 -27.20 -2.78 -51.54
C GLY D 12 -28.69 -2.78 -51.27
N SER D 32 -33.81 9.03 -52.16
CA SER D 32 -33.84 7.67 -52.71
C SER D 32 -34.91 7.45 -53.80
N THR D 33 -34.58 7.85 -55.03
CA THR D 33 -35.46 7.60 -56.21
C THR D 33 -35.03 6.31 -56.90
N ILE D 34 -35.03 5.22 -56.15
CA ILE D 34 -34.47 3.97 -56.60
C ILE D 34 -35.49 2.86 -56.39
N ILE D 35 -35.89 2.19 -57.47
CA ILE D 35 -36.79 1.03 -57.35
C ILE D 35 -35.98 -0.28 -57.44
N PHE D 36 -36.37 -1.26 -56.62
CA PHE D 36 -35.75 -2.58 -56.65
C PHE D 36 -36.70 -3.61 -57.22
N HIS D 37 -36.69 -3.78 -58.53
CA HIS D 37 -37.47 -4.86 -59.17
C HIS D 37 -37.10 -6.24 -58.62
N SER D 38 -35.80 -6.44 -58.40
CA SER D 38 -35.27 -7.66 -57.76
C SER D 38 -33.84 -7.37 -57.29
N PRO D 39 -33.23 -8.31 -56.55
CA PRO D 39 -31.79 -8.22 -56.29
C PRO D 39 -30.94 -7.94 -57.53
N ASP D 40 -31.32 -8.51 -58.66
CA ASP D 40 -30.55 -8.35 -59.90
C ASP D 40 -30.90 -7.11 -60.74
N GLN D 41 -31.97 -6.38 -60.40
CA GLN D 41 -32.35 -5.21 -61.20
C GLN D 41 -32.74 -3.97 -60.39
N VAL D 42 -31.92 -2.95 -60.45
CA VAL D 42 -32.23 -1.72 -59.73
C VAL D 42 -32.36 -0.57 -60.73
N TYR D 43 -33.46 0.15 -60.63
CA TYR D 43 -33.72 1.26 -61.54
C TYR D 43 -33.55 2.62 -60.84
N PHE D 44 -32.90 3.56 -61.53
CA PHE D 44 -32.60 4.87 -60.98
C PHE D 44 -33.09 6.03 -61.85
N GLU D 45 -33.70 7.04 -61.23
CA GLU D 45 -33.98 8.31 -61.91
C GLU D 45 -33.41 9.51 -61.15
N ASN D 46 -32.89 10.49 -61.89
CA ASN D 46 -32.22 11.66 -61.32
C ASN D 46 -33.11 12.93 -61.24
N LEU D 48 -30.76 15.79 -58.60
CA LEU D 48 -30.55 15.08 -57.34
C LEU D 48 -29.11 14.66 -57.15
N ILE D 49 -28.49 14.19 -58.22
CA ILE D 49 -27.06 13.91 -58.19
C ILE D 49 -26.36 14.72 -59.28
N ALA D 50 -25.58 15.71 -58.85
CA ALA D 50 -24.92 16.61 -59.79
C ALA D 50 -23.77 15.92 -60.50
N SER D 51 -23.31 16.52 -61.59
CA SER D 51 -22.17 15.97 -62.32
C SER D 51 -21.01 15.78 -61.37
N GLY D 52 -20.15 14.78 -61.66
CA GLY D 52 -19.00 14.47 -60.81
C GLY D 52 -19.29 13.85 -59.44
N GLN D 53 -20.50 14.10 -58.91
CA GLN D 53 -20.93 13.65 -57.58
C GLN D 53 -21.07 12.13 -57.55
N THR D 54 -21.21 11.53 -56.37
CA THR D 54 -21.20 10.08 -56.24
C THR D 54 -22.58 9.46 -56.05
N ILE D 55 -23.00 8.62 -56.99
CA ILE D 55 -24.32 7.97 -56.92
C ILE D 55 -24.43 6.82 -55.89
N HIS D 56 -23.42 5.95 -55.87
CA HIS D 56 -23.45 4.78 -55.00
C HIS D 56 -22.03 4.33 -54.68
N GLU D 57 -21.85 3.57 -53.61
CA GLU D 57 -20.52 3.16 -53.17
C GLU D 57 -20.49 1.72 -52.65
N TRP D 58 -19.47 0.96 -53.01
CA TRP D 58 -19.25 -0.35 -52.39
C TRP D 58 -17.88 -0.34 -51.73
N SER D 59 -17.74 -1.05 -50.61
CA SER D 59 -16.46 -1.09 -49.89
C SER D 59 -16.04 -2.49 -49.46
N SER D 60 -14.75 -2.70 -49.26
CA SER D 60 -14.27 -4.01 -48.80
C SER D 60 -14.04 -4.07 -47.29
N SER D 61 -14.60 -3.10 -46.57
CA SER D 61 -14.28 -2.92 -45.15
C SER D 61 -15.31 -2.00 -44.53
N TRP D 62 -15.49 -2.14 -43.21
CA TRP D 62 -16.44 -1.37 -42.41
C TRP D 62 -15.97 0.08 -42.20
N ASN D 63 -16.83 1.06 -42.49
CA ASN D 63 -16.47 2.47 -42.28
C ASN D 63 -16.13 2.77 -40.81
N TYR D 64 -16.96 2.22 -39.93
CA TYR D 64 -16.73 2.19 -38.49
C TYR D 64 -17.45 0.98 -37.88
N GLN D 65 -17.11 0.65 -36.64
CA GLN D 65 -17.56 -0.59 -36.00
C GLN D 65 -19.06 -0.80 -35.98
N GLY D 66 -19.80 0.07 -35.33
CA GLY D 66 -21.24 -0.12 -35.27
C GLY D 66 -21.99 0.17 -36.56
N ASP D 67 -21.25 0.41 -37.65
CA ASP D 67 -21.86 0.90 -38.90
C ASP D 67 -22.91 -0.08 -39.43
N ARG D 68 -24.10 0.45 -39.71
CA ARG D 68 -25.18 -0.35 -40.30
C ARG D 68 -24.80 -0.69 -41.74
N GLN D 69 -23.84 0.07 -42.29
CA GLN D 69 -23.26 -0.14 -43.61
C GLN D 69 -22.11 -1.18 -43.59
N VAL D 70 -22.40 -2.39 -44.10
CA VAL D 70 -21.52 -3.56 -44.09
C VAL D 70 -20.76 -3.74 -45.40
N PRO D 71 -19.53 -4.29 -45.38
CA PRO D 71 -18.76 -4.54 -46.62
C PRO D 71 -19.48 -5.42 -47.65
N SER D 72 -19.05 -5.31 -48.90
CA SER D 72 -19.68 -6.01 -50.00
C SER D 72 -18.66 -6.49 -51.02
N LEU D 73 -17.52 -5.83 -51.13
CA LEU D 73 -16.48 -6.26 -52.05
C LEU D 73 -15.58 -7.27 -51.38
N PRO D 74 -14.98 -8.18 -52.16
CA PRO D 74 -14.18 -9.24 -51.56
C PRO D 74 -12.69 -8.87 -51.35
N LEU D 75 -12.01 -9.54 -50.43
CA LEU D 75 -10.60 -9.31 -50.19
C LEU D 75 -9.76 -9.66 -51.43
N LEU D 76 -8.92 -8.72 -51.89
CA LEU D 76 -8.04 -8.96 -53.04
C LEU D 76 -6.59 -9.21 -52.60
N LYS D 77 -5.75 -9.74 -53.48
CA LYS D 77 -4.36 -10.05 -53.15
C LYS D 77 -3.41 -8.98 -53.70
N ARG D 78 -2.47 -8.54 -52.88
CA ARG D 78 -1.56 -7.50 -53.34
C ARG D 78 -0.66 -8.00 -54.45
N GLY D 79 -0.58 -7.24 -55.54
CA GLY D 79 0.18 -7.67 -56.70
C GLY D 79 -0.62 -8.33 -57.83
N ARG D 80 -1.63 -9.12 -57.49
CA ARG D 80 -2.44 -9.73 -58.54
C ARG D 80 -3.12 -8.67 -59.41
N SER D 81 -3.52 -9.04 -60.62
CA SER D 81 -4.24 -8.12 -61.49
C SER D 81 -5.65 -8.62 -61.63
N TYR D 82 -6.59 -7.68 -61.72
CA TYR D 82 -8.01 -8.02 -61.65
C TYR D 82 -8.80 -7.30 -62.73
N SER D 83 -10.02 -7.77 -62.93
CA SER D 83 -10.91 -7.21 -63.91
C SER D 83 -12.22 -6.82 -63.25
N LEU D 84 -12.51 -5.52 -63.26
CA LEU D 84 -13.75 -5.00 -62.68
C LEU D 84 -14.69 -4.68 -63.84
N THR D 85 -15.95 -5.11 -63.72
CA THR D 85 -16.89 -5.05 -64.85
C THR D 85 -18.28 -4.59 -64.45
N ARG D 86 -18.86 -3.63 -65.19
CA ARG D 86 -20.23 -3.15 -64.92
C ARG D 86 -21.20 -3.84 -65.86
N ASP D 87 -22.34 -4.22 -65.31
CA ASP D 87 -23.45 -4.75 -66.08
C ASP D 87 -24.58 -3.79 -65.76
N THR D 89 -26.98 -0.39 -68.01
CA THR D 89 -27.19 0.46 -69.17
C THR D 89 -27.74 1.79 -68.66
N SER D 90 -27.21 2.90 -69.18
CA SER D 90 -27.58 4.21 -68.68
C SER D 90 -27.89 5.18 -69.81
N TYR D 91 -28.92 6.00 -69.61
CA TYR D 91 -29.23 7.07 -70.55
C TYR D 91 -28.94 8.41 -69.90
N PRO D 92 -28.12 9.26 -70.55
CA PRO D 92 -27.44 9.03 -71.84
C PRO D 92 -26.40 7.91 -71.80
N SER D 93 -26.14 7.28 -72.94
CA SER D 93 -25.03 6.36 -73.07
C SER D 93 -23.74 7.06 -72.63
N GLU D 94 -22.89 6.33 -71.88
CA GLU D 94 -21.60 6.84 -71.42
C GLU D 94 -21.77 7.98 -70.42
N SER D 95 -22.85 7.97 -69.64
CA SER D 95 -23.09 9.05 -68.69
C SER D 95 -22.77 8.72 -67.22
N VAL D 96 -22.37 7.49 -66.95
CA VAL D 96 -22.02 7.08 -65.59
C VAL D 96 -20.60 6.55 -65.55
N PHE D 97 -19.78 7.12 -64.66
CA PHE D 97 -18.39 6.71 -64.54
C PHE D 97 -18.17 5.70 -63.40
N LEU D 98 -17.11 4.91 -63.50
CA LEU D 98 -16.80 3.90 -62.50
C LEU D 98 -15.46 4.24 -61.86
N LYS D 99 -15.46 4.62 -60.59
CA LYS D 99 -14.21 4.97 -59.91
C LYS D 99 -13.76 3.86 -58.95
N LEU D 100 -12.48 3.56 -58.98
CA LEU D 100 -11.91 2.56 -58.10
C LEU D 100 -10.89 3.23 -57.19
N ILE D 101 -11.09 3.16 -55.88
CA ILE D 101 -10.18 3.86 -54.96
C ILE D 101 -9.47 2.88 -54.03
N PHE D 102 -8.18 3.09 -53.78
CA PHE D 102 -7.40 2.17 -52.94
C PHE D 102 -6.93 2.89 -51.71
N PHE D 103 -7.18 2.32 -50.55
CA PHE D 103 -6.77 2.92 -49.29
C PHE D 103 -5.76 2.07 -48.55
N ASP D 104 -4.86 2.71 -47.81
CA ASP D 104 -3.97 1.95 -46.93
C ASP D 104 -4.54 1.80 -45.53
N ARG D 105 -3.73 1.20 -44.66
CA ARG D 105 -4.17 0.81 -43.33
C ARG D 105 -4.47 2.03 -42.46
N TYR D 106 -3.82 3.13 -42.80
CA TYR D 106 -4.02 4.38 -42.11
C TYR D 106 -5.15 5.19 -42.74
N ASN D 107 -5.90 4.58 -43.66
CA ASN D 107 -7.00 5.24 -44.37
C ASN D 107 -6.66 6.35 -45.36
N ARG D 108 -5.40 6.42 -45.78
CA ARG D 108 -4.99 7.37 -46.80
C ARG D 108 -5.23 6.79 -48.19
N GLU D 109 -5.60 7.60 -49.19
CA GLU D 109 -5.65 7.06 -50.56
C GLU D 109 -4.29 6.57 -51.02
N VAL D 110 -4.29 5.57 -51.86
CA VAL D 110 -3.05 5.14 -52.43
C VAL D 110 -3.10 5.56 -53.89
N SER D 111 -4.31 5.59 -54.45
CA SER D 111 -4.49 5.72 -55.89
C SER D 111 -5.97 5.65 -56.20
N ASN D 112 -6.36 6.16 -57.36
CA ASN D 112 -7.69 5.85 -57.92
C ASN D 112 -7.65 5.75 -59.43
N HIS D 113 -8.59 5.00 -59.98
CA HIS D 113 -8.80 4.93 -61.43
C HIS D 113 -10.26 5.26 -61.66
N VAL D 114 -10.51 6.15 -62.60
CA VAL D 114 -11.86 6.43 -63.03
C VAL D 114 -11.98 5.92 -64.47
N GLU D 115 -13.07 5.23 -64.77
CA GLU D 115 -13.23 4.57 -66.07
C GLU D 115 -14.56 4.93 -66.71
N ARG D 116 -14.53 5.21 -68.01
CA ARG D 116 -15.74 5.61 -68.72
C ARG D 116 -16.39 4.39 -69.32
N SER D 117 -15.52 3.43 -69.63
CA SER D 117 -15.89 2.14 -70.20
C SER D 117 -16.86 1.36 -69.32
N ASP D 118 -17.11 0.10 -69.67
CA ASP D 118 -17.89 -0.78 -68.82
C ASP D 118 -16.98 -1.86 -68.25
N LYS D 119 -15.70 -1.76 -68.57
CA LYS D 119 -14.74 -2.72 -68.08
C LYS D 119 -13.39 -2.05 -67.85
N THR D 121 -9.24 -2.89 -66.04
CA THR D 121 -8.37 -3.84 -65.38
C THR D 121 -7.36 -3.04 -64.58
N PHE D 122 -7.00 -3.55 -63.40
CA PHE D 122 -6.05 -2.87 -62.52
C PHE D 122 -5.19 -3.89 -61.82
N THR D 123 -4.03 -3.45 -61.35
CA THR D 123 -3.30 -4.24 -60.36
C THR D 123 -3.61 -3.71 -58.96
N TYR D 124 -3.94 -4.62 -58.04
CA TYR D 124 -4.11 -4.28 -56.62
C TYR D 124 -2.75 -3.94 -56.04
N PRO D 125 -2.56 -2.67 -55.65
CA PRO D 125 -1.26 -2.09 -55.28
C PRO D 125 -0.68 -2.70 -54.03
N GLU D 126 0.64 -2.79 -53.98
CA GLU D 126 1.32 -3.43 -52.88
C GLU D 126 1.00 -2.79 -51.52
N GLU D 127 0.51 -1.55 -51.54
CA GLU D 127 0.27 -0.84 -50.29
C GLU D 127 -1.19 -0.76 -49.91
N ALA D 128 -2.04 -1.52 -50.57
CA ALA D 128 -3.47 -1.38 -50.38
C ALA D 128 -3.95 -2.29 -49.26
N TYR D 129 -4.87 -1.79 -48.45
CA TYR D 129 -5.43 -2.59 -47.38
C TYR D 129 -6.92 -2.75 -47.63
N SER D 130 -7.54 -1.74 -48.20
CA SER D 130 -8.94 -1.88 -48.54
C SER D 130 -9.19 -1.13 -49.83
N TYR D 131 -10.39 -1.24 -50.38
CA TYR D 131 -10.72 -0.50 -51.56
C TYR D 131 -12.20 -0.23 -51.62
N LYS D 132 -12.55 0.81 -52.38
CA LYS D 132 -13.95 1.12 -52.66
C LYS D 132 -14.11 1.24 -54.16
N VAL D 133 -15.30 0.90 -54.64
CA VAL D 133 -15.71 1.31 -55.98
C VAL D 133 -16.94 2.19 -55.85
N GLN D 134 -16.96 3.25 -56.67
CA GLN D 134 -18.05 4.21 -56.73
C GLN D 134 -18.60 4.30 -58.14
N LEU D 135 -19.89 4.57 -58.23
CA LEU D 135 -20.49 5.06 -59.47
C LEU D 135 -20.57 6.57 -59.35
N LEU D 136 -19.87 7.26 -60.26
CA LEU D 136 -20.00 8.72 -60.42
C LEU D 136 -20.98 9.10 -61.52
N SER D 137 -21.60 10.26 -61.39
CA SER D 137 -22.53 10.80 -62.39
C SER D 137 -21.87 11.77 -63.34
N ALA D 138 -21.73 11.37 -64.61
CA ALA D 138 -21.35 12.31 -65.67
C ALA D 138 -22.63 12.78 -66.40
N GLY D 139 -23.58 13.28 -65.63
CA GLY D 139 -24.81 13.80 -66.19
C GLY D 139 -25.89 12.76 -66.50
N VAL D 140 -25.85 11.64 -65.80
CA VAL D 140 -26.85 10.60 -66.02
C VAL D 140 -28.25 11.13 -65.72
N GLU D 141 -29.24 10.59 -66.43
CA GLU D 141 -30.64 10.87 -66.16
C GLU D 141 -31.28 9.59 -65.62
N SER D 142 -31.10 8.47 -66.33
CA SER D 142 -31.66 7.17 -65.97
C SER D 142 -30.63 6.05 -66.13
N PHE D 143 -30.67 5.06 -65.23
CA PHE D 143 -29.97 3.80 -65.49
C PHE D 143 -30.68 2.59 -64.90
N GLU D 144 -30.40 1.43 -65.51
CA GLU D 144 -30.79 0.14 -64.95
C GLU D 144 -29.51 -0.58 -64.57
N PHE D 145 -29.39 -0.91 -63.29
CA PHE D 145 -28.17 -1.55 -62.80
C PHE D 145 -28.42 -3.01 -62.50
N HIS D 146 -27.51 -3.87 -62.97
CA HIS D 146 -27.57 -5.30 -62.66
C HIS D 146 -26.56 -5.68 -61.60
N CYS D 147 -25.27 -5.57 -61.93
CA CYS D 147 -24.25 -5.98 -60.99
C CYS D 147 -22.82 -5.52 -61.32
N LEU D 148 -21.89 -5.80 -60.40
CA LEU D 148 -20.46 -5.70 -60.65
C LEU D 148 -19.87 -7.12 -60.67
N ARG D 149 -18.74 -7.28 -61.35
CA ARG D 149 -18.02 -8.54 -61.36
C ARG D 149 -16.54 -8.28 -61.19
N ILE D 150 -15.93 -8.88 -60.18
CA ILE D 150 -14.49 -8.80 -60.03
C ILE D 150 -13.91 -10.17 -60.25
N GLU D 151 -13.00 -10.30 -61.21
CA GLU D 151 -12.36 -11.57 -61.49
C GLU D 151 -10.89 -11.38 -61.70
N GLU D 152 -10.11 -12.36 -61.29
CA GLU D 152 -8.65 -12.27 -61.37
C GLU D 152 -8.17 -12.66 -62.76
N ILE D 153 -7.16 -11.97 -63.24
CA ILE D 153 -6.54 -12.27 -64.52
C ILE D 153 -5.32 -13.15 -64.32
N LEU D 154 -5.49 -14.47 -64.48
CA LEU D 154 -4.39 -15.40 -64.17
C LEU D 154 -3.53 -15.69 -65.39
N TYR E 2 38.93 33.77 -18.04
CA TYR E 2 37.92 32.72 -18.03
C TYR E 2 36.64 33.12 -18.76
N TYR E 3 36.21 32.28 -19.68
CA TYR E 3 34.95 32.44 -20.39
C TYR E 3 34.04 31.31 -19.94
N PHE E 4 32.78 31.64 -19.63
CA PHE E 4 31.80 30.61 -19.30
C PHE E 4 30.79 30.45 -20.43
N ILE E 5 30.49 29.20 -20.77
CA ILE E 5 29.47 28.92 -21.77
C ILE E 5 28.37 28.07 -21.16
N PRO E 6 27.35 28.74 -20.60
CA PRO E 6 26.30 28.00 -19.90
C PRO E 6 25.37 27.24 -20.84
N SER E 7 24.71 26.24 -20.29
CA SER E 7 23.58 25.61 -20.96
C SER E 7 22.34 26.14 -20.30
N TRP E 8 21.79 27.21 -20.86
CA TRP E 8 20.57 27.76 -20.30
C TRP E 8 19.48 27.61 -21.34
N SER E 9 18.72 26.52 -21.26
CA SER E 9 17.89 26.13 -22.39
C SER E 9 16.41 26.38 -22.20
N GLY E 10 15.67 26.21 -23.28
CA GLY E 10 14.22 26.22 -23.22
C GLY E 10 13.80 24.78 -23.13
N SER E 11 12.53 24.54 -22.81
CA SER E 11 12.10 23.19 -22.48
C SER E 11 11.28 22.48 -23.56
N GLY E 12 11.53 22.82 -24.83
CA GLY E 12 10.78 22.27 -25.93
C GLY E 12 11.69 21.82 -27.04
N LYS E 13 11.20 21.78 -28.28
CA LYS E 13 12.03 21.35 -29.39
C LYS E 13 13.06 22.41 -29.73
N ARG E 14 12.65 23.66 -29.65
CA ARG E 14 13.60 24.74 -29.82
C ARG E 14 14.26 24.97 -28.47
N VAL E 15 15.43 24.35 -28.28
CA VAL E 15 16.12 24.39 -26.99
C VAL E 15 16.82 25.71 -26.80
N TRP E 16 17.13 26.36 -27.92
CA TRP E 16 17.85 27.61 -27.86
C TRP E 16 16.90 28.77 -27.57
N HIS E 17 15.61 28.50 -27.44
CA HIS E 17 14.64 29.54 -27.15
C HIS E 17 14.12 29.35 -25.73
N ARG E 18 14.61 30.16 -24.80
CA ARG E 18 14.13 30.16 -23.42
C ARG E 18 12.61 30.31 -23.36
N ASP E 19 11.95 29.64 -22.41
CA ASP E 19 10.50 29.72 -22.25
C ASP E 19 10.03 31.11 -21.86
N ILE E 20 8.84 31.47 -22.32
CA ILE E 20 8.23 32.74 -21.95
C ILE E 20 6.98 32.40 -21.16
N ILE E 21 6.94 32.81 -19.88
CA ILE E 21 5.93 32.34 -18.94
C ILE E 21 5.47 33.50 -18.05
N PRO E 22 4.15 33.68 -17.93
CA PRO E 22 3.54 34.76 -17.13
C PRO E 22 3.85 34.54 -15.68
N TRP E 23 3.68 35.54 -14.83
CA TRP E 23 4.12 35.38 -13.45
C TRP E 23 3.26 34.33 -12.76
N TYR E 24 1.96 34.43 -13.00
CA TYR E 24 0.98 33.59 -12.34
C TYR E 24 1.10 32.10 -12.67
N ARG E 25 1.92 31.76 -13.66
CA ARG E 25 1.96 30.37 -14.13
C ARG E 25 3.32 29.83 -13.87
N SER E 26 4.15 30.61 -13.20
CA SER E 26 5.52 30.17 -12.95
C SER E 26 5.53 28.97 -12.02
N GLN E 28 8.34 25.62 -10.58
CA GLN E 28 9.73 25.52 -10.14
C GLN E 28 10.45 24.28 -10.68
N ARG E 29 11.19 24.49 -11.77
CA ARG E 29 12.34 23.65 -12.08
C ARG E 29 13.61 24.45 -11.77
N LEU E 30 14.61 23.78 -11.22
CA LEU E 30 15.83 24.39 -10.69
C LEU E 30 16.51 25.42 -11.60
N GLU E 31 16.53 26.69 -11.17
CA GLU E 31 17.11 27.77 -11.98
C GLU E 31 18.56 28.06 -11.60
N PHE E 32 18.89 27.81 -10.34
CA PHE E 32 20.26 27.86 -9.89
C PHE E 32 21.04 26.77 -10.60
N ASP E 33 22.35 26.95 -10.68
CA ASP E 33 23.15 26.32 -11.71
C ASP E 33 24.56 26.18 -11.25
N ASP E 34 25.25 25.15 -11.72
CA ASP E 34 26.69 25.03 -11.48
C ASP E 34 27.43 26.22 -12.12
N THR E 35 26.98 26.67 -13.29
CA THR E 35 27.65 27.80 -13.94
C THR E 35 27.52 29.04 -13.09
N ILE E 36 26.31 29.28 -12.61
CA ILE E 36 26.04 30.40 -11.74
C ILE E 36 26.94 30.36 -10.50
N HIS E 37 26.96 29.24 -9.81
CA HIS E 37 27.87 29.02 -8.69
C HIS E 37 29.33 29.41 -8.99
N GLN E 38 29.85 28.96 -10.13
CA GLN E 38 31.23 29.22 -10.46
C GLN E 38 31.52 30.70 -10.72
N ILE E 39 30.70 31.36 -11.51
CA ILE E 39 30.88 32.78 -11.80
C ILE E 39 30.86 33.61 -10.53
N ARG E 40 29.94 33.32 -9.63
CA ARG E 40 29.85 34.02 -8.36
C ARG E 40 31.20 34.03 -7.62
N ILE E 41 31.96 32.95 -7.73
CA ILE E 41 33.31 32.88 -7.13
C ILE E 41 34.25 33.90 -7.77
N PHE E 42 34.38 33.87 -9.08
CA PHE E 42 35.16 34.86 -9.80
C PHE E 42 34.82 36.31 -9.46
N HIS E 43 33.66 36.55 -8.89
CA HIS E 43 33.28 37.92 -8.60
C HIS E 43 33.65 38.29 -7.18
N SER E 44 33.61 37.32 -6.27
CA SER E 44 33.95 37.61 -4.88
C SER E 44 35.42 38.00 -4.80
N GLU E 45 36.28 37.25 -5.48
CA GLU E 45 37.70 37.56 -5.59
C GLU E 45 37.93 38.20 -6.96
N ASN E 46 37.99 39.52 -7.02
CA ASN E 46 37.74 40.25 -8.28
C ASN E 46 38.41 39.85 -9.60
N LEU E 47 38.54 38.56 -9.86
CA LEU E 47 39.10 38.04 -11.11
C LEU E 47 38.21 38.33 -12.32
N PRO E 48 38.82 38.47 -13.50
CA PRO E 48 38.03 38.84 -14.68
C PRO E 48 37.37 37.59 -15.28
N VAL E 49 36.19 37.77 -15.87
CA VAL E 49 35.39 36.67 -16.35
C VAL E 49 34.41 37.19 -17.39
N LYS E 50 34.06 36.37 -18.37
CA LYS E 50 33.05 36.76 -19.35
C LYS E 50 32.11 35.59 -19.63
N LEU E 51 30.87 35.92 -19.99
CA LEU E 51 29.81 34.96 -20.24
C LEU E 51 29.54 34.95 -21.75
N LEU E 52 29.38 33.76 -22.33
CA LEU E 52 29.08 33.62 -23.76
C LEU E 52 27.72 32.94 -23.96
N LEU E 53 26.72 33.72 -24.37
CA LEU E 53 25.34 33.25 -24.36
C LEU E 53 24.83 32.83 -25.72
N GLN E 54 24.43 31.57 -25.87
CA GLN E 54 23.93 31.12 -27.15
C GLN E 54 22.42 31.19 -27.25
N ALA E 55 21.72 31.14 -26.12
CA ALA E 55 20.27 31.08 -26.15
C ALA E 55 19.64 32.43 -26.42
N TYR E 56 18.43 32.39 -26.97
CA TYR E 56 17.63 33.58 -27.08
C TYR E 56 16.92 33.75 -25.75
N PRO E 58 15.15 37.02 -24.01
CA PRO E 58 14.78 38.44 -23.92
C PRO E 58 14.70 38.91 -22.49
N HIS E 59 14.56 38.02 -21.53
CA HIS E 59 14.44 38.48 -20.15
C HIS E 59 15.71 38.20 -19.33
N ALA E 60 16.88 38.26 -19.96
CA ALA E 60 18.14 37.86 -19.34
C ALA E 60 18.71 38.76 -18.23
N ARG E 61 18.36 40.04 -18.25
CA ARG E 61 18.85 40.95 -17.23
C ARG E 61 18.18 40.65 -15.92
N TYR E 62 16.87 40.44 -15.90
CA TYR E 62 16.25 40.12 -14.61
C TYR E 62 16.73 38.75 -14.15
N PHE E 63 17.10 37.90 -15.10
CA PHE E 63 17.56 36.57 -14.78
C PHE E 63 18.90 36.62 -14.11
N LEU E 64 19.81 37.35 -14.74
CA LEU E 64 21.18 37.48 -14.28
C LEU E 64 21.14 38.09 -12.90
N HIS E 65 20.30 39.12 -12.76
CA HIS E 65 20.17 39.88 -11.52
C HIS E 65 19.68 39.02 -10.36
N ARG E 66 18.65 38.26 -10.66
CA ARG E 66 18.02 37.36 -9.73
C ARG E 66 19.00 36.35 -9.22
N GLN E 67 20.01 36.06 -10.04
CA GLN E 67 20.94 35.00 -9.77
C GLN E 67 22.25 35.58 -9.33
N ASP E 68 22.21 36.86 -8.97
CA ASP E 68 23.36 37.59 -8.42
C ASP E 68 24.59 37.62 -9.30
N ILE E 69 24.39 37.62 -10.61
CA ILE E 69 25.51 37.78 -11.51
C ILE E 69 25.21 38.88 -12.52
N PHE E 70 24.44 39.88 -12.09
CA PHE E 70 24.06 40.94 -13.00
C PHE E 70 25.27 41.71 -13.50
N GLU E 71 26.33 41.68 -12.74
CA GLU E 71 27.48 42.52 -13.01
C GLU E 71 28.41 41.88 -14.05
N THR E 72 28.33 40.56 -14.20
CA THR E 72 29.06 39.82 -15.22
C THR E 72 29.00 40.42 -16.62
N GLU E 73 30.17 40.57 -17.23
CA GLU E 73 30.29 40.95 -18.64
C GLU E 73 29.82 39.80 -19.53
N TYR E 74 29.12 40.11 -20.61
CA TYR E 74 28.64 39.03 -21.48
C TYR E 74 28.56 39.40 -22.95
N TYR E 75 28.83 38.40 -23.78
CA TYR E 75 28.58 38.47 -25.21
C TYR E 75 27.33 37.64 -25.48
N SER E 76 26.42 38.10 -26.34
CA SER E 76 25.24 37.28 -26.61
C SER E 76 24.99 37.04 -28.10
N VAL E 77 24.97 35.78 -28.51
CA VAL E 77 24.68 35.46 -29.90
C VAL E 77 23.45 36.19 -30.41
N PHE E 78 22.33 36.08 -29.73
CA PHE E 78 21.11 36.69 -30.23
C PHE E 78 21.15 38.21 -30.18
N ASP E 79 22.03 38.74 -29.36
CA ASP E 79 22.22 40.18 -29.33
C ASP E 79 22.95 40.66 -30.59
N GLU E 80 23.99 39.91 -31.02
CA GLU E 80 24.64 40.18 -32.31
C GLU E 80 23.63 40.02 -33.43
N ILE E 81 22.90 38.91 -33.40
CA ILE E 81 21.85 38.68 -34.39
C ILE E 81 20.85 39.82 -34.51
N GLN E 82 20.35 40.32 -33.37
CA GLN E 82 19.30 41.36 -33.41
C GLN E 82 19.84 42.78 -33.37
N ALA E 83 21.17 42.91 -33.43
CA ALA E 83 21.83 44.21 -33.51
C ALA E 83 21.49 45.10 -32.32
N VAL E 84 21.53 44.52 -31.13
CA VAL E 84 21.25 45.28 -29.93
C VAL E 84 22.55 45.88 -29.48
N GLU E 85 22.68 47.18 -29.71
CA GLU E 85 23.93 47.89 -29.46
C GLU E 85 24.17 48.19 -27.99
N SER E 86 23.10 48.47 -27.25
CA SER E 86 23.24 48.90 -25.85
C SER E 86 22.66 47.97 -24.78
N ASN E 87 23.16 48.10 -23.56
CA ASN E 87 22.55 47.40 -22.48
C ASN E 87 21.63 48.28 -21.64
N ASP E 88 21.44 49.51 -22.09
CA ASP E 88 20.58 50.49 -21.42
C ASP E 88 19.16 49.95 -21.27
N GLN E 90 15.29 50.60 -20.28
CA GLN E 90 14.19 51.52 -20.03
C GLN E 90 13.01 50.70 -19.58
N VAL E 91 12.61 50.80 -18.32
CA VAL E 91 11.50 49.98 -17.83
C VAL E 91 10.19 50.50 -18.41
N LEU E 92 9.61 49.77 -19.34
CA LEU E 92 8.44 50.27 -20.06
C LEU E 92 7.21 50.34 -19.17
N GLN E 93 6.61 51.53 -19.10
CA GLN E 93 5.30 51.67 -18.49
C GLN E 93 4.29 51.37 -19.56
N ILE E 94 3.08 51.00 -19.16
CA ILE E 94 2.09 50.59 -20.14
C ILE E 94 1.70 51.78 -21.03
N LYS E 95 1.67 52.96 -20.43
CA LYS E 95 1.23 54.17 -21.12
C LYS E 95 2.08 54.54 -22.33
N ASP E 96 3.36 54.22 -22.31
CA ASP E 96 4.24 54.65 -23.40
C ASP E 96 4.38 53.62 -24.53
N LEU E 97 3.39 52.74 -24.61
CA LEU E 97 3.16 51.92 -25.78
C LEU E 97 2.08 52.62 -26.58
N GLU E 98 2.28 52.77 -27.88
CA GLU E 98 1.35 53.58 -28.66
C GLU E 98 0.04 52.84 -28.92
N TRP E 99 -0.92 52.97 -28.01
CA TRP E 99 -2.22 52.34 -28.18
C TRP E 99 -3.12 53.27 -28.97
N GLU E 100 -4.15 52.72 -29.61
CA GLU E 100 -5.13 53.54 -30.31
C GLU E 100 -5.92 54.40 -29.34
N ASP E 101 -6.69 55.34 -29.89
CA ASP E 101 -7.47 56.26 -29.08
C ASP E 101 -8.79 55.66 -28.64
N ASP E 102 -9.05 54.43 -29.05
CA ASP E 102 -10.30 53.78 -28.73
C ASP E 102 -10.08 52.49 -27.98
N CYS E 103 -9.06 52.46 -27.14
CA CYS E 103 -8.71 51.22 -26.45
C CYS E 103 -9.19 51.21 -25.02
N GLU E 104 -9.90 50.15 -24.65
CA GLU E 104 -10.40 50.01 -23.28
C GLU E 104 -9.53 49.03 -22.46
N PHE E 105 -9.18 49.42 -21.25
CA PHE E 105 -8.31 48.60 -20.42
C PHE E 105 -9.01 48.00 -19.20
N ILE E 106 -9.11 46.69 -19.15
CA ILE E 106 -9.72 46.00 -18.04
C ILE E 106 -8.67 45.17 -17.28
N TYR E 107 -8.56 45.36 -15.97
CA TYR E 107 -7.50 44.71 -15.21
C TYR E 107 -7.91 43.44 -14.46
N THR E 108 -7.69 42.26 -15.05
CA THR E 108 -7.69 40.99 -14.31
C THR E 108 -6.76 41.10 -13.09
N PRO E 109 -6.87 40.18 -12.13
CA PRO E 109 -5.74 40.15 -11.19
C PRO E 109 -4.52 39.45 -11.78
N PHE E 110 -4.64 39.00 -13.02
CA PHE E 110 -3.58 38.23 -13.66
C PHE E 110 -2.95 38.95 -14.85
N LEU E 111 -3.75 39.68 -15.62
CA LEU E 111 -3.23 40.40 -16.75
C LEU E 111 -4.01 41.67 -17.02
N ILE E 112 -3.92 42.17 -18.25
CA ILE E 112 -4.69 43.34 -18.64
C ILE E 112 -5.38 43.04 -19.94
N ILE E 113 -6.70 43.12 -19.93
CA ILE E 113 -7.49 42.88 -21.12
C ILE E 113 -7.62 44.18 -21.86
N VAL E 114 -7.38 44.16 -23.17
CA VAL E 114 -7.52 45.37 -23.95
C VAL E 114 -8.60 45.15 -24.99
N ARG E 115 -9.67 45.93 -24.89
CA ARG E 115 -10.76 45.88 -25.86
C ARG E 115 -10.82 47.16 -26.66
N ARG E 116 -11.33 47.05 -27.88
CA ARG E 116 -11.59 48.22 -28.72
C ARG E 116 -12.88 48.02 -29.52
N GLN E 117 -13.83 48.94 -29.30
CA GLN E 117 -15.19 48.85 -29.85
C GLN E 117 -15.90 47.60 -29.36
N GLY E 118 -15.65 47.25 -28.10
CA GLY E 118 -16.27 46.08 -27.49
C GLY E 118 -15.55 44.77 -27.76
N GLN E 119 -14.92 44.67 -28.94
CA GLN E 119 -14.19 43.46 -29.35
C GLN E 119 -12.80 43.28 -28.69
N LEU E 120 -12.45 42.03 -28.39
CA LEU E 120 -11.14 41.71 -27.83
C LEU E 120 -10.01 42.16 -28.75
N TYR E 121 -9.03 42.89 -28.19
CA TYR E 121 -7.84 43.33 -28.94
C TYR E 121 -6.59 42.57 -28.51
N ALA E 122 -6.30 42.64 -27.22
CA ALA E 122 -5.02 42.22 -26.71
C ALA E 122 -5.03 41.83 -25.23
N HIS E 123 -4.11 40.94 -24.88
CA HIS E 123 -3.76 40.66 -23.50
C HIS E 123 -2.34 41.16 -23.24
N VAL E 124 -2.16 41.96 -22.20
CA VAL E 124 -0.83 42.42 -21.80
C VAL E 124 -0.42 41.61 -20.57
N GLU E 125 0.61 40.78 -20.71
CA GLU E 125 1.04 39.93 -19.61
C GLU E 125 2.38 40.34 -18.99
N PHE E 126 2.63 39.98 -17.74
CA PHE E 126 3.81 40.43 -17.01
C PHE E 126 4.73 39.29 -16.58
N GLY E 127 6.02 39.57 -16.46
CA GLY E 127 6.96 38.58 -15.97
C GLY E 127 6.95 38.59 -14.46
N VAL E 128 7.67 37.66 -13.84
CA VAL E 128 7.71 37.58 -12.37
C VAL E 128 8.15 38.86 -11.67
N GLU E 129 9.12 39.55 -12.25
CA GLU E 129 9.65 40.77 -11.66
C GLU E 129 8.77 41.98 -11.91
N GLY E 130 7.80 41.84 -12.79
CA GLY E 130 6.79 42.86 -12.94
C GLY E 130 6.86 43.71 -14.19
N PHE E 131 7.85 43.46 -15.02
CA PHE E 131 7.99 44.19 -16.28
C PHE E 131 7.03 43.60 -17.30
N ILE E 132 6.78 44.33 -18.39
CA ILE E 132 5.94 43.81 -19.47
C ILE E 132 6.65 42.69 -20.23
N SER E 133 6.08 41.49 -20.22
CA SER E 133 6.78 40.32 -20.72
C SER E 133 6.44 40.03 -22.16
N PHE E 134 5.15 40.05 -22.46
CA PHE E 134 4.66 39.81 -23.80
C PHE E 134 3.23 40.27 -23.92
N ILE E 135 2.83 40.61 -25.14
CA ILE E 135 1.47 40.99 -25.42
C ILE E 135 0.94 40.11 -26.53
N LYS E 136 -0.20 39.45 -26.27
CA LYS E 136 -0.94 38.71 -27.28
C LYS E 136 -1.90 39.65 -27.98
N PHE E 137 -1.99 39.53 -29.30
CA PHE E 137 -2.90 40.37 -30.12
C PHE E 137 -3.93 39.52 -30.86
N PHE E 138 -5.18 39.97 -30.83
CA PHE E 138 -6.31 39.26 -31.43
C PHE E 138 -7.00 40.06 -32.54
N LYS E 139 -7.59 39.33 -33.47
CA LYS E 139 -8.46 39.90 -34.50
C LYS E 139 -9.58 38.92 -34.79
N ASP E 140 -10.82 39.37 -34.58
CA ASP E 140 -11.99 38.51 -34.73
C ASP E 140 -11.89 37.32 -33.78
N ASP E 141 -11.78 37.63 -32.49
CA ASP E 141 -11.70 36.62 -31.45
C ASP E 141 -10.68 35.49 -31.73
N GLN E 142 -9.79 35.68 -32.70
CA GLN E 142 -8.69 34.74 -32.88
C GLN E 142 -7.31 35.39 -32.66
N LEU E 143 -6.38 34.63 -32.09
CA LEU E 143 -5.02 35.09 -31.81
C LEU E 143 -4.21 35.16 -33.09
N GLU E 144 -3.81 36.37 -33.49
CA GLU E 144 -3.03 36.54 -34.73
C GLU E 144 -1.51 36.66 -34.53
N LYS E 145 -1.08 37.46 -33.55
CA LYS E 145 0.34 37.60 -33.27
C LYS E 145 0.65 37.79 -31.80
N LEU E 146 1.85 37.33 -31.41
CA LEU E 146 2.39 37.48 -30.06
C LEU E 146 3.66 38.30 -30.08
N ASN E 147 3.68 39.42 -29.35
CA ASN E 147 4.89 40.24 -29.18
C ASN E 147 5.68 39.88 -27.93
N ILE E 148 6.92 39.42 -28.09
CA ILE E 148 7.77 39.16 -26.94
C ILE E 148 8.66 40.37 -26.65
N PHE E 149 8.56 40.93 -25.45
CA PHE E 149 9.32 42.12 -25.07
C PHE E 149 10.69 41.82 -24.48
N ASP E 150 11.62 42.74 -24.69
CA ASP E 150 12.94 42.63 -24.09
C ASP E 150 12.98 43.33 -22.72
N ASP E 151 13.73 42.74 -21.81
CA ASP E 151 14.17 43.34 -20.56
C ASP E 151 14.42 44.81 -20.54
N ARG E 152 15.12 45.27 -21.58
CA ARG E 152 15.66 46.61 -21.67
C ARG E 152 14.69 47.53 -22.38
N GLY E 153 13.50 47.04 -22.67
CA GLY E 153 12.43 47.93 -23.09
C GLY E 153 12.22 48.13 -24.58
N PHE E 154 12.19 47.04 -25.32
CA PHE E 154 11.82 47.11 -26.74
C PHE E 154 11.18 45.79 -27.20
N VAL E 155 10.44 45.82 -28.30
CA VAL E 155 9.83 44.59 -28.79
C VAL E 155 10.89 43.74 -29.46
N SER E 156 11.21 42.62 -28.84
CA SER E 156 12.32 41.80 -29.29
C SER E 156 11.93 40.88 -30.43
N SER E 157 10.69 40.42 -30.43
CA SER E 157 10.33 39.27 -31.21
C SER E 157 8.87 39.29 -31.55
N ILE E 158 8.51 38.83 -32.74
CA ILE E 158 7.09 38.65 -33.02
C ILE E 158 6.76 37.25 -33.53
N VAL E 159 5.83 36.59 -32.87
CA VAL E 159 5.39 35.28 -33.33
C VAL E 159 4.04 35.42 -34.01
N TYR E 160 3.95 34.95 -35.25
CA TYR E 160 2.71 35.05 -36.04
C TYR E 160 1.93 33.74 -36.06
N TYR E 161 0.61 33.83 -35.92
CA TYR E 161 -0.25 32.65 -35.85
C TYR E 161 -1.17 32.49 -37.06
N GLU E 162 -1.19 31.28 -37.61
CA GLU E 162 -2.12 30.92 -38.68
C GLU E 162 -3.16 29.92 -38.17
N ASP E 163 -4.38 30.40 -37.90
CA ASP E 163 -5.43 29.54 -37.35
C ASP E 163 -4.98 28.86 -36.06
N GLY E 164 -4.46 29.65 -35.12
CA GLY E 164 -4.08 29.15 -33.81
C GLY E 164 -2.73 28.44 -33.73
N GLN E 165 -2.12 28.20 -34.89
CA GLN E 165 -0.80 27.56 -34.95
C GLN E 165 0.30 28.58 -35.25
N GLU E 166 1.40 28.54 -34.51
CA GLU E 166 2.50 29.44 -34.80
C GLU E 166 3.17 29.06 -36.12
N VAL E 167 3.35 30.03 -37.01
CA VAL E 167 3.96 29.75 -38.31
C VAL E 167 5.37 30.29 -38.48
N CYS E 168 5.65 31.46 -37.90
CA CYS E 168 7.01 32.00 -37.89
C CYS E 168 7.24 33.05 -36.79
N GLN E 169 8.51 33.39 -36.60
CA GLN E 169 8.94 34.34 -35.58
C GLN E 169 9.92 35.34 -36.18
N ASP E 170 9.61 36.63 -36.10
CA ASP E 170 10.55 37.68 -36.51
C ASP E 170 11.38 38.17 -35.34
N TYR E 171 12.70 38.20 -35.53
CA TYR E 171 13.58 38.76 -34.51
C TYR E 171 13.95 40.18 -34.93
N LEU E 172 13.55 41.15 -34.12
CA LEU E 172 13.66 42.57 -34.48
C LEU E 172 14.90 43.19 -33.90
N ASN E 173 15.34 44.31 -34.51
CA ASN E 173 16.36 45.17 -33.89
C ASN E 173 15.62 46.09 -32.95
N PRO E 174 16.34 46.71 -31.99
CA PRO E 174 15.63 47.53 -31.01
C PRO E 174 14.87 48.67 -31.63
N ASN E 175 15.00 48.82 -32.93
CA ASN E 175 14.31 49.87 -33.61
C ASN E 175 13.03 49.41 -34.30
N GLY E 176 12.83 48.10 -34.39
CA GLY E 176 11.59 47.59 -34.91
C GLY E 176 11.68 46.85 -36.23
N ASP E 177 12.87 46.83 -36.82
CA ASP E 177 13.07 46.24 -38.14
C ASP E 177 13.44 44.77 -38.02
N TRP E 178 12.88 43.91 -38.86
CA TRP E 178 13.15 42.49 -38.70
C TRP E 178 14.50 42.14 -39.28
N ARG E 179 15.28 41.40 -38.50
CA ARG E 179 16.62 41.04 -38.89
C ARG E 179 16.63 39.64 -39.47
N ILE E 180 15.93 38.70 -38.82
CA ILE E 180 15.77 37.36 -39.37
C ILE E 180 14.36 36.88 -39.10
N ARG E 181 13.88 36.01 -39.98
CA ARG E 181 12.63 35.28 -39.76
C ARG E 181 12.92 33.80 -39.59
N GLU E 182 12.34 33.19 -38.56
CA GLU E 182 12.44 31.75 -38.35
C GLU E 182 11.10 31.10 -38.66
N TYR E 183 11.09 30.14 -39.57
CA TYR E 183 9.85 29.46 -39.96
C TYR E 183 9.60 28.25 -39.07
N LEU E 184 8.35 28.10 -38.60
CA LEU E 184 8.04 27.20 -37.49
C LEU E 184 7.09 26.05 -37.79
N LYS E 185 7.25 25.46 -38.97
CA LYS E 185 6.62 24.17 -39.26
C LYS E 185 7.78 23.28 -39.75
N PHE E 186 8.97 23.87 -39.58
CA PHE E 186 10.29 23.34 -39.95
C PHE E 186 10.61 23.49 -41.44
N HIS E 190 13.99 26.33 -40.09
CA HIS E 190 14.48 27.06 -41.29
C HIS E 190 14.43 28.61 -41.20
N VAL E 191 15.59 29.27 -41.37
CA VAL E 191 15.74 30.69 -41.03
C VAL E 191 16.25 31.57 -42.16
N VAL E 192 15.49 32.61 -42.50
CA VAL E 192 15.90 33.54 -43.57
C VAL E 192 16.33 34.94 -43.05
N VAL E 193 17.36 35.53 -43.66
CA VAL E 193 17.90 36.84 -43.25
C VAL E 193 17.34 37.94 -44.13
N ASN E 194 16.93 39.06 -43.53
CA ASN E 194 16.58 40.30 -44.27
C ASN E 194 17.76 40.82 -45.09
N PRO E 195 17.56 40.98 -46.42
CA PRO E 195 18.66 41.33 -47.32
C PRO E 195 19.34 42.61 -46.88
N VAL E 196 18.55 43.56 -46.41
CA VAL E 196 19.06 44.83 -45.88
C VAL E 196 20.27 44.69 -44.94
N PHE E 197 20.29 43.62 -44.15
CA PHE E 197 21.35 43.45 -43.17
C PHE E 197 22.30 42.30 -43.52
N SER E 198 22.49 42.06 -44.82
CA SER E 198 23.40 41.02 -45.31
C SER E 198 24.79 41.05 -44.71
N ARG E 199 25.29 42.23 -44.38
CA ARG E 199 26.68 42.35 -43.93
C ARG E 199 26.93 41.60 -42.64
N ASP E 200 25.89 41.49 -41.83
CA ASP E 200 26.06 40.97 -40.49
C ASP E 200 25.86 39.46 -40.46
N PHE E 201 25.70 38.87 -41.64
CA PHE E 201 25.49 37.44 -41.77
C PHE E 201 26.33 36.84 -42.90
N ASP E 202 26.64 35.55 -42.79
CA ASP E 202 27.51 34.88 -43.75
C ASP E 202 26.71 34.26 -44.86
N LYS E 203 25.47 33.91 -44.56
CA LYS E 203 24.58 33.27 -45.51
C LYS E 203 23.30 34.08 -45.51
N LEU E 204 22.42 33.85 -46.45
CA LEU E 204 21.20 34.65 -46.49
C LEU E 204 20.05 33.77 -46.11
N GLU E 205 20.32 32.47 -46.03
CA GLU E 205 19.42 31.53 -45.38
C GLU E 205 20.21 30.51 -44.58
N TYR E 206 19.58 30.00 -43.54
CA TYR E 206 20.21 29.01 -42.69
C TYR E 206 19.23 27.84 -42.55
N GLU E 207 19.77 26.62 -42.56
CA GLU E 207 18.95 25.41 -42.56
C GLU E 207 18.16 25.25 -41.25
N CYS E 208 18.81 25.48 -40.13
CA CYS E 208 18.15 25.51 -38.84
C CYS E 208 18.84 26.54 -37.98
N PRO E 210 20.31 26.57 -34.93
CA PRO E 210 21.64 26.25 -34.42
C PRO E 210 22.80 26.55 -35.34
N ASP E 211 22.57 26.46 -36.65
CA ASP E 211 23.63 26.76 -37.59
C ASP E 211 24.08 28.21 -37.44
N LEU E 212 23.13 29.12 -37.59
CA LEU E 212 23.37 30.55 -37.39
C LEU E 212 24.02 30.81 -36.04
N ILE E 213 23.48 30.20 -35.00
CA ILE E 213 24.01 30.37 -33.67
C ILE E 213 25.48 29.98 -33.63
N LEU E 214 25.83 28.81 -34.15
CA LEU E 214 27.21 28.33 -34.10
C LEU E 214 28.16 29.19 -34.93
N GLU E 215 27.62 29.80 -35.99
CA GLU E 215 28.38 30.75 -36.80
C GLU E 215 28.90 31.86 -35.93
N LYS E 216 27.95 32.50 -35.24
CA LYS E 216 28.20 33.68 -34.42
C LYS E 216 29.10 33.39 -33.22
N LEU E 217 28.78 32.33 -32.49
CA LEU E 217 29.55 31.98 -31.29
C LEU E 217 30.95 31.60 -31.70
N GLY E 218 31.05 30.91 -32.83
CA GLY E 218 32.34 30.56 -33.42
C GLY E 218 33.17 31.79 -33.72
N TYR E 219 32.66 32.67 -34.57
CA TYR E 219 33.38 33.89 -34.88
C TYR E 219 33.83 34.65 -33.63
N TYR E 220 33.10 34.58 -32.54
CA TYR E 220 33.54 35.32 -31.37
C TYR E 220 34.80 34.69 -30.76
N ILE E 221 34.76 33.38 -30.53
CA ILE E 221 35.86 32.64 -29.93
C ILE E 221 37.17 32.73 -30.74
N SER E 222 37.04 32.83 -32.05
CA SER E 222 38.19 32.95 -32.95
C SER E 222 38.84 34.34 -32.95
N HIS E 223 38.02 35.37 -33.09
CA HIS E 223 38.53 36.71 -33.35
C HIS E 223 38.51 37.67 -32.15
N ASN E 224 38.07 37.22 -30.97
CA ASN E 224 37.98 38.11 -29.80
C ASN E 224 38.59 37.55 -28.53
N VAL E 225 38.48 36.24 -28.37
CA VAL E 225 39.03 35.59 -27.21
C VAL E 225 40.49 35.33 -27.46
N GLU E 226 41.34 36.05 -26.75
CA GLU E 226 42.76 35.80 -26.83
C GLU E 226 43.32 36.08 -25.44
N GLU E 227 44.33 35.33 -25.00
CA GLU E 227 44.89 34.16 -25.67
C GLU E 227 45.45 33.34 -24.53
N ASP E 228 45.56 32.03 -24.70
CA ASP E 228 45.83 31.15 -23.55
C ASP E 228 44.74 31.39 -22.49
N SER E 229 43.49 31.44 -22.96
CA SER E 229 42.35 31.68 -22.09
C SER E 229 41.73 30.37 -21.65
N ARG E 230 40.78 30.45 -20.73
CA ARG E 230 40.16 29.25 -20.16
C ARG E 230 38.64 29.21 -20.37
N PHE E 231 38.12 28.06 -20.78
CA PHE E 231 36.69 27.94 -21.08
C PHE E 231 35.99 26.94 -20.15
N VAL E 232 34.93 27.38 -19.49
CA VAL E 232 34.14 26.49 -18.67
C VAL E 232 32.85 26.20 -19.41
N VAL E 233 32.75 25.00 -19.95
CA VAL E 233 31.59 24.57 -20.70
C VAL E 233 30.66 23.72 -19.84
N ALA E 234 29.42 24.18 -19.68
CA ALA E 234 28.41 23.40 -18.97
C ALA E 234 28.01 22.29 -19.91
N ALA E 235 28.07 21.06 -19.46
CA ALA E 235 27.82 19.90 -20.31
C ALA E 235 26.40 19.92 -20.85
N GLN E 236 26.28 20.18 -22.15
CA GLN E 236 25.01 20.22 -22.88
C GLN E 236 24.33 18.84 -22.78
N PRO E 237 23.01 18.83 -22.47
CA PRO E 237 22.25 17.59 -22.24
C PRO E 237 22.02 16.83 -23.55
N PHE E 238 22.92 17.08 -24.51
CA PHE E 238 22.99 16.45 -25.83
C PHE E 238 24.42 15.94 -25.98
N THR E 239 25.07 16.27 -27.09
CA THR E 239 26.52 16.05 -27.20
C THR E 239 27.21 17.42 -27.21
N ASN E 240 28.44 17.47 -26.67
CA ASN E 240 29.14 18.74 -26.48
C ASN E 240 30.06 19.12 -27.63
N GLN E 241 30.18 18.23 -28.61
CA GLN E 241 31.11 18.45 -29.72
C GLN E 241 30.78 19.68 -30.55
N GLY E 242 29.55 20.18 -30.44
CA GLY E 242 29.19 21.42 -31.10
C GLY E 242 30.07 22.57 -30.62
N VAL E 243 30.11 22.75 -29.30
CA VAL E 243 30.80 23.89 -28.68
C VAL E 243 32.30 23.71 -28.63
N LEU E 244 32.72 22.52 -28.18
CA LEU E 244 34.13 22.22 -27.94
C LEU E 244 35.00 22.44 -29.18
N ASP E 245 34.46 22.08 -30.35
CA ASP E 245 35.15 22.25 -31.63
C ASP E 245 35.54 23.68 -31.93
N LEU E 246 34.80 24.64 -31.40
CA LEU E 246 35.05 26.04 -31.69
C LEU E 246 36.21 26.58 -30.87
N LEU E 247 36.60 25.84 -29.83
CA LEU E 247 37.65 26.29 -28.91
C LEU E 247 39.01 26.33 -29.60
N PRO E 248 39.82 27.39 -29.34
CA PRO E 248 41.14 27.53 -29.95
C PRO E 248 42.09 26.48 -29.39
N GLN E 249 43.23 26.25 -30.04
CA GLN E 249 44.17 25.22 -29.62
C GLN E 249 45.05 25.74 -28.49
N HIS E 250 45.32 27.04 -28.55
CA HIS E 250 46.06 27.73 -27.49
C HIS E 250 45.13 28.10 -26.33
N SER E 251 44.53 27.10 -25.70
CA SER E 251 43.56 27.35 -24.64
C SER E 251 43.31 26.09 -23.80
N HIS E 252 42.85 26.29 -22.57
CA HIS E 252 42.47 25.17 -21.72
C HIS E 252 40.95 25.10 -21.62
N SER E 253 40.41 23.91 -21.39
CA SER E 253 38.96 23.74 -21.27
C SER E 253 38.52 22.95 -20.02
N ILE E 254 37.47 23.43 -19.36
CA ILE E 254 36.86 22.70 -18.25
C ILE E 254 35.41 22.31 -18.56
N LEU E 255 35.12 21.01 -18.54
CA LEU E 255 33.78 20.48 -18.80
C LEU E 255 33.04 20.21 -17.49
N SER E 256 31.87 20.80 -17.33
CA SER E 256 31.19 20.82 -16.04
C SER E 256 29.84 20.09 -16.03
N PHE E 257 29.75 19.05 -15.20
CA PHE E 257 28.52 18.29 -15.06
C PHE E 257 27.72 18.69 -13.83
N PHE E 258 26.41 18.76 -14.00
CA PHE E 258 25.50 19.18 -12.96
C PHE E 258 24.31 18.25 -12.99
N HIS E 259 23.96 17.65 -11.86
CA HIS E 259 22.94 16.61 -11.85
C HIS E 259 21.61 16.99 -12.52
N GLU E 260 20.94 18.02 -12.02
CA GLU E 260 19.62 18.38 -12.52
C GLU E 260 19.62 18.49 -14.04
N ARG E 261 20.78 18.84 -14.60
CA ARG E 261 20.92 18.92 -16.03
C ARG E 261 21.32 17.57 -16.66
N ASN E 262 22.41 16.98 -16.19
CA ASN E 262 23.02 15.80 -16.83
C ASN E 262 22.77 14.42 -16.22
N GLN E 263 21.81 14.31 -15.30
CA GLN E 263 21.60 13.07 -14.56
C GLN E 263 21.38 11.88 -15.46
N ALA E 264 20.74 12.12 -16.59
CA ALA E 264 20.49 11.05 -17.53
C ALA E 264 21.31 11.35 -18.76
N SER E 265 22.39 10.60 -18.94
CA SER E 265 23.23 10.71 -20.12
C SER E 265 23.86 9.36 -20.26
N ASN E 266 23.95 8.82 -21.48
CA ASN E 266 24.65 7.54 -21.62
C ASN E 266 26.13 7.80 -21.63
N ILE E 267 26.82 7.07 -20.78
CA ILE E 267 28.19 7.37 -20.46
C ILE E 267 29.03 7.18 -21.72
N GLU E 268 28.57 6.28 -22.59
CA GLU E 268 29.26 5.96 -23.82
C GLU E 268 29.41 7.15 -24.79
N ASN E 269 28.41 8.01 -24.87
CA ASN E 269 28.46 9.14 -25.80
C ASN E 269 29.29 10.31 -25.30
N LEU E 270 29.58 10.31 -24.00
CA LEU E 270 30.45 11.31 -23.42
C LEU E 270 31.90 11.11 -23.84
N LYS E 271 32.21 9.91 -24.34
CA LYS E 271 33.57 9.50 -24.69
C LYS E 271 34.38 10.58 -25.43
N ALA E 272 33.80 11.16 -26.47
CA ALA E 272 34.53 12.13 -27.28
C ALA E 272 34.84 13.40 -26.50
N ASP E 273 33.84 13.88 -25.74
CA ASP E 273 33.94 15.12 -24.99
C ASP E 273 34.88 14.93 -23.81
N LEU E 274 34.72 13.81 -23.11
CA LEU E 274 35.53 13.52 -21.93
C LEU E 274 37.01 13.45 -22.29
N GLU E 275 37.32 13.01 -23.51
CA GLU E 275 38.69 13.01 -24.01
C GLU E 275 39.23 14.43 -24.18
N TYR E 276 38.63 15.20 -25.08
CA TYR E 276 38.97 16.61 -25.20
C TYR E 276 38.46 17.35 -23.98
N ALA E 277 39.31 17.51 -22.97
CA ALA E 277 38.93 18.28 -21.80
C ALA E 277 40.12 18.25 -20.90
N ASP E 278 40.61 19.42 -20.50
CA ASP E 278 41.75 19.42 -19.61
C ASP E 278 41.28 19.10 -18.19
N LEU E 279 39.98 19.20 -17.95
CA LEU E 279 39.46 19.05 -16.61
C LEU E 279 37.96 18.76 -16.64
N VAL E 280 37.48 17.99 -15.67
CA VAL E 280 36.08 17.59 -15.62
C VAL E 280 35.56 17.79 -14.19
N LEU E 281 34.34 18.27 -14.04
CA LEU E 281 33.79 18.57 -12.72
C LEU E 281 32.39 17.98 -12.54
N THR E 282 32.12 17.34 -11.40
CA THR E 282 30.79 16.81 -11.12
C THR E 282 30.31 17.35 -9.82
N ASP E 283 29.00 17.51 -9.68
CA ASP E 283 28.47 17.92 -8.40
C ASP E 283 27.97 16.69 -7.65
N ARG E 284 28.34 15.51 -8.18
CA ARG E 284 27.91 14.25 -7.58
C ARG E 284 29.07 13.30 -7.39
N ASP E 286 28.90 9.89 -6.99
CA ASP E 286 28.70 8.67 -7.76
C ASP E 286 29.00 8.87 -9.22
N PHE E 287 28.58 10.01 -9.76
CA PHE E 287 28.80 10.30 -11.16
C PHE E 287 30.32 10.44 -11.42
N LYS E 288 31.06 10.89 -10.41
CA LYS E 288 32.52 10.91 -10.53
C LYS E 288 33.00 9.48 -10.64
N GLU E 289 32.63 8.67 -9.65
CA GLU E 289 32.90 7.23 -9.64
C GLU E 289 32.55 6.60 -10.99
N THR E 290 31.27 6.64 -11.35
CA THR E 290 30.76 6.10 -12.61
C THR E 290 31.64 6.48 -13.79
N LEU E 291 31.96 7.76 -13.89
CA LEU E 291 32.79 8.28 -14.97
C LEU E 291 34.22 7.75 -14.91
N GLN E 292 34.75 7.66 -13.70
CA GLN E 292 36.13 7.23 -13.50
C GLN E 292 36.31 5.78 -13.90
N ASN E 293 35.25 5.00 -13.72
CA ASN E 293 35.26 3.58 -14.08
C ASN E 293 35.12 3.38 -15.57
N TYR E 294 33.97 3.78 -16.12
CA TYR E 294 33.70 3.61 -17.53
C TYR E 294 34.80 4.22 -18.43
N PHE E 295 35.55 5.18 -17.91
CA PHE E 295 36.67 5.77 -18.67
C PHE E 295 37.88 5.88 -17.79
N PRO E 296 38.56 4.75 -17.54
CA PRO E 296 39.60 4.69 -16.51
C PRO E 296 40.87 5.42 -16.96
N LEU E 297 41.07 5.54 -18.26
CA LEU E 297 42.23 6.23 -18.79
C LEU E 297 42.07 7.75 -18.68
N GLN E 298 41.01 8.17 -18.00
CA GLN E 298 40.60 9.57 -17.96
C GLN E 298 40.32 10.01 -16.52
N ALA E 299 40.13 9.03 -15.65
CA ALA E 299 39.70 9.25 -14.25
C ALA E 299 40.54 10.26 -13.48
N GLU E 300 41.75 10.51 -13.98
CA GLU E 300 42.70 11.40 -13.33
C GLU E 300 42.15 12.83 -13.27
N LYS E 301 41.60 13.31 -14.38
CA LYS E 301 41.18 14.71 -14.50
C LYS E 301 39.72 14.94 -14.12
N ILE E 302 39.11 13.96 -13.47
CA ILE E 302 37.73 14.08 -13.06
C ILE E 302 37.60 14.39 -11.56
N HIS E 303 37.13 15.60 -11.23
CA HIS E 303 37.02 16.03 -9.84
C HIS E 303 35.62 16.47 -9.38
N TYR E 304 35.37 16.28 -8.08
CA TYR E 304 34.11 16.68 -7.46
C TYR E 304 34.14 18.12 -6.97
N LEU E 305 33.05 18.84 -7.19
CA LEU E 305 32.90 20.18 -6.65
C LEU E 305 31.44 20.45 -6.35
N SER E 306 31.10 20.59 -5.07
CA SER E 306 29.72 20.79 -4.65
C SER E 306 29.31 22.26 -4.79
N PRO E 307 28.16 22.53 -5.43
CA PRO E 307 27.73 23.92 -5.61
C PRO E 307 26.90 24.43 -4.43
N PHE E 308 27.06 25.71 -4.10
CA PHE E 308 26.32 26.32 -2.98
C PHE E 308 25.75 27.65 -3.42
N ASP E 309 24.56 27.97 -2.93
CA ASP E 309 23.87 29.17 -3.35
C ASP E 309 24.11 30.24 -2.31
N THR E 310 24.98 31.19 -2.64
CA THR E 310 25.37 32.21 -1.67
C THR E 310 24.35 33.32 -1.48
N ARG E 311 23.26 33.32 -2.25
CA ARG E 311 22.21 34.33 -2.04
C ARG E 311 21.62 34.19 -0.64
N LEU E 312 21.65 32.95 -0.14
CA LEU E 312 21.25 32.64 1.22
C LEU E 312 22.20 33.26 2.25
N GLN E 313 21.67 34.17 3.07
CA GLN E 313 22.38 34.61 4.28
C GLN E 313 22.32 33.47 5.27
N LEU E 314 23.13 33.54 6.32
CA LEU E 314 23.03 32.53 7.36
C LEU E 314 21.77 32.66 8.23
N GLY E 315 21.31 31.53 8.75
CA GLY E 315 20.06 31.47 9.48
C GLY E 315 19.96 32.34 10.72
N LYS E 316 18.94 33.18 10.77
CA LYS E 316 18.64 33.99 11.94
C LYS E 316 17.60 33.30 12.84
N SER E 317 17.74 31.98 12.96
CA SER E 317 16.86 31.14 13.77
C SER E 317 16.97 31.41 15.28
N GLN E 318 18.15 31.83 15.71
CA GLN E 318 18.42 32.01 17.13
C GLN E 318 17.70 33.22 17.66
N GLN E 319 17.50 34.20 16.79
CA GLN E 319 16.91 35.47 17.18
C GLN E 319 15.39 35.41 17.28
N ARG E 320 14.85 34.18 17.22
CA ARG E 320 13.42 33.92 17.30
C ARG E 320 13.18 32.94 18.43
N HIS E 321 12.14 33.17 19.23
CA HIS E 321 11.97 32.31 20.41
C HIS E 321 11.47 30.92 20.01
N GLU E 322 10.51 30.89 19.08
CA GLU E 322 9.96 29.62 18.62
C GLU E 322 10.77 28.99 17.50
N SER E 323 10.87 27.67 17.55
CA SER E 323 11.57 26.92 16.53
C SER E 323 10.68 26.73 15.29
N LYS E 324 11.07 27.35 14.17
CA LYS E 324 10.28 27.29 12.92
C LYS E 324 10.68 26.10 12.06
N ILE E 325 9.71 25.22 11.78
CA ILE E 325 9.96 24.02 10.96
C ILE E 325 9.46 24.22 9.52
N PHE E 326 10.32 23.97 8.54
CA PHE E 326 9.92 24.04 7.14
C PHE E 326 9.71 22.66 6.59
N TYR E 327 8.45 22.35 6.28
CA TYR E 327 8.07 21.03 5.81
C TYR E 327 7.71 21.13 4.33
N GLN E 328 8.42 20.37 3.53
CA GLN E 328 8.37 20.47 2.08
C GLN E 328 7.53 19.35 1.52
N ILE E 329 6.57 19.71 0.67
CA ILE E 329 5.66 18.73 0.06
C ILE E 329 5.72 18.95 -1.42
N ASP E 330 5.92 17.87 -2.17
CA ASP E 330 5.91 17.89 -3.62
C ASP E 330 4.56 17.39 -4.12
N LEU E 331 3.73 18.30 -4.59
CA LEU E 331 2.37 17.94 -4.90
C LEU E 331 2.26 17.40 -6.32
N SER E 332 3.39 17.03 -6.91
CA SER E 332 3.40 16.37 -8.20
C SER E 332 3.20 14.90 -7.92
N GLU E 333 3.68 14.46 -6.75
CA GLU E 333 3.27 13.21 -6.13
C GLU E 333 1.91 13.54 -5.55
N LEU E 334 1.25 12.64 -4.84
CA LEU E 334 -0.04 13.16 -4.34
C LEU E 334 0.13 13.53 -2.87
N LEU E 335 -0.94 13.61 -2.09
CA LEU E 335 -0.76 13.79 -0.65
C LEU E 335 -0.40 12.48 0.02
N ASN E 336 0.39 12.56 1.08
CA ASN E 336 0.68 11.39 1.92
C ASN E 336 0.15 11.61 3.32
N ASP E 337 -1.07 11.16 3.61
CA ASP E 337 -1.66 11.40 4.94
C ASP E 337 -0.78 11.02 6.13
N TYR E 338 -0.07 9.89 6.03
CA TYR E 338 0.82 9.47 7.10
C TYR E 338 1.96 10.43 7.40
N ALA E 339 2.65 10.87 6.36
CA ALA E 339 3.77 11.77 6.54
C ALA E 339 3.32 13.15 7.00
N ILE E 340 2.26 13.67 6.40
CA ILE E 340 1.69 14.94 6.83
C ILE E 340 1.28 14.86 8.28
N PHE E 341 0.72 13.74 8.70
CA PHE E 341 0.27 13.64 10.09
C PHE E 341 1.39 13.53 11.11
N LYS E 342 2.47 12.84 10.79
CA LYS E 342 3.60 12.71 11.69
C LYS E 342 4.18 14.08 12.00
N VAL E 343 4.25 14.95 11.00
CA VAL E 343 4.80 16.27 11.19
C VAL E 343 3.82 17.06 12.03
N LEU E 344 2.55 17.04 11.65
CA LEU E 344 1.51 17.79 12.34
C LEU E 344 1.42 17.40 13.80
N PHE E 345 1.66 16.12 14.09
CA PHE E 345 1.58 15.58 15.45
C PHE E 345 2.73 16.05 16.29
N TYR E 346 3.93 16.06 15.72
CA TYR E 346 5.08 16.59 16.42
C TYR E 346 4.87 18.05 16.77
N VAL E 347 4.19 18.79 15.93
CA VAL E 347 4.08 20.23 16.10
C VAL E 347 2.97 20.50 17.06
N ALA E 348 2.03 19.57 17.12
CA ALA E 348 0.88 19.70 18.00
C ALA E 348 1.34 19.64 19.41
N GLN E 349 2.44 18.95 19.64
CA GLN E 349 2.81 18.69 21.01
C GLN E 349 4.12 19.28 21.46
N HIS E 350 4.70 20.16 20.66
CA HIS E 350 5.78 21.01 21.15
C HIS E 350 5.33 22.41 20.84
N PRO E 351 4.74 23.10 21.84
CA PRO E 351 4.00 24.35 21.56
C PRO E 351 4.94 25.48 21.26
N ASP E 352 6.23 25.20 21.36
CA ASP E 352 7.22 26.21 21.03
C ASP E 352 7.69 26.10 19.60
N THR E 353 6.98 25.31 18.80
CA THR E 353 7.28 25.17 17.38
C THR E 353 6.22 25.82 16.50
N GLU E 354 6.66 26.23 15.32
CA GLU E 354 5.81 26.78 14.28
C GLU E 354 6.11 26.00 13.01
N LEU E 355 5.09 25.84 12.17
CA LEU E 355 5.19 24.98 11.00
C LEU E 355 4.84 25.75 9.74
N VAL E 356 5.73 25.76 8.77
CA VAL E 356 5.37 26.18 7.44
C VAL E 356 5.44 24.96 6.54
N ILE E 357 4.31 24.63 5.93
CA ILE E 357 4.30 23.58 4.93
C ILE E 357 4.46 24.25 3.59
N GLY E 358 5.67 24.17 3.03
CA GLY E 358 5.94 24.76 1.72
C GLY E 358 5.65 23.73 0.64
N VAL E 359 4.72 24.06 -0.25
CA VAL E 359 4.24 23.09 -1.23
C VAL E 359 4.76 23.51 -2.58
N TYR E 360 5.39 22.61 -3.32
CA TYR E 360 5.79 23.00 -4.66
C TYR E 360 5.29 21.98 -5.68
N ASN E 361 5.38 22.36 -6.95
CA ASN E 361 4.66 21.65 -8.01
C ASN E 361 3.18 21.66 -7.74
N ALA E 362 2.65 22.83 -7.38
CA ALA E 362 1.26 22.94 -7.01
C ALA E 362 0.55 24.03 -7.77
N TRP E 363 -0.71 23.76 -8.14
CA TRP E 363 -1.57 24.77 -8.74
C TRP E 363 -2.49 25.25 -7.66
N GLN E 364 -3.10 26.40 -7.88
CA GLN E 364 -3.94 27.02 -6.87
C GLN E 364 -4.94 26.03 -6.26
N GLU E 365 -5.55 25.20 -7.07
CA GLU E 365 -6.53 24.28 -6.52
C GLU E 365 -5.90 23.16 -5.68
N GLY E 366 -4.65 22.84 -5.97
CA GLY E 366 -3.93 21.79 -5.27
C GLY E 366 -3.53 22.21 -3.87
N ILE E 367 -3.17 23.49 -3.71
CA ILE E 367 -2.92 24.05 -2.39
C ILE E 367 -4.14 23.92 -1.52
N LYS E 368 -5.33 24.18 -2.07
CA LYS E 368 -6.54 24.04 -1.28
C LYS E 368 -6.69 22.63 -0.77
N GLN E 369 -6.17 21.65 -1.50
CA GLN E 369 -6.27 20.26 -1.06
C GLN E 369 -5.36 19.97 0.13
N VAL E 370 -4.16 20.55 0.12
CA VAL E 370 -3.23 20.48 1.24
C VAL E 370 -3.88 21.13 2.44
N GLU E 371 -4.41 22.31 2.23
CA GLU E 371 -5.14 23.02 3.27
C GLU E 371 -6.26 22.19 3.92
N ASN E 372 -7.09 21.50 3.15
CA ASN E 372 -8.18 20.76 3.76
C ASN E 372 -7.73 19.49 4.41
N LYS E 373 -6.63 18.93 3.92
CA LYS E 373 -6.11 17.69 4.50
C LYS E 373 -5.54 18.01 5.88
N VAL E 374 -4.75 19.07 5.95
CA VAL E 374 -4.22 19.52 7.23
C VAL E 374 -5.34 19.85 8.20
N GLU E 375 -6.44 20.41 7.70
CA GLU E 375 -7.51 20.75 8.61
C GLU E 375 -8.31 19.56 9.07
N GLU E 376 -8.53 18.62 8.15
CA GLU E 376 -9.25 17.40 8.50
C GLU E 376 -8.47 16.60 9.50
N LEU E 377 -7.17 16.44 9.25
CA LEU E 377 -6.33 15.65 10.13
C LEU E 377 -6.34 16.21 11.55
N ILE E 378 -6.08 17.51 11.68
CA ILE E 378 -6.20 18.18 12.97
C ILE E 378 -7.56 17.96 13.57
N SER E 379 -8.61 18.01 12.77
CA SER E 379 -9.95 17.91 13.30
C SER E 379 -10.24 16.55 13.89
N ASP E 380 -9.89 15.49 13.17
CA ASP E 380 -10.24 14.13 13.54
C ASP E 380 -9.38 13.55 14.65
N TYR E 381 -8.11 13.90 14.66
CA TYR E 381 -7.16 13.27 15.56
C TYR E 381 -6.58 14.19 16.64
N LEU E 382 -6.57 15.50 16.40
CA LEU E 382 -5.99 16.45 17.33
C LEU E 382 -7.00 17.48 17.84
N ASP E 383 -6.52 18.59 18.37
CA ASP E 383 -7.40 19.71 18.74
C ASP E 383 -6.86 20.96 18.10
N LEU E 384 -7.69 21.69 17.34
CA LEU E 384 -7.18 22.84 16.60
C LEU E 384 -6.70 23.93 17.55
N LYS E 385 -7.34 24.03 18.73
CA LYS E 385 -6.95 24.94 19.80
C LYS E 385 -5.46 24.87 20.16
N ASP E 386 -4.86 23.70 20.05
CA ASP E 386 -3.48 23.59 20.42
C ASP E 386 -2.53 24.15 19.37
N PHE E 387 -3.12 24.60 18.28
CA PHE E 387 -2.33 25.21 17.22
C PHE E 387 -2.48 26.72 17.22
N ILE E 388 -3.28 27.28 18.13
CA ILE E 388 -3.41 28.74 18.23
C ILE E 388 -2.07 29.31 18.65
N LYS E 389 -1.73 30.47 18.10
CA LYS E 389 -0.42 31.10 18.29
C LYS E 389 -0.32 31.65 19.69
N LYS E 390 0.90 31.64 20.25
CA LYS E 390 1.10 32.11 21.61
C LYS E 390 0.82 33.62 21.68
N SER E 391 1.23 34.35 20.64
CA SER E 391 0.97 35.79 20.57
C SER E 391 -0.46 36.08 20.13
N PHE E 392 -1.40 35.28 20.63
CA PHE E 392 -2.80 35.40 20.27
C PHE E 392 -3.77 34.89 21.34
N LYS E 393 -3.51 33.69 21.87
CA LYS E 393 -4.28 33.15 23.01
C LYS E 393 -3.74 33.68 24.35
N ASN E 394 -2.61 34.38 24.28
CA ASN E 394 -2.02 35.08 25.43
C ASN E 394 -2.26 36.60 25.34
N ASN E 395 -3.00 37.00 24.31
CA ASN E 395 -3.62 38.34 24.23
C ASN E 395 -5.15 38.18 24.15
N GLN E 396 -5.65 37.07 24.72
CA GLN E 396 -7.08 36.77 24.86
C GLN E 396 -7.31 35.71 25.94
N LEU E 407 -8.67 34.64 14.55
CA LEU E 407 -7.65 33.80 15.15
C LEU E 407 -6.38 33.77 14.30
N GLU E 408 -5.33 33.12 14.81
CA GLU E 408 -4.08 32.98 14.08
C GLU E 408 -3.32 31.74 14.57
N TYR E 409 -2.90 30.86 13.65
CA TYR E 409 -2.41 29.53 14.07
C TYR E 409 -0.92 29.34 13.86
N ARG E 410 -0.30 28.39 14.54
CA ARG E 410 1.14 28.27 14.38
C ARG E 410 1.59 27.31 13.27
N PHE E 411 0.68 27.04 12.34
CA PHE E 411 1.02 26.37 11.09
C PHE E 411 0.41 27.19 9.96
N ARG E 412 1.13 27.30 8.85
CA ARG E 412 0.54 27.92 7.67
C ARG E 412 1.04 27.25 6.40
N ILE E 413 0.27 27.37 5.32
CA ILE E 413 0.63 26.68 4.08
C ILE E 413 1.03 27.64 2.97
N ARG E 414 2.24 27.46 2.45
CA ARG E 414 2.72 28.39 1.45
C ARG E 414 3.08 27.74 0.11
N ASN E 415 2.61 28.37 -0.96
CA ASN E 415 2.94 27.94 -2.30
C ASN E 415 4.35 28.36 -2.65
N ILE E 416 5.25 27.40 -2.82
CA ILE E 416 6.61 27.74 -3.24
C ILE E 416 6.74 27.76 -4.75
N THR E 417 6.61 28.95 -5.34
CA THR E 417 6.70 29.11 -6.79
C THR E 417 8.12 29.42 -7.30
N ASP E 418 8.79 30.40 -6.67
CA ASP E 418 10.17 30.84 -6.96
C ASP E 418 11.20 30.07 -6.17
N GLU E 419 12.47 30.26 -6.52
CA GLU E 419 13.57 29.98 -5.60
C GLU E 419 13.60 31.06 -4.51
N LEU E 420 13.43 32.32 -4.92
CA LEU E 420 13.39 33.44 -4.00
C LEU E 420 12.41 33.24 -2.83
N SER E 421 11.25 32.66 -3.12
CA SER E 421 10.24 32.41 -2.10
C SER E 421 10.78 31.53 -0.98
N LEU E 422 11.55 30.52 -1.38
CA LEU E 422 12.11 29.58 -0.42
C LEU E 422 13.15 30.28 0.42
N ILE E 423 13.94 31.11 -0.24
CA ILE E 423 15.04 31.84 0.40
C ILE E 423 14.52 32.69 1.55
N GLN E 424 13.40 33.36 1.33
CA GLN E 424 12.77 34.16 2.36
C GLN E 424 12.18 33.32 3.48
N GLU E 425 11.62 32.19 3.11
CA GLU E 425 11.03 31.31 4.09
C GLU E 425 12.11 30.71 4.97
N LEU E 426 13.24 30.36 4.37
CA LEU E 426 14.35 29.76 5.11
C LEU E 426 15.08 30.72 6.05
N ASP E 427 14.86 32.02 5.90
CA ASP E 427 15.68 32.99 6.61
C ASP E 427 15.67 32.84 8.11
N ASP E 428 14.51 32.58 8.70
CA ASP E 428 14.41 32.37 10.13
C ASP E 428 13.97 30.95 10.46
N THR E 429 14.38 29.99 9.65
CA THR E 429 13.87 28.63 9.78
C THR E 429 14.88 27.75 10.50
N ARG E 430 14.43 27.04 11.54
CA ARG E 430 15.34 26.23 12.35
C ARG E 430 15.63 24.81 11.82
N LEU E 431 14.63 24.18 11.21
CA LEU E 431 14.75 22.79 10.77
C LEU E 431 13.97 22.60 9.47
N ILE E 432 14.52 21.86 8.52
CA ILE E 432 13.85 21.57 7.25
C ILE E 432 13.52 20.08 7.18
N ILE E 433 12.28 19.74 6.83
CA ILE E 433 11.87 18.34 6.68
C ILE E 433 11.32 18.10 5.28
N ASP E 434 11.81 17.05 4.62
CA ASP E 434 11.40 16.67 3.27
C ASP E 434 11.23 15.16 3.26
N LEU E 435 9.99 14.68 3.19
CA LEU E 435 9.76 13.24 3.32
C LEU E 435 9.42 12.59 1.98
N SER E 436 9.84 13.22 0.88
CA SER E 436 9.58 12.71 -0.46
C SER E 436 10.51 11.56 -0.74
N GLN E 437 10.15 10.74 -1.72
CA GLN E 437 11.01 9.63 -2.14
C GLN E 437 12.28 10.19 -2.76
N GLN E 438 12.16 11.29 -3.49
CA GLN E 438 13.32 12.08 -3.91
C GLN E 438 13.10 13.57 -3.61
N PRO E 439 13.84 14.10 -2.62
CA PRO E 439 13.59 15.41 -2.03
C PRO E 439 13.96 16.53 -2.97
N ASN E 440 13.23 17.64 -2.96
CA ASN E 440 13.48 18.75 -3.88
C ASN E 440 14.94 19.21 -3.82
N LEU E 441 15.71 18.89 -4.85
CA LEU E 441 17.12 19.21 -4.92
C LEU E 441 17.47 20.66 -4.55
N TYR E 442 16.69 21.64 -4.98
CA TYR E 442 17.08 23.02 -4.63
C TYR E 442 16.98 23.27 -3.14
N THR E 443 15.93 22.75 -2.50
CA THR E 443 15.83 22.90 -1.05
C THR E 443 17.01 22.26 -0.29
N GLN E 444 17.60 21.22 -0.86
CA GLN E 444 18.80 20.63 -0.27
C GLN E 444 20.00 21.58 -0.36
N ILE E 445 20.25 22.10 -1.53
CA ILE E 445 21.26 23.14 -1.71
C ILE E 445 20.99 24.33 -0.81
N ALA E 446 19.80 24.91 -0.88
CA ALA E 446 19.49 26.09 -0.06
C ALA E 446 19.61 25.84 1.44
N GLY E 447 19.29 24.63 1.88
CA GLY E 447 19.37 24.31 3.30
C GLY E 447 20.79 24.34 3.86
N ILE E 448 21.71 23.70 3.17
CA ILE E 448 23.08 23.72 3.65
C ILE E 448 23.68 25.10 3.48
N SER E 449 23.23 25.83 2.45
CA SER E 449 23.75 27.16 2.15
C SER E 449 23.38 28.19 3.21
N ALA E 450 22.36 27.89 4.00
CA ALA E 450 21.88 28.82 4.99
C ALA E 450 22.18 28.24 6.35
N GLY E 451 22.81 27.06 6.32
CA GLY E 451 23.23 26.35 7.51
C GLY E 451 22.06 26.01 8.41
N ILE E 452 21.17 25.17 7.88
CA ILE E 452 19.98 24.68 8.59
C ILE E 452 19.97 23.18 8.47
N PRO E 453 19.68 22.48 9.58
CA PRO E 453 19.70 21.01 9.51
C PRO E 453 18.52 20.49 8.70
N GLN E 454 18.70 19.35 8.04
CA GLN E 454 17.68 18.79 7.16
C GLN E 454 17.41 17.33 7.45
N ILE E 455 16.14 16.95 7.49
CA ILE E 455 15.74 15.57 7.63
C ILE E 455 15.21 14.99 6.30
N ASN E 456 15.91 14.04 5.68
CA ASN E 456 15.41 13.35 4.47
C ASN E 456 15.25 11.87 4.73
N LEU E 457 14.82 11.14 3.72
CA LEU E 457 14.59 9.70 3.83
C LEU E 457 15.61 8.94 3.02
N VAL E 458 16.40 9.69 2.27
CA VAL E 458 17.44 9.13 1.43
C VAL E 458 18.66 10.02 1.51
N ALA E 459 19.83 9.44 1.24
CA ALA E 459 21.09 10.17 1.43
C ALA E 459 21.40 11.16 0.31
N SER E 460 22.25 12.14 0.63
CA SER E 460 22.70 13.11 -0.38
C SER E 460 24.11 13.62 -0.09
N ASP E 461 24.63 14.40 -1.03
CA ASP E 461 25.92 15.04 -0.85
C ASP E 461 25.73 16.35 -0.08
N TYR E 462 24.53 16.58 0.44
CA TYR E 462 24.25 17.85 1.12
C TYR E 462 23.79 17.60 2.55
N VAL E 463 23.40 16.36 2.84
CA VAL E 463 23.00 16.00 4.18
C VAL E 463 23.84 14.82 4.67
N THR E 464 24.67 15.11 5.68
CA THR E 464 25.54 14.10 6.28
C THR E 464 24.96 13.68 7.61
N HIS E 465 24.70 12.39 7.76
CA HIS E 465 23.96 11.88 8.93
C HIS E 465 24.56 12.34 10.26
N LEU E 466 23.68 12.78 11.16
CA LEU E 466 24.06 13.24 12.51
C LEU E 466 25.03 14.43 12.57
N GLN E 467 25.37 14.99 11.41
CA GLN E 467 26.18 16.18 11.33
C GLN E 467 25.35 17.37 10.84
N ASN E 468 25.01 17.31 9.55
CA ASN E 468 24.21 18.28 8.81
C ASN E 468 22.73 18.12 9.04
N GLY E 469 22.33 16.90 9.29
CA GLY E 469 20.93 16.57 9.39
C GLY E 469 20.79 15.12 9.78
N TYR E 470 19.63 14.55 9.50
CA TYR E 470 19.35 13.22 9.93
C TYR E 470 18.74 12.53 8.73
N ILE E 471 19.15 11.31 8.46
CA ILE E 471 18.57 10.55 7.37
C ILE E 471 17.79 9.39 7.95
N LEU E 472 16.46 9.53 7.91
CA LEU E 472 15.52 8.60 8.52
C LEU E 472 15.50 7.24 7.87
N ASP E 473 15.21 6.20 8.65
CA ASP E 473 14.97 4.90 8.04
C ASP E 473 13.51 4.79 7.65
N SER E 474 12.69 5.59 8.29
CA SER E 474 11.27 5.67 7.99
C SER E 474 10.65 6.86 8.70
N ILE E 475 9.44 7.20 8.31
CA ILE E 475 8.66 8.26 8.90
C ILE E 475 8.38 8.01 10.38
N SER E 476 8.46 6.76 10.81
CA SER E 476 8.17 6.39 12.20
C SER E 476 9.13 7.06 13.18
N GLN E 477 10.36 7.26 12.73
CA GLN E 477 11.41 7.81 13.58
C GLN E 477 11.53 9.33 13.53
N LEU E 478 10.57 10.01 12.91
CA LEU E 478 10.67 11.46 12.66
C LEU E 478 10.84 12.31 13.93
N ALA E 479 10.24 11.88 15.04
CA ALA E 479 10.39 12.59 16.31
C ALA E 479 11.81 12.55 16.82
N VAL E 480 12.45 11.38 16.80
CA VAL E 480 13.83 11.32 17.30
C VAL E 480 14.73 12.24 16.49
N ALA E 481 14.55 12.26 15.16
CA ALA E 481 15.35 13.14 14.30
C ALA E 481 15.14 14.62 14.64
N ALA E 482 13.89 14.99 14.83
CA ALA E 482 13.49 16.38 15.06
C ALA E 482 14.00 16.83 16.39
N ASP E 483 13.83 15.97 17.39
CA ASP E 483 14.36 16.20 18.72
C ASP E 483 15.87 16.39 18.68
N TYR E 484 16.56 15.48 17.99
CA TYR E 484 18.01 15.60 17.84
C TYR E 484 18.50 17.02 17.57
N TYR E 485 17.73 17.81 16.84
CA TYR E 485 18.15 19.19 16.51
C TYR E 485 17.35 20.26 17.19
N LEU E 486 16.13 19.95 17.60
CA LEU E 486 15.26 20.97 18.16
C LEU E 486 15.42 21.10 19.69
N GLN E 487 15.70 19.97 20.34
CA GLN E 487 15.90 19.95 21.78
C GLN E 487 17.39 20.17 22.10
N GLY E 488 17.67 21.27 22.80
CA GLY E 488 19.04 21.63 23.13
C GLY E 488 19.52 22.72 22.21
N LEU E 489 20.83 22.95 22.18
CA LEU E 489 21.41 23.91 21.27
C LEU E 489 22.74 23.40 20.75
N LYS E 490 23.25 22.35 21.36
CA LYS E 490 24.59 21.91 20.99
C LYS E 490 24.60 21.31 19.61
N ASN E 491 23.76 20.29 19.41
CA ASN E 491 23.67 19.60 18.14
C ASN E 491 23.40 20.53 16.96
N TRP E 492 22.44 21.42 17.15
CA TRP E 492 22.05 22.37 16.14
C TRP E 492 23.23 23.22 15.74
N ASN E 493 24.02 23.64 16.74
CA ASN E 493 25.16 24.52 16.48
C ASN E 493 26.33 23.80 15.81
N GLN E 494 26.49 22.52 16.09
CA GLN E 494 27.55 21.79 15.41
C GLN E 494 27.23 21.71 13.94
N ALA E 495 25.95 21.55 13.65
CA ALA E 495 25.49 21.40 12.28
C ALA E 495 25.77 22.66 11.53
N LEU E 496 25.69 23.79 12.22
CA LEU E 496 25.93 25.09 11.62
C LEU E 496 27.39 25.21 11.26
N ILE E 497 28.26 24.82 12.19
CA ILE E 497 29.69 24.77 11.91
C ILE E 497 30.01 23.86 10.73
N TYR E 498 29.56 22.60 10.80
CA TYR E 498 29.80 21.63 9.73
C TYR E 498 29.50 22.22 8.36
N SER E 499 28.33 22.84 8.27
CA SER E 499 27.84 23.42 7.03
C SER E 499 28.74 24.55 6.59
N ILE E 500 28.96 25.52 7.46
CA ILE E 500 29.86 26.64 7.14
C ILE E 500 31.23 26.17 6.64
N GLU E 501 31.75 25.09 7.20
CA GLU E 501 32.99 24.54 6.69
C GLU E 501 32.86 24.02 5.27
N LYS E 502 31.71 23.43 4.96
CA LYS E 502 31.45 22.97 3.60
C LYS E 502 31.33 24.14 2.64
N ILE E 503 30.56 25.15 3.03
CA ILE E 503 30.38 26.34 2.22
C ILE E 503 31.70 26.99 1.83
N LYS E 504 32.63 27.08 2.78
CA LYS E 504 33.87 27.84 2.59
C LYS E 504 34.84 27.17 1.64
N LEU E 505 35.04 25.87 1.83
CA LEU E 505 35.85 25.06 0.92
C LEU E 505 35.39 25.18 -0.54
N ASN E 506 34.11 25.51 -0.73
CA ASN E 506 33.49 25.45 -2.05
C ASN E 506 33.10 26.78 -2.66
N THR E 507 33.18 27.86 -1.90
CA THR E 507 32.92 29.18 -2.45
C THR E 507 34.13 30.09 -2.36
N GLY E 508 35.28 29.50 -2.01
CA GLY E 508 36.48 30.28 -1.76
C GLY E 508 37.29 30.66 -2.98
N HIS E 509 38.33 31.46 -2.77
CA HIS E 509 39.35 31.69 -3.79
C HIS E 509 40.08 30.36 -4.01
N GLN E 510 40.11 29.55 -2.95
CA GLN E 510 40.74 28.25 -3.00
C GLN E 510 40.16 27.30 -4.05
N VAL E 511 38.90 27.52 -4.43
CA VAL E 511 38.31 26.73 -5.51
C VAL E 511 39.03 26.99 -6.82
N ILE E 512 39.27 28.27 -7.13
CA ILE E 512 39.90 28.62 -8.40
C ILE E 512 41.34 28.17 -8.42
N LYS E 513 41.97 28.23 -7.25
CA LYS E 513 43.34 27.78 -7.13
C LYS E 513 43.43 26.29 -7.42
N ARG E 514 42.50 25.50 -6.88
CA ARG E 514 42.49 24.09 -7.16
C ARG E 514 42.35 23.80 -8.65
N TRP E 515 41.71 24.70 -9.39
CA TRP E 515 41.50 24.49 -10.81
C TRP E 515 42.80 24.72 -11.55
N GLU E 516 43.52 25.75 -11.13
CA GLU E 516 44.76 26.14 -11.77
C GLU E 516 45.84 25.09 -11.51
N LYS E 517 45.78 24.50 -10.32
CA LYS E 517 46.60 23.33 -9.98
C LYS E 517 46.33 22.17 -10.93
N TRP E 518 45.05 21.83 -11.06
CA TRP E 518 44.57 20.73 -11.90
C TRP E 518 44.90 20.90 -13.39
N LEU E 519 45.18 22.13 -13.80
CA LEU E 519 45.50 22.43 -15.20
C LEU E 519 47.00 22.29 -15.48
N LYS E 520 47.81 22.50 -14.44
CA LYS E 520 49.24 22.26 -14.54
C LYS E 520 49.53 20.77 -14.55
N GLU E 521 48.79 20.03 -13.70
CA GLU E 521 48.83 18.56 -13.68
C GLU E 521 48.49 17.98 -15.06
N ALA E 522 47.77 18.75 -15.87
CA ALA E 522 47.46 18.31 -17.22
C ALA E 522 48.60 18.59 -18.21
N ILE E 523 49.75 19.01 -17.70
CA ILE E 523 50.91 19.26 -18.56
C ILE E 523 52.17 18.56 -18.06
N LYS F 2 4.40 50.70 -31.86
CA LYS F 2 5.50 51.65 -31.68
C LYS F 2 5.69 51.94 -30.18
N ILE F 3 6.92 52.23 -29.76
CA ILE F 3 7.19 52.45 -28.34
C ILE F 3 7.86 53.80 -28.11
N GLN F 4 7.36 54.57 -27.15
CA GLN F 4 8.02 55.83 -26.80
C GLN F 4 9.36 55.57 -26.10
N LYS F 5 10.45 55.72 -26.85
CA LYS F 5 11.76 55.54 -26.25
C LYS F 5 12.18 56.78 -25.50
N HIS F 6 12.66 56.62 -24.27
CA HIS F 6 13.19 57.74 -23.51
C HIS F 6 14.01 57.26 -22.31
N LYS F 7 15.15 57.90 -22.06
CA LYS F 7 16.03 57.48 -20.98
C LYS F 7 15.46 57.97 -19.66
N GLU F 8 14.71 59.06 -19.75
CA GLU F 8 14.13 59.71 -18.59
C GLU F 8 13.08 58.85 -17.89
N ILE F 9 12.98 58.97 -16.57
CA ILE F 9 11.92 58.28 -15.82
C ILE F 9 10.79 59.24 -15.45
N TYR F 10 9.61 59.03 -15.99
CA TYR F 10 8.50 59.93 -15.76
C TYR F 10 7.67 59.59 -14.51
N TRP F 11 6.56 60.30 -14.34
CA TRP F 11 5.74 60.15 -13.15
C TRP F 11 4.99 58.82 -13.12
N GLY F 12 4.15 58.58 -14.12
CA GLY F 12 3.34 57.37 -14.15
C GLY F 12 1.94 57.57 -13.58
N SER F 32 -7.76 62.87 -6.65
CA SER F 32 -6.38 63.32 -6.83
C SER F 32 -6.30 64.66 -7.60
N THR F 33 -5.65 65.64 -6.96
CA THR F 33 -5.35 66.93 -7.60
C THR F 33 -3.93 66.87 -8.20
N ILE F 34 -3.78 66.00 -9.20
CA ILE F 34 -2.56 65.85 -9.97
C ILE F 34 -2.99 65.91 -11.43
N ILE F 35 -2.48 66.88 -12.17
CA ILE F 35 -2.88 67.06 -13.56
C ILE F 35 -1.78 66.62 -14.53
N PHE F 36 -2.15 65.76 -15.49
CA PHE F 36 -1.20 65.28 -16.49
C PHE F 36 -1.39 66.01 -17.80
N HIS F 37 -0.55 67.02 -18.07
CA HIS F 37 -0.57 67.68 -19.38
C HIS F 37 -0.01 66.77 -20.47
N SER F 38 1.08 66.08 -20.13
CA SER F 38 1.67 65.04 -20.97
C SER F 38 2.55 64.22 -20.03
N PRO F 39 2.99 63.02 -20.47
CA PRO F 39 3.88 62.24 -19.58
C PRO F 39 5.08 63.05 -19.10
N ASP F 40 5.48 64.02 -19.94
CA ASP F 40 6.47 65.04 -19.61
C ASP F 40 6.17 65.82 -18.33
N GLN F 41 5.06 66.55 -18.31
CA GLN F 41 4.79 67.50 -17.23
C GLN F 41 3.57 67.17 -16.37
N VAL F 42 3.73 67.34 -15.06
CA VAL F 42 2.71 66.97 -14.09
C VAL F 42 2.66 68.02 -12.99
N TYR F 43 1.50 68.65 -12.81
CA TYR F 43 1.33 69.70 -11.79
C TYR F 43 0.77 69.12 -10.51
N PHE F 44 1.11 69.74 -9.39
CA PHE F 44 0.64 69.23 -8.10
C PHE F 44 0.34 70.33 -7.09
N GLU F 45 -0.83 70.25 -6.43
CA GLU F 45 -1.18 71.16 -5.33
C GLU F 45 -1.39 70.40 -4.03
N ASN F 46 -1.28 71.06 -2.89
CA ASN F 46 -1.37 70.38 -1.59
C ASN F 46 -2.71 70.50 -0.80
N LEU F 48 -2.89 68.39 2.55
CA LEU F 48 -3.02 67.08 1.90
C LEU F 48 -1.81 66.15 2.09
N ILE F 49 -0.61 66.72 2.15
CA ILE F 49 0.57 65.91 2.46
C ILE F 49 1.45 66.57 3.53
N ALA F 50 1.52 65.91 4.67
CA ALA F 50 2.17 66.49 5.85
C ALA F 50 3.67 66.62 5.66
N SER F 51 4.28 67.60 6.32
CA SER F 51 5.72 67.76 6.26
C SER F 51 6.39 66.47 6.70
N GLY F 52 7.31 65.97 5.87
CA GLY F 52 7.96 64.70 6.13
C GLY F 52 7.21 63.49 5.61
N GLN F 53 6.16 63.70 4.83
CA GLN F 53 5.41 62.58 4.25
C GLN F 53 5.84 62.29 2.82
N THR F 54 5.45 61.12 2.32
CA THR F 54 5.83 60.76 0.97
C THR F 54 4.81 61.23 -0.07
N ILE F 55 5.25 62.02 -1.04
CA ILE F 55 4.39 62.50 -2.12
C ILE F 55 4.27 61.47 -3.25
N HIS F 56 5.36 60.76 -3.53
CA HIS F 56 5.38 59.80 -4.62
C HIS F 56 6.50 58.77 -4.45
N GLU F 57 6.43 57.66 -5.18
CA GLU F 57 7.43 56.60 -5.03
C GLU F 57 7.70 55.89 -6.35
N TRP F 58 8.94 55.47 -6.55
CA TRP F 58 9.29 54.65 -7.71
C TRP F 58 10.11 53.46 -7.20
N SER F 59 9.90 52.29 -7.78
CA SER F 59 10.67 51.12 -7.36
C SER F 59 11.25 50.35 -8.53
N SER F 60 12.28 49.57 -8.26
CA SER F 60 12.88 48.74 -9.30
C SER F 60 12.35 47.31 -9.23
N SER F 61 11.32 47.10 -8.40
CA SER F 61 10.78 45.77 -8.17
C SER F 61 9.30 45.80 -7.81
N TRP F 62 8.66 44.64 -8.00
CA TRP F 62 7.23 44.48 -7.72
C TRP F 62 7.01 44.41 -6.21
N ASN F 63 6.12 45.29 -5.71
CA ASN F 63 5.78 45.34 -4.28
C ASN F 63 5.08 44.05 -3.84
N TYR F 64 4.30 43.50 -4.76
CA TYR F 64 3.80 42.12 -4.71
C TYR F 64 3.42 41.63 -6.12
N GLN F 65 3.28 40.31 -6.29
CA GLN F 65 2.98 39.70 -7.60
C GLN F 65 1.73 40.25 -8.29
N GLY F 66 0.58 40.21 -7.62
CA GLY F 66 -0.65 40.69 -8.22
C GLY F 66 -0.78 42.20 -8.39
N ASP F 67 0.26 42.94 -7.98
CA ASP F 67 0.22 44.41 -7.91
C ASP F 67 -0.13 45.10 -9.23
N ARG F 68 -0.79 46.24 -9.12
CA ARG F 68 -1.05 47.12 -10.27
C ARG F 68 0.10 48.14 -10.35
N GLN F 69 1.10 47.93 -9.49
CA GLN F 69 2.30 48.77 -9.37
C GLN F 69 3.54 48.09 -10.00
N VAL F 70 3.68 48.24 -11.32
CA VAL F 70 4.85 47.81 -12.08
C VAL F 70 6.10 48.62 -11.70
N PRO F 71 7.27 47.97 -11.67
CA PRO F 71 8.56 48.66 -11.48
C PRO F 71 8.79 49.76 -12.51
N SER F 72 9.59 50.77 -12.17
CA SER F 72 9.82 51.91 -13.06
C SER F 72 11.29 52.26 -13.19
N LEU F 73 12.08 51.89 -12.18
CA LEU F 73 13.50 52.18 -12.17
C LEU F 73 14.31 50.99 -12.67
N PRO F 74 15.37 51.26 -13.41
CA PRO F 74 16.16 50.20 -14.02
C PRO F 74 17.05 49.48 -13.02
N LEU F 75 17.45 48.26 -13.34
CA LEU F 75 18.37 47.51 -12.52
C LEU F 75 19.73 48.19 -12.53
N LEU F 76 20.36 48.28 -11.35
CA LEU F 76 21.71 48.85 -11.20
C LEU F 76 22.73 47.76 -10.88
N LYS F 77 24.01 48.03 -11.17
CA LYS F 77 25.13 47.12 -10.88
C LYS F 77 25.70 47.38 -9.50
N ARG F 78 25.88 46.32 -8.71
CA ARG F 78 26.44 46.47 -7.37
C ARG F 78 27.85 47.03 -7.39
N GLY F 79 28.13 47.95 -6.48
CA GLY F 79 29.45 48.56 -6.36
C GLY F 79 29.67 49.79 -7.24
N ARG F 80 28.84 49.95 -8.26
CA ARG F 80 29.06 51.03 -9.18
C ARG F 80 28.45 52.35 -8.70
N SER F 81 28.63 53.42 -9.48
CA SER F 81 28.33 54.75 -8.96
C SER F 81 27.49 55.51 -9.95
N TYR F 82 26.41 56.11 -9.45
CA TYR F 82 25.38 56.68 -10.32
C TYR F 82 25.03 58.10 -9.94
N SER F 83 24.39 58.81 -10.85
CA SER F 83 23.84 60.13 -10.56
C SER F 83 22.31 60.13 -10.70
N LEU F 84 21.62 60.54 -9.63
CA LEU F 84 20.16 60.69 -9.63
C LEU F 84 19.77 62.16 -9.76
N THR F 85 18.94 62.47 -10.75
CA THR F 85 18.66 63.87 -11.09
C THR F 85 17.15 64.21 -11.22
N ARG F 86 16.67 65.15 -10.41
CA ARG F 86 15.29 65.66 -10.54
C ARG F 86 15.24 66.75 -11.60
N ASP F 87 14.20 66.76 -12.41
CA ASP F 87 13.89 67.90 -13.26
C ASP F 87 12.49 68.34 -12.86
N THR F 89 10.36 71.90 -10.52
CA THR F 89 10.41 73.14 -9.74
C THR F 89 9.26 73.19 -8.72
N SER F 90 9.58 73.57 -7.48
CA SER F 90 8.59 73.59 -6.40
C SER F 90 8.26 75.01 -5.95
N TYR F 91 6.97 75.36 -5.83
CA TYR F 91 6.59 76.75 -5.50
C TYR F 91 7.16 77.31 -4.20
N PRO F 92 7.08 76.55 -3.09
CA PRO F 92 7.85 77.09 -1.97
C PRO F 92 9.32 76.69 -2.06
N SER F 93 9.91 76.88 -3.25
CA SER F 93 11.32 76.59 -3.53
C SER F 93 11.76 75.24 -3.00
N GLU F 94 12.85 75.24 -2.24
CA GLU F 94 13.44 74.00 -1.74
C GLU F 94 12.57 73.34 -0.67
N SER F 95 11.43 72.81 -1.12
CA SER F 95 10.42 72.25 -0.23
C SER F 95 10.17 70.78 -0.51
N VAL F 96 10.90 70.20 -1.45
CA VAL F 96 10.75 68.79 -1.76
C VAL F 96 12.08 68.06 -1.66
N PHE F 97 12.23 67.24 -0.62
CA PHE F 97 13.43 66.38 -0.51
C PHE F 97 13.31 65.14 -1.42
N LEU F 98 14.44 64.49 -1.67
CA LEU F 98 14.49 63.34 -2.56
C LEU F 98 15.17 62.17 -1.86
N LYS F 99 14.39 61.21 -1.37
CA LYS F 99 14.97 60.08 -0.65
C LYS F 99 15.31 58.91 -1.59
N LEU F 100 16.38 58.19 -1.25
CA LEU F 100 16.83 57.02 -2.00
C LEU F 100 17.08 55.88 -1.04
N ILE F 101 16.30 54.81 -1.15
CA ILE F 101 16.40 53.70 -0.20
C ILE F 101 16.89 52.46 -0.91
N PHE F 102 17.75 51.68 -0.23
CA PHE F 102 18.29 50.45 -0.83
C PHE F 102 17.82 49.31 0.01
N PHE F 103 17.27 48.27 -0.62
CA PHE F 103 16.82 47.11 0.11
C PHE F 103 17.55 45.87 -0.33
N ASP F 104 17.62 44.90 0.57
CA ASP F 104 18.24 43.64 0.23
C ASP F 104 17.22 42.61 -0.24
N ARG F 105 17.67 41.37 -0.35
CA ARG F 105 16.88 40.33 -0.94
C ARG F 105 15.75 39.94 -0.02
N TYR F 106 15.92 40.24 1.26
CA TYR F 106 14.92 39.90 2.24
C TYR F 106 13.97 41.06 2.49
N ASN F 107 14.07 42.09 1.64
CA ASN F 107 13.20 43.26 1.72
C ASN F 107 13.48 44.18 2.91
N ARG F 108 14.58 43.93 3.61
CA ARG F 108 15.02 44.79 4.70
C ARG F 108 15.77 45.99 4.14
N GLU F 109 15.72 47.13 4.83
CA GLU F 109 16.48 48.29 4.38
C GLU F 109 17.98 48.04 4.52
N VAL F 110 18.79 48.82 3.81
CA VAL F 110 20.24 48.71 3.92
C VAL F 110 20.87 50.08 4.20
N SER F 111 20.35 51.10 3.53
CA SER F 111 20.86 52.46 3.62
C SER F 111 19.75 53.33 3.14
N ASN F 112 19.82 54.62 3.45
CA ASN F 112 18.95 55.59 2.80
C ASN F 112 19.64 56.91 2.78
N HIS F 113 19.52 57.60 1.65
CA HIS F 113 20.14 58.90 1.47
C HIS F 113 19.05 59.88 1.12
N VAL F 114 19.11 61.07 1.71
CA VAL F 114 18.10 62.08 1.42
C VAL F 114 18.82 63.34 0.93
N GLU F 115 18.26 63.98 -0.09
CA GLU F 115 18.93 65.09 -0.74
C GLU F 115 18.02 66.28 -0.93
N ARG F 116 18.53 67.45 -0.61
CA ARG F 116 17.79 68.70 -0.76
C ARG F 116 17.91 69.19 -2.19
N SER F 117 19.10 69.03 -2.75
CA SER F 117 19.41 69.56 -4.07
C SER F 117 18.69 68.80 -5.17
N ASP F 118 18.99 69.15 -6.42
CA ASP F 118 18.39 68.49 -7.57
C ASP F 118 19.30 67.45 -8.16
N LYS F 119 20.46 67.24 -7.55
CA LYS F 119 21.37 66.23 -8.03
C LYS F 119 21.94 65.48 -6.85
N THR F 121 24.65 61.89 -5.93
CA THR F 121 25.43 60.75 -6.39
C THR F 121 25.52 59.75 -5.28
N PHE F 122 25.55 58.48 -5.66
CA PHE F 122 25.63 57.40 -4.71
C PHE F 122 26.38 56.22 -5.28
N THR F 123 26.72 55.30 -4.40
CA THR F 123 27.31 54.04 -4.79
C THR F 123 26.32 52.96 -4.41
N TYR F 124 25.72 52.34 -5.42
CA TYR F 124 24.80 51.21 -5.25
C TYR F 124 25.50 50.11 -4.45
N PRO F 125 25.05 49.86 -3.21
CA PRO F 125 25.76 49.02 -2.23
C PRO F 125 25.92 47.58 -2.64
N GLU F 126 26.94 46.93 -2.08
CA GLU F 126 27.30 45.56 -2.42
C GLU F 126 26.23 44.55 -2.02
N GLU F 127 25.32 44.95 -1.16
CA GLU F 127 24.26 44.05 -0.71
C GLU F 127 22.87 44.60 -1.04
N ALA F 128 22.78 45.33 -2.15
CA ALA F 128 21.52 45.90 -2.59
C ALA F 128 20.86 44.98 -3.64
N TYR F 129 19.60 44.64 -3.44
CA TYR F 129 18.88 43.83 -4.42
C TYR F 129 17.93 44.70 -5.21
N SER F 130 17.40 45.72 -4.55
CA SER F 130 16.42 46.58 -5.16
C SER F 130 16.51 47.94 -4.53
N TYR F 131 15.92 48.94 -5.17
CA TYR F 131 15.94 50.29 -4.61
C TYR F 131 14.64 51.03 -4.91
N LYS F 132 14.29 51.99 -4.04
CA LYS F 132 13.18 52.88 -4.31
C LYS F 132 13.70 54.29 -4.24
N VAL F 133 13.00 55.21 -4.92
CA VAL F 133 13.20 56.62 -4.68
C VAL F 133 11.85 57.26 -4.41
N GLN F 134 11.82 58.11 -3.38
CA GLN F 134 10.63 58.85 -2.98
C GLN F 134 10.85 60.35 -3.12
N LEU F 135 9.78 61.10 -3.39
CA LEU F 135 9.74 62.53 -3.16
C LEU F 135 9.07 62.77 -1.81
N LEU F 136 9.80 63.38 -0.87
CA LEU F 136 9.27 63.78 0.44
C LEU F 136 8.85 65.25 0.45
N SER F 137 8.01 65.63 1.40
CA SER F 137 7.61 67.04 1.52
C SER F 137 8.32 67.75 2.65
N ALA F 138 8.90 68.89 2.33
CA ALA F 138 9.43 69.82 3.31
C ALA F 138 8.54 71.06 3.24
N GLY F 139 7.24 70.83 3.24
CA GLY F 139 6.26 71.90 3.23
C GLY F 139 5.88 72.42 1.85
N VAL F 140 6.00 71.57 0.83
CA VAL F 140 5.67 71.99 -0.52
C VAL F 140 4.20 72.40 -0.61
N GLU F 141 3.92 73.49 -1.33
CA GLU F 141 2.56 73.92 -1.59
C GLU F 141 2.18 73.48 -2.98
N SER F 142 3.13 73.58 -3.89
CA SER F 142 2.89 73.30 -5.29
C SER F 142 4.19 72.93 -5.99
N PHE F 143 4.14 71.97 -6.93
CA PHE F 143 5.27 71.67 -7.80
C PHE F 143 4.89 71.24 -9.21
N GLU F 144 5.75 71.59 -10.15
CA GLU F 144 5.66 71.10 -11.51
C GLU F 144 6.81 70.12 -11.77
N PHE F 145 6.47 68.91 -12.19
CA PHE F 145 7.45 67.81 -12.30
C PHE F 145 7.61 67.31 -13.72
N HIS F 146 8.86 67.19 -14.18
CA HIS F 146 9.16 66.64 -15.50
C HIS F 146 9.62 65.18 -15.40
N CYS F 147 10.76 64.95 -14.75
CA CYS F 147 11.29 63.59 -14.65
C CYS F 147 12.46 63.36 -13.70
N LEU F 148 12.84 62.09 -13.56
CA LEU F 148 14.09 61.70 -12.93
C LEU F 148 15.07 61.31 -14.04
N ARG F 149 16.33 61.12 -13.68
CA ARG F 149 17.35 60.68 -14.61
C ARG F 149 18.46 59.97 -13.85
N ILE F 150 18.84 58.78 -14.33
CA ILE F 150 19.93 58.04 -13.73
C ILE F 150 21.01 57.76 -14.77
N GLU F 151 22.24 58.17 -14.48
CA GLU F 151 23.40 57.95 -15.34
C GLU F 151 24.50 57.30 -14.50
N GLU F 152 25.24 56.38 -15.10
CA GLU F 152 26.40 55.80 -14.40
C GLU F 152 27.60 56.73 -14.51
N ILE F 153 28.31 56.91 -13.41
CA ILE F 153 29.53 57.71 -13.39
C ILE F 153 30.79 56.84 -13.51
N LEU F 154 31.42 56.87 -14.69
CA LEU F 154 32.59 56.02 -14.99
C LEU F 154 33.79 56.86 -15.47
N TYR G 2 28.66 6.02 45.98
CA TYR G 2 28.16 6.13 44.62
C TYR G 2 27.29 7.38 44.43
N TYR G 3 27.73 8.27 43.55
CA TYR G 3 26.93 9.41 43.10
C TYR G 3 26.30 9.11 41.74
N PHE G 4 25.04 9.52 41.56
CA PHE G 4 24.39 9.38 40.27
C PHE G 4 24.10 10.76 39.70
N ILE G 5 24.58 11.01 38.48
CA ILE G 5 24.21 12.25 37.78
C ILE G 5 23.35 11.95 36.56
N PRO G 6 22.02 11.98 36.76
CA PRO G 6 21.05 11.60 35.74
C PRO G 6 20.91 12.70 34.70
N SER G 7 20.38 12.32 33.54
CA SER G 7 20.06 13.25 32.46
C SER G 7 18.55 13.46 32.43
N TRP G 8 18.04 14.22 33.40
CA TRP G 8 16.61 14.47 33.47
C TRP G 8 16.41 15.86 32.95
N SER G 9 16.25 15.97 31.64
CA SER G 9 16.23 17.27 30.98
C SER G 9 14.85 17.58 30.46
N GLY G 10 14.69 18.79 29.93
CA GLY G 10 13.43 19.22 29.35
C GLY G 10 13.52 19.06 27.84
N SER G 11 12.43 19.39 27.15
CA SER G 11 12.41 19.24 25.70
C SER G 11 12.20 20.60 25.05
N GLY G 12 13.30 21.25 24.71
CA GLY G 12 13.26 22.63 24.23
C GLY G 12 14.67 23.17 24.13
N LYS G 13 14.82 24.48 24.03
CA LYS G 13 16.17 25.03 23.97
C LYS G 13 16.81 25.04 25.35
N ARG G 14 16.03 25.42 26.35
CA ARG G 14 16.52 25.39 27.73
C ARG G 14 16.37 23.98 28.28
N VAL G 15 17.42 23.18 28.12
CA VAL G 15 17.36 21.76 28.43
C VAL G 15 17.32 21.51 29.93
N TRP G 16 17.94 22.42 30.66
CA TRP G 16 18.05 22.35 32.11
C TRP G 16 16.72 22.65 32.80
N HIS G 17 15.75 23.13 32.04
CA HIS G 17 14.41 23.43 32.55
C HIS G 17 13.43 22.31 32.20
N ARG G 18 13.09 21.49 33.18
CA ARG G 18 12.07 20.44 32.99
C ARG G 18 10.76 21.00 32.47
N ASP G 19 9.98 20.20 31.77
CA ASP G 19 8.72 20.66 31.23
C ASP G 19 7.65 20.80 32.30
N ILE G 20 6.90 21.89 32.25
CA ILE G 20 5.75 22.05 33.10
C ILE G 20 4.54 21.74 32.25
N ILE G 21 3.81 20.69 32.59
CA ILE G 21 2.69 20.24 31.74
C ILE G 21 1.47 19.92 32.59
N PRO G 22 0.28 20.38 32.16
CA PRO G 22 -0.94 20.19 32.96
C PRO G 22 -1.33 18.74 32.86
N TRP G 23 -2.28 18.28 33.68
CA TRP G 23 -2.51 16.85 33.75
C TRP G 23 -3.17 16.30 32.49
N TYR G 24 -3.88 17.16 31.78
CA TYR G 24 -4.67 16.72 30.66
C TYR G 24 -3.88 16.69 29.34
N ARG G 25 -2.76 17.39 29.28
CA ARG G 25 -1.97 17.48 28.06
C ARG G 25 -0.89 16.45 28.15
N SER G 26 -0.84 15.81 29.31
CA SER G 26 0.21 14.86 29.62
C SER G 26 0.17 13.67 28.68
N GLN G 28 2.42 9.81 27.70
CA GLN G 28 3.45 8.82 27.98
C GLN G 28 4.68 8.94 27.07
N ARG G 29 5.64 9.76 27.51
CA ARG G 29 7.02 9.61 27.09
C ARG G 29 7.65 8.62 28.09
N LEU G 30 8.86 8.14 27.80
CA LEU G 30 9.50 7.20 28.71
C LEU G 30 10.14 7.95 29.88
N GLU G 31 9.59 7.77 31.09
CA GLU G 31 10.11 8.44 32.28
C GLU G 31 11.17 7.56 32.95
N PHE G 32 10.81 6.29 33.15
CA PHE G 32 11.73 5.26 33.58
C PHE G 32 13.03 5.31 32.79
N ASP G 33 14.11 4.90 33.43
CA ASP G 33 15.46 5.37 33.10
C ASP G 33 16.44 4.30 33.38
N ASP G 34 17.63 4.40 32.82
CA ASP G 34 18.73 3.56 33.30
C ASP G 34 19.07 3.95 34.74
N THR G 35 19.19 5.24 35.00
CA THR G 35 19.47 5.77 36.32
C THR G 35 18.49 5.26 37.37
N ILE G 36 17.21 5.42 37.09
CA ILE G 36 16.21 4.96 38.04
C ILE G 36 16.34 3.46 38.26
N HIS G 37 16.70 2.69 37.25
CA HIS G 37 16.85 1.24 37.41
C HIS G 37 17.99 0.90 38.35
N GLN G 38 19.11 1.60 38.15
CA GLN G 38 20.32 1.41 38.94
C GLN G 38 20.13 1.80 40.43
N ILE G 39 19.84 3.07 40.72
CA ILE G 39 19.50 3.53 42.07
C ILE G 39 18.55 2.60 42.83
N ARG G 40 17.58 2.03 42.15
CA ARG G 40 16.60 1.16 42.80
C ARG G 40 17.26 -0.12 43.32
N ILE G 41 18.41 -0.46 42.73
CA ILE G 41 19.14 -1.67 43.08
C ILE G 41 19.89 -1.44 44.37
N PHE G 42 20.63 -0.33 44.43
CA PHE G 42 21.28 0.10 45.67
C PHE G 42 20.33 0.12 46.86
N HIS G 43 19.17 0.77 46.74
CA HIS G 43 18.20 0.76 47.83
C HIS G 43 17.70 -0.63 48.18
N SER G 44 17.78 -1.54 47.23
CA SER G 44 17.28 -2.89 47.47
C SER G 44 18.22 -3.63 48.44
N GLU G 45 19.45 -3.14 48.52
CA GLU G 45 20.47 -3.77 49.37
C GLU G 45 21.19 -2.75 50.27
N ASN G 46 20.44 -1.73 50.68
CA ASN G 46 20.87 -0.70 51.62
C ASN G 46 22.28 -0.10 51.46
N LEU G 47 22.86 -0.27 50.27
CA LEU G 47 24.10 0.42 49.93
C LEU G 47 23.85 1.92 49.83
N PRO G 48 24.88 2.73 50.05
CA PRO G 48 24.60 4.16 50.17
C PRO G 48 24.71 4.88 48.82
N VAL G 49 23.69 5.66 48.47
CA VAL G 49 23.71 6.44 47.22
C VAL G 49 23.20 7.86 47.38
N LYS G 50 23.80 8.77 46.62
CA LYS G 50 23.33 10.14 46.55
C LYS G 50 23.08 10.48 45.08
N LEU G 51 22.35 11.55 44.86
CA LEU G 51 21.87 11.92 43.56
C LEU G 51 22.23 13.39 43.34
N LEU G 52 22.86 13.69 42.22
CA LEU G 52 23.21 15.07 41.93
C LEU G 52 22.35 15.65 40.82
N LEU G 53 21.44 16.54 41.19
CA LEU G 53 20.42 17.05 40.28
C LEU G 53 20.81 18.39 39.71
N GLN G 54 21.21 18.40 38.45
CA GLN G 54 21.60 19.65 37.83
C GLN G 54 20.46 20.41 37.16
N ALA G 55 19.29 19.78 37.07
CA ALA G 55 18.15 20.37 36.38
C ALA G 55 17.22 21.11 37.31
N TYR G 56 16.42 22.02 36.73
CA TYR G 56 15.37 22.71 37.47
C TYR G 56 14.13 21.84 37.47
N PRO G 58 10.87 21.74 39.71
CA PRO G 58 9.88 22.16 40.71
C PRO G 58 9.03 21.03 41.26
N HIS G 59 8.80 19.98 40.47
CA HIS G 59 7.91 18.91 40.89
C HIS G 59 8.67 17.59 41.12
N ALA G 60 9.94 17.69 41.52
CA ALA G 60 10.81 16.51 41.58
C ALA G 60 10.44 15.51 42.68
N ARG G 61 9.69 15.94 43.67
CA ARG G 61 9.31 15.05 44.77
C ARG G 61 8.35 13.99 44.27
N TYR G 62 7.28 14.41 43.60
CA TYR G 62 6.36 13.42 43.04
C TYR G 62 7.06 12.61 41.95
N PHE G 63 7.98 13.24 41.21
CA PHE G 63 8.76 12.50 40.22
C PHE G 63 9.52 11.34 40.84
N LEU G 64 10.32 11.63 41.87
CA LEU G 64 11.07 10.60 42.58
C LEU G 64 10.11 9.55 43.11
N HIS G 65 9.04 10.02 43.76
CA HIS G 65 8.07 9.12 44.39
C HIS G 65 7.47 8.12 43.40
N ARG G 66 7.02 8.65 42.28
CA ARG G 66 6.43 7.89 41.18
C ARG G 66 7.38 6.82 40.68
N GLN G 67 8.67 7.15 40.65
CA GLN G 67 9.70 6.24 40.19
C GLN G 67 10.34 5.43 41.31
N ASP G 68 9.69 5.35 42.46
CA ASP G 68 10.13 4.47 43.55
C ASP G 68 11.54 4.74 44.11
N ILE G 69 11.97 5.98 44.02
CA ILE G 69 13.22 6.40 44.59
C ILE G 69 13.01 7.67 45.41
N PHE G 70 11.92 7.72 46.17
CA PHE G 70 11.65 8.94 46.93
C PHE G 70 12.59 9.06 48.12
N GLU G 71 12.99 7.90 48.63
CA GLU G 71 13.86 7.80 49.79
C GLU G 71 15.33 8.17 49.50
N THR G 72 15.72 8.16 48.22
CA THR G 72 17.03 8.62 47.79
C THR G 72 17.43 10.00 48.30
N GLU G 73 18.65 10.08 48.84
CA GLU G 73 19.23 11.35 49.27
C GLU G 73 19.72 12.10 48.04
N TYR G 74 19.60 13.41 48.04
CA TYR G 74 19.95 14.16 46.83
C TYR G 74 20.42 15.58 47.11
N TYR G 75 21.30 16.06 46.25
CA TYR G 75 21.71 17.45 46.25
C TYR G 75 21.16 18.07 44.96
N SER G 76 20.80 19.34 45.00
CA SER G 76 20.20 19.94 43.82
C SER G 76 20.70 21.35 43.54
N VAL G 77 21.26 21.56 42.34
CA VAL G 77 21.77 22.87 41.95
C VAL G 77 20.73 23.96 42.15
N PHE G 78 19.49 23.70 41.74
CA PHE G 78 18.50 24.76 41.82
C PHE G 78 17.93 24.97 43.20
N ASP G 79 18.08 23.97 44.07
CA ASP G 79 17.76 24.15 45.49
C ASP G 79 18.75 25.11 46.16
N GLU G 80 20.04 24.91 45.89
CA GLU G 80 21.07 25.85 46.31
C GLU G 80 20.84 27.22 45.69
N ILE G 81 20.60 27.28 44.39
CA ILE G 81 20.31 28.58 43.77
C ILE G 81 19.15 29.31 44.43
N GLN G 82 18.10 28.58 44.78
CA GLN G 82 16.91 29.25 45.30
C GLN G 82 16.84 29.30 46.82
N ALA G 83 17.88 28.79 47.47
CA ALA G 83 17.99 28.85 48.91
C ALA G 83 16.88 28.04 49.57
N VAL G 84 16.57 26.90 48.98
CA VAL G 84 15.54 26.03 49.53
C VAL G 84 16.19 25.18 50.59
N GLU G 85 16.00 25.57 51.86
CA GLU G 85 16.72 24.96 52.96
C GLU G 85 16.07 23.70 53.49
N SER G 86 14.74 23.68 53.46
CA SER G 86 14.01 22.51 53.96
C SER G 86 13.38 21.66 52.86
N ASN G 87 13.39 20.36 53.07
CA ASN G 87 12.87 19.46 52.06
C ASN G 87 11.45 18.98 52.35
N ASP G 88 10.83 19.52 53.38
CA ASP G 88 9.53 19.00 53.76
C ASP G 88 8.40 19.77 53.11
N GLN G 90 4.33 20.86 52.21
CA GLN G 90 2.98 21.24 52.61
C GLN G 90 2.15 21.28 51.35
N VAL G 91 1.17 20.38 51.24
CA VAL G 91 0.35 20.31 50.03
C VAL G 91 -0.68 21.44 50.03
N LEU G 92 -0.51 22.40 49.12
CA LEU G 92 -1.31 23.61 49.14
C LEU G 92 -2.73 23.34 48.69
N GLN G 93 -3.68 23.72 49.54
CA GLN G 93 -5.08 23.72 49.16
C GLN G 93 -5.33 25.01 48.43
N ILE G 94 -6.42 25.03 47.67
CA ILE G 94 -6.75 26.21 46.91
C ILE G 94 -6.91 27.40 47.85
N LYS G 95 -7.57 27.17 48.99
CA LYS G 95 -7.97 28.23 49.91
C LYS G 95 -6.82 28.98 50.53
N ASP G 96 -5.74 28.27 50.85
CA ASP G 96 -4.60 28.93 51.50
C ASP G 96 -3.64 29.62 50.53
N LEU G 97 -4.16 29.99 49.36
CA LEU G 97 -3.55 30.99 48.51
C LEU G 97 -4.24 32.33 48.79
N GLU G 98 -3.50 33.43 48.70
CA GLU G 98 -4.10 34.73 48.97
C GLU G 98 -4.79 35.31 47.73
N TRP G 99 -6.11 35.15 47.67
CA TRP G 99 -6.90 35.71 46.59
C TRP G 99 -7.51 37.02 47.02
N GLU G 100 -8.14 37.73 46.09
CA GLU G 100 -8.88 38.95 46.40
C GLU G 100 -10.19 38.57 47.07
N ASP G 101 -11.13 39.51 47.15
CA ASP G 101 -12.47 39.22 47.67
C ASP G 101 -13.47 39.19 46.53
N ASP G 102 -13.21 40.02 45.52
CA ASP G 102 -14.05 40.04 44.33
C ASP G 102 -13.72 38.91 43.37
N CYS G 103 -13.08 37.86 43.89
CA CYS G 103 -12.68 36.72 43.08
C CYS G 103 -13.76 35.66 42.99
N GLU G 104 -14.24 35.43 41.77
CA GLU G 104 -15.21 34.38 41.50
C GLU G 104 -14.47 33.18 40.91
N PHE G 105 -14.95 31.98 41.24
CA PHE G 105 -14.32 30.76 40.76
C PHE G 105 -15.26 29.95 39.89
N ILE G 106 -14.74 29.37 38.81
CA ILE G 106 -15.52 28.51 37.92
C ILE G 106 -14.72 27.24 37.66
N TYR G 107 -15.36 26.09 37.78
CA TYR G 107 -14.67 24.82 37.58
C TYR G 107 -14.86 24.19 36.21
N THR G 108 -13.85 24.30 35.37
CA THR G 108 -13.71 23.47 34.17
C THR G 108 -13.49 22.04 34.65
N PRO G 109 -13.72 21.04 33.79
CA PRO G 109 -13.26 19.73 34.24
C PRO G 109 -11.74 19.56 34.06
N PHE G 110 -11.08 20.64 33.65
CA PHE G 110 -9.64 20.62 33.37
C PHE G 110 -8.84 21.52 34.30
N LEU G 111 -9.34 22.74 34.53
CA LEU G 111 -8.65 23.68 35.41
C LEU G 111 -9.64 24.48 36.23
N ILE G 112 -9.17 25.58 36.82
CA ILE G 112 -10.04 26.46 37.59
C ILE G 112 -9.87 27.86 37.07
N ILE G 113 -10.99 28.48 36.68
CA ILE G 113 -10.98 29.82 36.13
C ILE G 113 -11.29 30.81 37.23
N VAL G 114 -10.50 31.87 37.33
CA VAL G 114 -10.73 32.91 38.33
C VAL G 114 -11.01 34.24 37.65
N ARG G 115 -12.22 34.77 37.88
CA ARG G 115 -12.64 36.05 37.33
C ARG G 115 -12.91 37.05 38.45
N ARG G 116 -12.37 38.25 38.33
CA ARG G 116 -12.72 39.34 39.23
C ARG G 116 -13.37 40.46 38.42
N GLN G 117 -14.64 40.71 38.73
CA GLN G 117 -15.44 41.71 38.02
C GLN G 117 -15.55 41.40 36.51
N GLY G 118 -16.04 40.20 36.19
CA GLY G 118 -16.35 39.86 34.81
C GLY G 118 -15.17 39.44 33.95
N GLN G 119 -14.06 40.19 34.03
CA GLN G 119 -12.84 39.84 33.31
C GLN G 119 -12.06 38.72 33.99
N LEU G 120 -11.42 37.85 33.21
CA LEU G 120 -10.67 36.73 33.77
C LEU G 120 -9.35 37.18 34.40
N TYR G 121 -9.10 36.67 35.61
CA TYR G 121 -7.92 37.04 36.38
C TYR G 121 -6.85 35.98 36.22
N ALA G 122 -7.24 34.72 36.33
CA ALA G 122 -6.26 33.63 36.36
C ALA G 122 -6.79 32.25 36.05
N HIS G 123 -5.88 31.38 35.61
CA HIS G 123 -6.09 29.96 35.45
C HIS G 123 -5.27 29.18 36.47
N VAL G 124 -5.94 28.36 37.28
CA VAL G 124 -5.24 27.48 38.21
C VAL G 124 -5.17 26.06 37.65
N GLU G 125 -3.98 25.64 37.23
CA GLU G 125 -3.79 24.33 36.62
C GLU G 125 -3.15 23.30 37.56
N PHE G 126 -3.41 22.02 37.32
CA PHE G 126 -2.95 20.97 38.22
C PHE G 126 -2.02 19.99 37.53
N GLY G 127 -1.17 19.35 38.30
CA GLY G 127 -0.26 18.35 37.74
C GLY G 127 -0.88 17.00 37.91
N VAL G 128 -0.29 16.01 37.26
CA VAL G 128 -0.81 14.65 37.20
C VAL G 128 -1.26 14.06 38.55
N GLU G 129 -0.56 14.40 39.62
CA GLU G 129 -0.83 13.84 40.93
C GLU G 129 -1.85 14.65 41.71
N GLY G 130 -2.18 15.83 41.22
CA GLY G 130 -3.27 16.59 41.78
C GLY G 130 -2.95 17.81 42.59
N PHE G 131 -1.66 18.07 42.78
CA PHE G 131 -1.21 19.25 43.50
C PHE G 131 -1.29 20.44 42.55
N ILE G 132 -1.18 21.65 43.08
CA ILE G 132 -1.20 22.83 42.23
C ILE G 132 0.12 22.97 41.47
N SER G 133 0.07 22.86 40.14
CA SER G 133 1.29 22.83 39.33
C SER G 133 1.75 24.21 38.97
N PHE G 134 0.82 25.06 38.56
CA PHE G 134 1.14 26.42 38.15
C PHE G 134 -0.13 27.23 37.96
N ILE G 135 0.01 28.55 37.97
CA ILE G 135 -1.11 29.48 37.79
C ILE G 135 -0.75 30.57 36.79
N LYS G 136 -1.57 30.69 35.74
CA LYS G 136 -1.45 31.77 34.76
C LYS G 136 -2.20 32.99 35.27
N PHE G 137 -1.64 34.17 35.06
CA PHE G 137 -2.28 35.42 35.47
C PHE G 137 -2.55 36.34 34.28
N PHE G 138 -3.79 36.82 34.18
CA PHE G 138 -4.20 37.69 33.08
C PHE G 138 -4.54 39.11 33.58
N LYS G 139 -4.22 40.12 32.77
CA LYS G 139 -4.70 41.48 32.98
C LYS G 139 -5.04 42.07 31.63
N ASP G 140 -6.30 42.48 31.47
CA ASP G 140 -6.80 42.99 30.20
C ASP G 140 -6.62 41.93 29.11
N ASP G 141 -7.25 40.78 29.31
CA ASP G 141 -7.22 39.67 28.35
C ASP G 141 -5.82 39.13 28.00
N GLN G 142 -4.77 39.87 28.34
CA GLN G 142 -3.41 39.43 28.08
C GLN G 142 -2.88 38.60 29.26
N LEU G 143 -2.27 37.46 28.95
CA LEU G 143 -1.48 36.70 29.91
C LEU G 143 -0.26 37.52 30.30
N GLU G 144 -0.21 37.97 31.55
CA GLU G 144 0.92 38.79 32.00
C GLU G 144 2.02 37.99 32.73
N LYS G 145 1.65 37.10 33.63
CA LYS G 145 2.67 36.29 34.28
C LYS G 145 2.24 34.84 34.56
N LEU G 146 3.23 33.95 34.66
CA LEU G 146 3.00 32.54 35.00
C LEU G 146 3.70 32.23 36.30
N ASN G 147 2.97 31.69 37.28
CA ASN G 147 3.57 31.25 38.54
C ASN G 147 3.79 29.75 38.57
N ILE G 148 5.03 29.31 38.73
CA ILE G 148 5.33 27.89 38.76
C ILE G 148 5.56 27.41 40.19
N PHE G 149 4.66 26.58 40.72
CA PHE G 149 4.77 26.10 42.11
C PHE G 149 5.74 24.93 42.31
N ASP G 150 6.47 24.96 43.42
CA ASP G 150 7.29 23.84 43.87
C ASP G 150 6.36 22.83 44.54
N ASP G 151 6.65 21.55 44.40
CA ASP G 151 5.73 20.56 44.93
C ASP G 151 5.84 20.39 46.44
N ARG G 152 6.71 21.19 47.06
CA ARG G 152 6.89 21.19 48.51
C ARG G 152 6.06 22.30 49.13
N GLY G 153 5.50 23.18 48.29
CA GLY G 153 4.49 24.13 48.74
C GLY G 153 4.79 25.61 48.71
N PHE G 154 5.51 26.08 47.69
CA PHE G 154 5.74 27.52 47.52
C PHE G 154 5.86 27.92 46.06
N VAL G 155 5.99 29.22 45.77
CA VAL G 155 6.14 29.64 44.39
C VAL G 155 7.60 29.61 43.97
N SER G 156 7.96 28.63 43.15
CA SER G 156 9.35 28.38 42.79
C SER G 156 9.90 29.38 41.78
N SER G 157 9.08 29.80 40.82
CA SER G 157 9.51 30.83 39.87
C SER G 157 8.37 31.59 39.22
N ILE G 158 8.72 32.67 38.53
CA ILE G 158 7.74 33.48 37.82
C ILE G 158 8.24 33.84 36.42
N VAL G 159 7.37 33.65 35.43
CA VAL G 159 7.68 33.98 34.05
C VAL G 159 6.85 35.20 33.68
N TYR G 160 7.50 36.19 33.09
CA TYR G 160 6.83 37.44 32.76
C TYR G 160 6.63 37.59 31.25
N TYR G 161 5.39 37.91 30.86
CA TYR G 161 5.00 37.90 29.45
C TYR G 161 4.73 39.30 28.89
N GLU G 162 5.73 39.85 28.22
CA GLU G 162 5.57 41.15 27.57
C GLU G 162 4.94 41.02 26.17
N ASP G 163 3.68 41.48 26.06
CA ASP G 163 2.95 41.50 24.80
C ASP G 163 2.58 40.08 24.33
N GLY G 164 2.48 39.15 25.27
CA GLY G 164 2.17 37.77 24.92
C GLY G 164 3.41 36.94 24.67
N GLN G 165 4.57 37.58 24.69
CA GLN G 165 5.85 36.91 24.54
C GLN G 165 6.63 36.91 25.87
N GLU G 166 7.07 35.73 26.32
CA GLU G 166 7.89 35.62 27.54
C GLU G 166 9.17 36.44 27.42
N VAL G 167 9.42 37.31 28.40
CA VAL G 167 10.58 38.20 28.37
C VAL G 167 11.66 37.81 29.39
N CYS G 168 11.24 37.34 30.56
CA CYS G 168 12.19 36.85 31.57
C CYS G 168 11.51 35.95 32.59
N GLN G 169 12.32 35.31 33.42
CA GLN G 169 11.82 34.43 34.47
C GLN G 169 12.76 34.49 35.65
N ASP G 170 12.30 34.99 36.79
CA ASP G 170 13.13 34.97 37.99
C ASP G 170 12.74 33.87 39.00
N TYR G 171 13.76 33.30 39.65
CA TYR G 171 13.61 32.12 40.46
C TYR G 171 13.58 32.51 41.93
N LEU G 172 12.43 32.30 42.58
CA LEU G 172 12.24 32.76 43.95
C LEU G 172 12.88 31.86 44.99
N ASN G 173 12.94 32.36 46.23
CA ASN G 173 13.29 31.57 47.40
C ASN G 173 11.98 31.15 48.02
N PRO G 174 12.01 30.22 48.98
CA PRO G 174 10.71 29.79 49.54
C PRO G 174 9.96 30.93 50.20
N ASN G 175 10.59 32.10 50.33
CA ASN G 175 9.90 33.23 50.94
C ASN G 175 9.32 34.24 49.95
N GLY G 176 9.80 34.23 48.71
CA GLY G 176 9.18 35.04 47.67
C GLY G 176 10.10 36.07 47.03
N ASP G 177 11.37 36.02 47.38
CA ASP G 177 12.33 37.02 46.92
C ASP G 177 13.17 36.48 45.79
N TRP G 178 13.21 37.20 44.67
CA TRP G 178 13.98 36.73 43.53
C TRP G 178 15.47 36.60 43.88
N ARG G 179 16.02 35.43 43.65
CA ARG G 179 17.44 35.20 43.90
C ARG G 179 18.23 35.49 42.64
N ILE G 180 17.77 34.94 41.50
CA ILE G 180 18.35 35.25 40.20
C ILE G 180 17.23 35.55 39.20
N ARG G 181 17.49 36.42 38.23
CA ARG G 181 16.56 36.62 37.13
C ARG G 181 17.21 36.14 35.83
N GLU G 182 16.45 35.40 35.02
CA GLU G 182 16.93 34.94 33.73
C GLU G 182 16.16 35.62 32.61
N TYR G 183 16.88 36.23 31.68
CA TYR G 183 16.29 36.93 30.55
C TYR G 183 16.16 35.97 29.36
N LEU G 184 15.07 36.10 28.62
CA LEU G 184 14.73 35.12 27.61
C LEU G 184 14.56 35.75 26.22
N LYS G 185 15.57 36.49 25.76
CA LYS G 185 15.50 37.18 24.47
C LYS G 185 16.79 37.11 23.64
N PHE G 186 16.97 38.11 22.78
CA PHE G 186 18.13 38.29 21.89
C PHE G 186 18.37 37.14 20.91
N SER G 189 19.56 38.32 27.47
CA SER G 189 19.61 36.89 27.14
C SER G 189 20.43 36.12 28.16
N HIS G 190 20.70 36.77 29.30
CA HIS G 190 21.60 36.26 30.33
C HIS G 190 20.91 36.10 31.69
N VAL G 191 21.69 35.76 32.72
CA VAL G 191 21.17 35.60 34.08
C VAL G 191 21.86 36.55 35.08
N VAL G 192 21.09 37.46 35.66
CA VAL G 192 21.58 38.35 36.72
C VAL G 192 21.31 37.78 38.11
N VAL G 193 22.12 38.16 39.09
CA VAL G 193 21.91 37.74 40.46
C VAL G 193 21.32 38.92 41.20
N ASN G 194 20.35 38.67 42.09
CA ASN G 194 19.93 39.72 43.02
C ASN G 194 21.10 40.05 43.91
N PRO G 195 21.54 41.32 43.88
CA PRO G 195 22.68 41.82 44.66
C PRO G 195 22.61 41.43 46.14
N VAL G 196 21.42 41.46 46.72
CA VAL G 196 21.28 41.18 48.15
C VAL G 196 21.71 39.76 48.54
N PHE G 197 21.79 38.86 47.56
CA PHE G 197 22.20 37.48 47.84
C PHE G 197 23.57 37.16 47.25
N SER G 198 24.31 38.20 46.83
CA SER G 198 25.59 37.99 46.13
C SER G 198 26.68 37.27 46.93
N ARG G 199 26.38 36.93 48.18
CA ARG G 199 27.30 36.15 49.01
C ARG G 199 27.45 34.73 48.49
N ASP G 200 26.41 34.25 47.80
CA ASP G 200 26.30 32.84 47.40
C ASP G 200 26.81 32.59 45.99
N PHE G 201 26.91 33.64 45.20
CA PHE G 201 27.32 33.54 43.80
C PHE G 201 28.69 34.21 43.58
N ASP G 202 29.51 33.57 42.74
CA ASP G 202 30.84 34.10 42.40
C ASP G 202 30.73 35.33 41.52
N LYS G 203 30.05 35.20 40.39
CA LYS G 203 29.81 36.34 39.52
C LYS G 203 28.52 37.03 39.96
N LEU G 204 28.31 38.27 39.51
CA LEU G 204 27.07 38.97 39.80
C LEU G 204 26.15 38.89 38.59
N GLU G 205 26.66 38.27 37.53
CA GLU G 205 25.85 37.90 36.38
C GLU G 205 26.52 36.80 35.56
N TYR G 206 25.71 36.00 34.88
CA TYR G 206 26.19 34.89 34.06
C TYR G 206 25.63 34.98 32.64
N GLU G 207 26.43 34.57 31.66
CA GLU G 207 26.05 34.68 30.25
C GLU G 207 24.88 33.75 29.91
N CYS G 208 25.02 32.49 30.28
CA CYS G 208 23.99 31.48 30.06
C CYS G 208 23.82 30.63 31.31
N PRO G 210 23.59 27.32 32.04
CA PRO G 210 24.46 26.20 32.43
C PRO G 210 25.83 26.59 32.98
N ASP G 211 26.23 27.86 32.86
CA ASP G 211 27.44 28.36 33.52
C ASP G 211 27.27 28.27 35.03
N LEU G 212 26.27 28.99 35.53
CA LEU G 212 25.91 28.97 36.95
C LEU G 212 25.61 27.56 37.41
N ILE G 213 25.03 26.76 36.52
CA ILE G 213 24.75 25.37 36.85
C ILE G 213 26.03 24.58 37.12
N LEU G 214 27.04 24.73 36.27
CA LEU G 214 28.31 24.00 36.45
C LEU G 214 29.14 24.58 37.61
N GLU G 215 28.95 25.87 37.88
CA GLU G 215 29.60 26.51 39.04
C GLU G 215 29.19 25.79 40.30
N LYS G 216 27.88 25.76 40.53
CA LYS G 216 27.33 25.18 41.74
C LYS G 216 27.61 23.69 41.83
N LEU G 217 27.50 22.99 40.72
CA LEU G 217 27.72 21.54 40.71
C LEU G 217 29.20 21.23 40.92
N GLY G 218 30.07 22.04 40.32
CA GLY G 218 31.50 21.84 40.47
C GLY G 218 31.95 22.04 41.90
N TYR G 219 31.58 23.20 42.45
CA TYR G 219 31.80 23.51 43.85
C TYR G 219 31.35 22.38 44.78
N TYR G 220 30.33 21.62 44.39
CA TYR G 220 29.93 20.51 45.23
C TYR G 220 30.91 19.34 45.11
N ILE G 221 31.35 19.04 43.89
CA ILE G 221 32.24 17.89 43.64
C ILE G 221 33.71 18.23 43.99
N SER G 222 33.92 19.36 44.65
CA SER G 222 35.25 19.76 45.05
C SER G 222 35.40 19.78 46.56
N HIS G 223 34.27 19.94 47.26
CA HIS G 223 34.27 20.17 48.70
C HIS G 223 33.54 19.05 49.43
N ASN G 224 32.31 18.76 48.99
CA ASN G 224 31.43 17.81 49.67
C ASN G 224 31.55 16.37 49.18
N VAL G 225 32.57 16.12 48.37
CA VAL G 225 32.84 14.79 47.87
C VAL G 225 34.24 14.37 48.35
N GLU G 226 34.41 13.07 48.58
CA GLU G 226 35.65 12.49 49.15
C GLU G 226 36.53 11.80 48.11
N GLU G 227 37.43 10.94 48.59
CA GLU G 227 38.28 10.13 47.73
C GLU G 227 37.70 8.71 47.59
N ASP G 228 38.18 7.99 46.57
CA ASP G 228 37.61 6.69 46.19
C ASP G 228 36.09 6.72 46.05
N SER G 229 35.59 7.86 45.59
CA SER G 229 34.19 8.04 45.27
C SER G 229 33.93 7.52 43.85
N ARG G 230 32.69 7.13 43.58
CA ARG G 230 32.33 6.57 42.27
C ARG G 230 31.10 7.28 41.66
N PHE G 231 31.24 7.75 40.42
CA PHE G 231 30.19 8.50 39.73
C PHE G 231 29.54 7.72 38.56
N VAL G 232 28.23 7.55 38.60
CA VAL G 232 27.48 6.99 37.48
C VAL G 232 26.84 8.13 36.69
N VAL G 233 27.42 8.44 35.53
CA VAL G 233 26.92 9.52 34.68
C VAL G 233 26.04 9.02 33.52
N ALA G 234 24.83 9.56 33.44
CA ALA G 234 23.91 9.25 32.36
C ALA G 234 24.38 10.07 31.17
N ALA G 235 24.67 9.39 30.06
CA ALA G 235 25.26 10.06 28.92
C ALA G 235 24.29 11.02 28.26
N GLN G 236 24.55 12.32 28.40
CA GLN G 236 23.70 13.32 27.76
C GLN G 236 23.95 13.42 26.26
N PRO G 237 22.91 13.78 25.49
CA PRO G 237 23.03 14.21 24.08
C PRO G 237 23.49 15.68 24.01
N PHE G 238 24.62 15.93 24.68
CA PHE G 238 25.25 17.25 24.82
C PHE G 238 26.74 17.00 24.54
N THR G 239 27.61 17.97 24.83
CA THR G 239 29.07 17.73 24.77
C THR G 239 29.46 16.63 25.76
N ASN G 240 28.67 16.53 26.84
CA ASN G 240 28.85 15.55 27.92
C ASN G 240 30.23 15.60 28.59
N GLN G 241 31.07 16.51 28.10
CA GLN G 241 32.42 16.73 28.64
C GLN G 241 32.33 17.67 29.85
N GLY G 242 31.21 18.38 29.98
CA GLY G 242 30.89 19.02 31.24
C GLY G 242 30.70 17.85 32.19
N VAL G 243 30.73 18.09 33.50
CA VAL G 243 30.56 17.03 34.50
C VAL G 243 31.78 16.10 34.57
N LEU G 244 32.16 15.50 33.46
CA LEU G 244 33.34 14.65 33.42
C LEU G 244 34.61 15.44 33.78
N ASP G 245 34.69 16.69 33.34
CA ASP G 245 35.80 17.56 33.74
C ASP G 245 35.74 17.88 35.23
N LEU G 246 34.53 17.90 35.79
CA LEU G 246 34.32 18.26 37.19
C LEU G 246 34.61 17.11 38.15
N LEU G 247 34.99 15.95 37.62
CA LEU G 247 35.33 14.82 38.46
C LEU G 247 36.76 14.93 38.96
N PRO G 248 36.99 14.60 40.25
CA PRO G 248 38.32 14.60 40.84
C PRO G 248 39.09 13.34 40.42
N GLN G 249 40.42 13.38 40.49
CA GLN G 249 41.22 12.25 40.03
C GLN G 249 41.11 11.07 40.98
N HIS G 250 40.83 11.38 42.25
CA HIS G 250 40.64 10.37 43.27
C HIS G 250 39.24 9.78 43.23
N SER G 251 38.76 9.48 42.03
CA SER G 251 37.39 8.97 41.84
C SER G 251 37.23 8.19 40.55
N HIS G 252 36.38 7.17 40.60
CA HIS G 252 36.08 6.33 39.45
C HIS G 252 34.79 6.78 38.73
N SER G 253 34.76 6.66 37.40
CA SER G 253 33.56 7.04 36.62
C SER G 253 32.91 5.89 35.82
N ILE G 254 31.59 5.75 35.94
CA ILE G 254 30.81 4.90 35.04
C ILE G 254 29.88 5.70 34.11
N LEU G 255 30.01 5.51 32.80
CA LEU G 255 29.15 6.15 31.78
C LEU G 255 28.02 5.21 31.28
N SER G 256 26.77 5.57 31.56
CA SER G 256 25.62 4.73 31.18
C SER G 256 24.85 5.27 29.96
N PHE G 257 24.57 4.36 29.03
CA PHE G 257 23.83 4.66 27.81
C PHE G 257 22.50 3.97 27.81
N PHE G 258 21.45 4.75 27.66
CA PHE G 258 20.08 4.27 27.58
C PHE G 258 19.64 4.55 26.17
N HIS G 259 19.13 3.53 25.49
CA HIS G 259 18.66 3.67 24.12
C HIS G 259 17.71 4.86 23.91
N GLU G 260 16.57 4.80 24.56
CA GLU G 260 15.55 5.86 24.48
C GLU G 260 16.14 7.26 24.51
N ARG G 261 17.28 7.43 25.18
CA ARG G 261 17.93 8.73 25.32
C ARG G 261 19.06 8.96 24.31
N ASN G 262 19.86 7.94 24.05
CA ASN G 262 21.08 8.09 23.23
C ASN G 262 21.07 7.33 21.93
N GLN G 263 19.88 6.95 21.46
CA GLN G 263 19.78 6.06 20.29
C GLN G 263 20.44 6.74 19.13
N ALA G 264 20.27 8.05 19.05
CA ALA G 264 20.84 8.83 17.98
C ALA G 264 21.99 9.62 18.52
N SER G 265 23.15 9.00 18.62
CA SER G 265 24.37 9.77 18.88
C SER G 265 25.37 9.39 17.82
N ASN G 266 26.22 10.32 17.41
CA ASN G 266 27.30 9.96 16.50
C ASN G 266 28.57 9.67 17.24
N ILE G 267 29.14 8.50 16.96
CA ILE G 267 30.28 7.98 17.70
C ILE G 267 31.50 8.90 17.56
N GLU G 268 31.52 9.72 16.51
CA GLU G 268 32.67 10.57 16.21
C GLU G 268 33.04 11.58 17.32
N ASN G 269 32.15 11.78 18.28
CA ASN G 269 32.47 12.63 19.43
C ASN G 269 31.98 12.05 20.74
N LEU G 270 31.80 10.74 20.75
CA LEU G 270 31.74 10.01 22.00
C LEU G 270 33.20 9.79 22.45
N LYS G 271 34.13 10.07 21.54
CA LYS G 271 35.56 9.88 21.75
C LYS G 271 36.05 10.49 23.07
N ALA G 272 35.98 11.81 23.16
CA ALA G 272 36.44 12.54 24.33
C ALA G 272 35.93 11.94 25.68
N ASP G 273 34.72 11.39 25.67
CA ASP G 273 34.13 10.92 26.91
C ASP G 273 34.16 9.41 27.03
N LEU G 274 34.27 8.71 25.93
CA LEU G 274 34.38 7.26 26.02
C LEU G 274 35.80 6.95 26.42
N GLU G 275 36.72 7.83 26.02
CA GLU G 275 38.15 7.69 26.33
C GLU G 275 38.40 7.88 27.82
N TYR G 276 38.10 9.07 28.33
CA TYR G 276 38.10 9.32 29.77
C TYR G 276 36.83 8.77 30.44
N ALA G 277 36.84 7.50 30.81
CA ALA G 277 35.68 6.86 31.41
C ALA G 277 36.07 5.46 31.81
N ASP G 278 35.97 5.17 33.10
CA ASP G 278 36.51 3.92 33.59
C ASP G 278 35.59 2.73 33.27
N LEU G 279 34.31 3.00 33.09
CA LEU G 279 33.38 1.94 32.73
C LEU G 279 32.30 2.47 31.77
N VAL G 280 31.69 1.57 31.01
CA VAL G 280 30.67 1.94 30.03
C VAL G 280 29.55 0.92 30.05
N LEU G 281 28.33 1.40 30.17
CA LEU G 281 27.16 0.52 30.17
C LEU G 281 26.19 0.91 29.04
N THR G 282 25.65 -0.09 28.35
CA THR G 282 24.59 0.16 27.36
C THR G 282 23.48 -0.80 27.63
N ASP G 283 22.27 -0.44 27.26
CA ASP G 283 21.12 -1.32 27.48
C ASP G 283 20.81 -2.05 26.19
N ARG G 284 21.69 -1.89 25.21
CA ARG G 284 21.51 -2.50 23.88
C ARG G 284 22.75 -3.24 23.41
N ASP G 286 23.68 -4.37 20.46
CA ASP G 286 24.22 -3.83 19.22
C ASP G 286 25.03 -2.58 19.46
N PHE G 287 24.63 -1.80 20.45
CA PHE G 287 25.36 -0.59 20.80
C PHE G 287 26.72 -0.94 21.41
N LYS G 288 26.76 -2.00 22.22
CA LYS G 288 28.03 -2.50 22.75
C LYS G 288 28.92 -2.90 21.60
N GLU G 289 28.40 -3.84 20.79
CA GLU G 289 29.05 -4.29 19.56
C GLU G 289 29.55 -3.12 18.71
N THR G 290 28.68 -2.15 18.44
CA THR G 290 29.10 -0.95 17.69
C THR G 290 30.25 -0.23 18.37
N LEU G 291 30.13 -0.04 19.68
CA LEU G 291 31.09 0.76 20.42
C LEU G 291 32.47 0.11 20.44
N GLN G 292 32.50 -1.21 20.58
CA GLN G 292 33.75 -1.94 20.63
C GLN G 292 34.49 -1.91 19.29
N ASN G 293 33.71 -1.89 18.21
CA ASN G 293 34.29 -1.79 16.89
C ASN G 293 34.91 -0.41 16.66
N TYR G 294 34.07 0.62 16.68
CA TYR G 294 34.56 1.97 16.42
C TYR G 294 35.63 2.39 17.45
N PHE G 295 35.53 1.86 18.66
CA PHE G 295 36.55 2.13 19.68
C PHE G 295 37.17 0.84 20.17
N PRO G 296 38.32 0.47 19.60
CA PRO G 296 38.83 -0.88 19.85
C PRO G 296 39.77 -0.95 21.05
N LEU G 297 40.75 -0.04 21.09
CA LEU G 297 41.72 0.06 22.18
C LEU G 297 41.07 0.03 23.58
N GLN G 298 39.87 0.58 23.67
CA GLN G 298 39.21 0.71 24.95
C GLN G 298 37.83 0.05 24.90
N ALA G 299 37.79 -1.20 24.44
CA ALA G 299 36.54 -1.89 24.17
C ALA G 299 36.20 -2.91 25.24
N GLU G 300 37.09 -3.03 26.22
CA GLU G 300 36.93 -4.01 27.30
C GLU G 300 36.17 -3.45 28.48
N LYS G 301 36.07 -2.12 28.52
CA LYS G 301 35.32 -1.44 29.58
C LYS G 301 33.83 -1.28 29.26
N ILE G 302 33.37 -1.95 28.21
CA ILE G 302 32.01 -1.75 27.73
C ILE G 302 31.17 -3.00 27.94
N HIS G 303 30.16 -2.93 28.82
CA HIS G 303 29.29 -4.09 29.06
C HIS G 303 27.80 -3.78 28.99
N TYR G 304 27.04 -4.84 28.76
CA TYR G 304 25.59 -4.75 28.61
C TYR G 304 24.89 -4.95 29.94
N LEU G 305 23.92 -4.09 30.21
CA LEU G 305 23.03 -4.29 31.34
C LEU G 305 21.63 -3.90 30.92
N SER G 306 20.70 -4.84 31.04
CA SER G 306 19.31 -4.63 30.67
C SER G 306 18.47 -4.07 31.83
N PRO G 307 17.81 -2.92 31.61
CA PRO G 307 16.94 -2.32 32.63
C PRO G 307 15.63 -3.06 32.79
N PHE G 308 15.16 -3.12 34.02
CA PHE G 308 13.88 -3.73 34.32
C PHE G 308 13.16 -2.80 35.26
N ASP G 309 11.84 -2.85 35.25
CA ASP G 309 11.10 -1.92 36.07
C ASP G 309 10.42 -2.69 37.18
N THR G 310 10.94 -2.54 38.38
CA THR G 310 10.47 -3.32 39.52
C THR G 310 9.15 -2.81 40.13
N ARG G 311 8.64 -1.66 39.68
CA ARG G 311 7.35 -1.17 40.16
C ARG G 311 6.26 -2.16 39.80
N LEU G 312 6.53 -2.96 38.78
CA LEU G 312 5.63 -4.01 38.35
C LEU G 312 5.71 -5.22 39.29
N GLN G 313 4.57 -5.62 39.86
CA GLN G 313 4.46 -6.91 40.52
C GLN G 313 4.58 -8.04 39.48
N LEU G 314 4.38 -9.28 39.88
CA LEU G 314 4.20 -10.31 38.87
C LEU G 314 2.70 -10.43 38.56
N GLY G 315 2.38 -10.91 37.36
CA GLY G 315 1.02 -10.95 36.88
C GLY G 315 0.07 -11.84 37.68
N LYS G 316 -1.17 -11.37 37.79
CA LYS G 316 -2.24 -12.07 38.50
C LYS G 316 -3.22 -12.73 37.52
N SER G 317 -2.72 -13.17 36.36
CA SER G 317 -3.58 -13.68 35.29
C SER G 317 -4.16 -15.05 35.56
N GLN G 318 -3.44 -15.86 36.34
CA GLN G 318 -3.85 -17.22 36.67
C GLN G 318 -5.12 -17.21 37.50
N GLN G 319 -5.38 -16.10 38.18
CA GLN G 319 -6.50 -16.03 39.10
C GLN G 319 -7.81 -15.68 38.42
N ARG G 320 -7.77 -15.49 37.10
CA ARG G 320 -8.96 -15.15 36.34
C ARG G 320 -9.35 -16.24 35.35
N HIS G 321 -10.64 -16.41 35.09
CA HIS G 321 -11.08 -17.46 34.16
C HIS G 321 -10.89 -17.02 32.71
N GLU G 322 -11.07 -15.72 32.46
CA GLU G 322 -10.89 -15.13 31.14
C GLU G 322 -9.43 -14.79 30.85
N SER G 323 -8.98 -15.00 29.62
CA SER G 323 -7.65 -14.57 29.24
C SER G 323 -7.72 -13.15 28.67
N LYS G 324 -7.10 -12.18 29.35
CA LYS G 324 -7.16 -10.76 28.93
C LYS G 324 -5.97 -10.35 28.05
N ILE G 325 -6.28 -9.83 26.86
CA ILE G 325 -5.26 -9.45 25.89
C ILE G 325 -5.09 -7.93 25.89
N PHE G 326 -3.84 -7.47 25.92
CA PHE G 326 -3.56 -6.05 25.86
C PHE G 326 -2.93 -5.74 24.52
N TYR G 327 -3.59 -4.87 23.78
CA TYR G 327 -3.20 -4.58 22.41
C TYR G 327 -2.87 -3.11 22.27
N GLN G 328 -1.63 -2.86 21.91
CA GLN G 328 -1.07 -1.52 21.89
C GLN G 328 -1.22 -0.88 20.51
N ILE G 329 -1.61 0.40 20.49
CA ILE G 329 -1.78 1.12 19.22
C ILE G 329 -1.11 2.48 19.32
N ASP G 330 -0.25 2.80 18.36
CA ASP G 330 0.52 4.06 18.38
C ASP G 330 -0.29 5.34 18.09
N LEU G 331 -1.08 5.42 17.03
CA LEU G 331 -1.93 6.62 16.81
C LEU G 331 -1.19 7.93 16.67
N SER G 332 0.11 7.84 16.47
CA SER G 332 0.87 8.93 15.94
C SER G 332 1.19 8.37 14.58
N GLU G 333 0.53 7.27 14.24
CA GLU G 333 0.76 6.51 13.01
C GLU G 333 -0.59 6.24 12.30
N LEU G 334 -1.63 6.92 12.76
CA LEU G 334 -2.97 6.70 12.23
C LEU G 334 -3.37 5.21 12.42
N LEU G 335 -4.52 4.79 11.90
CA LEU G 335 -4.95 3.42 12.16
C LEU G 335 -4.51 2.45 11.09
N ASN G 336 -4.37 1.19 11.45
CA ASN G 336 -4.12 0.12 10.50
C ASN G 336 -5.28 -0.85 10.62
N ASP G 337 -6.23 -0.76 9.69
CA ASP G 337 -7.43 -1.60 9.76
C ASP G 337 -7.12 -3.07 9.70
N TYR G 338 -6.14 -3.45 8.88
CA TYR G 338 -5.71 -4.84 8.79
C TYR G 338 -5.29 -5.39 10.14
N ALA G 339 -4.47 -4.64 10.87
CA ALA G 339 -3.97 -5.09 12.15
C ALA G 339 -5.05 -5.06 13.22
N ILE G 340 -5.79 -3.97 13.30
CA ILE G 340 -6.93 -3.92 14.23
C ILE G 340 -7.92 -5.05 13.98
N PHE G 341 -8.20 -5.37 12.72
CA PHE G 341 -9.13 -6.46 12.46
C PHE G 341 -8.60 -7.84 12.85
N LYS G 342 -7.32 -8.08 12.64
CA LYS G 342 -6.76 -9.40 12.96
C LYS G 342 -6.96 -9.67 14.43
N VAL G 343 -6.72 -8.68 15.29
CA VAL G 343 -6.90 -8.85 16.71
C VAL G 343 -8.36 -9.06 17.01
N LEU G 344 -9.20 -8.14 16.55
CA LEU G 344 -10.65 -8.18 16.74
C LEU G 344 -11.29 -9.51 16.35
N PHE G 345 -10.82 -10.08 15.24
CA PHE G 345 -11.30 -11.37 14.75
C PHE G 345 -10.97 -12.50 15.70
N TYR G 346 -9.74 -12.51 16.21
CA TYR G 346 -9.30 -13.51 17.18
C TYR G 346 -10.16 -13.51 18.42
N VAL G 347 -10.41 -12.32 18.95
CA VAL G 347 -11.20 -12.20 20.16
C VAL G 347 -12.63 -12.58 19.90
N ALA G 348 -13.09 -12.38 18.68
CA ALA G 348 -14.45 -12.71 18.32
C ALA G 348 -14.70 -14.20 18.51
N GLN G 349 -13.74 -15.01 18.11
CA GLN G 349 -13.99 -16.44 18.06
C GLN G 349 -13.54 -17.24 19.27
N HIS G 350 -12.87 -16.60 20.21
CA HIS G 350 -12.54 -17.23 21.48
C HIS G 350 -13.27 -16.49 22.60
N PRO G 351 -14.43 -17.02 23.03
CA PRO G 351 -15.30 -16.31 23.98
C PRO G 351 -14.72 -16.23 25.38
N ASP G 352 -13.63 -16.96 25.62
CA ASP G 352 -12.98 -16.95 26.92
C ASP G 352 -11.91 -15.88 27.00
N THR G 353 -11.96 -14.93 26.08
CA THR G 353 -10.96 -13.87 26.04
C THR G 353 -11.62 -12.50 26.21
N GLU G 354 -10.82 -11.50 26.60
CA GLU G 354 -11.25 -10.13 26.79
C GLU G 354 -10.15 -9.29 26.16
N LEU G 355 -10.49 -8.11 25.65
CA LEU G 355 -9.51 -7.29 24.93
C LEU G 355 -9.48 -5.87 25.44
N VAL G 356 -8.31 -5.40 25.84
CA VAL G 356 -8.08 -3.97 26.05
C VAL G 356 -7.20 -3.42 24.94
N ILE G 357 -7.70 -2.38 24.27
CA ILE G 357 -6.89 -1.74 23.25
C ILE G 357 -6.30 -0.50 23.88
N GLY G 358 -5.01 -0.55 24.19
CA GLY G 358 -4.34 0.56 24.83
C GLY G 358 -3.76 1.45 23.76
N VAL G 359 -4.27 2.68 23.71
CA VAL G 359 -3.92 3.60 22.66
C VAL G 359 -3.01 4.65 23.28
N TYR G 360 -1.77 4.76 22.87
CA TYR G 360 -0.96 5.85 23.40
C TYR G 360 -0.68 6.87 22.31
N ASN G 361 -0.04 7.98 22.66
CA ASN G 361 0.15 9.09 21.74
C ASN G 361 -1.16 9.57 21.14
N ALA G 362 -2.21 9.64 21.95
CA ALA G 362 -3.53 9.99 21.42
C ALA G 362 -4.12 11.21 22.09
N TRP G 363 -4.81 12.06 21.33
CA TRP G 363 -5.63 13.11 21.94
C TRP G 363 -7.07 12.64 22.01
N GLN G 364 -7.91 13.36 22.73
CA GLN G 364 -9.26 12.88 22.99
C GLN G 364 -9.98 12.53 21.71
N GLU G 365 -9.81 13.35 20.69
CA GLU G 365 -10.49 13.08 19.45
C GLU G 365 -9.99 11.81 18.74
N GLY G 366 -8.69 11.53 18.86
CA GLY G 366 -8.09 10.35 18.27
C GLY G 366 -8.62 9.06 18.88
N ILE G 367 -9.02 9.13 20.13
CA ILE G 367 -9.58 7.96 20.79
C ILE G 367 -10.92 7.64 20.17
N LYS G 368 -11.72 8.65 19.91
CA LYS G 368 -13.01 8.39 19.27
C LYS G 368 -12.82 7.73 17.90
N GLN G 369 -11.72 8.03 17.22
CA GLN G 369 -11.46 7.40 15.92
C GLN G 369 -11.23 5.91 16.07
N VAL G 370 -10.49 5.53 17.11
CA VAL G 370 -10.25 4.14 17.42
C VAL G 370 -11.56 3.47 17.83
N GLU G 371 -12.35 4.14 18.67
CA GLU G 371 -13.66 3.63 19.03
C GLU G 371 -14.54 3.35 17.82
N ASN G 372 -14.53 4.21 16.81
CA ASN G 372 -15.37 4.02 15.63
C ASN G 372 -14.86 2.97 14.70
N LYS G 373 -13.55 2.93 14.53
CA LYS G 373 -12.93 1.87 13.73
C LYS G 373 -13.32 0.48 14.25
N VAL G 374 -13.28 0.32 15.57
CA VAL G 374 -13.59 -0.96 16.15
C VAL G 374 -15.07 -1.24 15.95
N GLU G 375 -15.90 -0.22 16.12
CA GLU G 375 -17.35 -0.37 16.00
C GLU G 375 -17.80 -0.66 14.57
N GLU G 376 -17.15 -0.01 13.60
CA GLU G 376 -17.42 -0.27 12.18
C GLU G 376 -16.98 -1.66 11.80
N LEU G 377 -15.70 -1.96 11.99
CA LEU G 377 -15.18 -3.28 11.69
C LEU G 377 -16.06 -4.38 12.28
N ILE G 378 -16.40 -4.25 13.56
CA ILE G 378 -17.30 -5.23 14.16
C ILE G 378 -18.63 -5.26 13.45
N SER G 379 -19.22 -4.11 13.18
CA SER G 379 -20.57 -4.10 12.61
C SER G 379 -20.59 -4.71 11.23
N ASP G 380 -19.64 -4.30 10.40
CA ASP G 380 -19.56 -4.75 9.02
C ASP G 380 -19.25 -6.23 8.81
N TYR G 381 -18.35 -6.80 9.62
CA TYR G 381 -17.87 -8.15 9.37
C TYR G 381 -18.18 -9.18 10.45
N LEU G 382 -18.47 -8.74 11.66
CA LEU G 382 -18.72 -9.64 12.76
C LEU G 382 -20.10 -9.39 13.32
N ASP G 383 -20.35 -9.90 14.52
CA ASP G 383 -21.64 -9.66 15.16
C ASP G 383 -21.37 -9.17 16.55
N LEU G 384 -21.85 -7.98 16.89
CA LEU G 384 -21.56 -7.39 18.17
C LEU G 384 -22.03 -8.28 19.31
N LYS G 385 -23.12 -9.02 19.08
CA LYS G 385 -23.71 -9.92 20.09
C LYS G 385 -22.71 -10.93 20.62
N ASP G 386 -21.70 -11.22 19.84
CA ASP G 386 -20.71 -12.19 20.24
C ASP G 386 -19.60 -11.58 21.08
N PHE G 387 -19.75 -10.31 21.39
CA PHE G 387 -18.79 -9.65 22.28
C PHE G 387 -19.38 -9.31 23.65
N ILE G 388 -20.66 -9.60 23.86
CA ILE G 388 -21.27 -9.45 25.17
C ILE G 388 -20.61 -10.45 26.08
N LYS G 389 -20.32 -10.08 27.32
CA LYS G 389 -19.53 -10.93 28.21
C LYS G 389 -20.39 -11.88 29.02
N LYS G 390 -19.77 -12.96 29.52
CA LYS G 390 -20.49 -14.01 30.22
C LYS G 390 -21.17 -13.53 31.51
N SER G 391 -20.56 -12.58 32.21
CA SER G 391 -21.19 -11.99 33.39
C SER G 391 -22.35 -11.06 33.02
N PHE G 392 -22.92 -11.30 31.84
CA PHE G 392 -23.99 -10.46 31.32
C PHE G 392 -24.86 -11.26 30.34
N LYS G 393 -24.20 -12.13 29.56
CA LYS G 393 -24.86 -13.00 28.58
C LYS G 393 -25.51 -14.22 29.27
N ASN G 394 -25.06 -14.49 30.50
CA ASN G 394 -25.58 -15.58 31.35
C ASN G 394 -26.40 -15.07 32.56
N ASN G 395 -26.74 -13.78 32.53
CA ASN G 395 -27.56 -13.14 33.56
C ASN G 395 -28.69 -12.34 32.91
N LEU G 407 -25.61 -2.74 29.11
CA LEU G 407 -24.96 -3.86 28.39
C LEU G 407 -23.43 -3.75 28.35
N GLU G 408 -22.73 -4.84 28.70
CA GLU G 408 -21.26 -4.81 28.77
C GLU G 408 -20.53 -5.77 27.81
N TYR G 409 -19.51 -5.25 27.13
CA TYR G 409 -18.79 -6.03 26.12
C TYR G 409 -17.38 -6.46 26.55
N ARG G 410 -16.84 -7.48 25.92
CA ARG G 410 -15.53 -7.96 26.31
C ARG G 410 -14.34 -7.32 25.56
N PHE G 411 -14.56 -6.12 25.05
CA PHE G 411 -13.47 -5.29 24.53
C PHE G 411 -13.69 -3.87 25.05
N ARG G 412 -12.60 -3.16 25.32
CA ARG G 412 -12.70 -1.74 25.61
C ARG G 412 -11.44 -0.98 25.22
N ILE G 413 -11.58 0.33 25.05
CA ILE G 413 -10.46 1.14 24.61
C ILE G 413 -10.00 2.07 25.70
N ARG G 414 -8.71 2.00 26.05
CA ARG G 414 -8.14 2.76 27.15
C ARG G 414 -7.06 3.71 26.65
N ASN G 415 -7.12 4.94 27.14
CA ASN G 415 -6.11 5.92 26.80
C ASN G 415 -4.92 5.77 27.74
N ILE G 416 -3.79 5.30 27.22
CA ILE G 416 -2.61 5.16 28.03
C ILE G 416 -1.81 6.46 28.08
N THR G 417 -2.11 7.31 29.07
CA THR G 417 -1.40 8.59 29.25
C THR G 417 -0.13 8.50 30.11
N ASP G 418 -0.20 7.73 31.20
CA ASP G 418 0.87 7.50 32.21
C ASP G 418 1.70 6.28 31.88
N GLU G 419 2.77 6.06 32.66
CA GLU G 419 3.38 4.73 32.72
C GLU G 419 2.53 3.93 33.68
N LEU G 420 2.09 4.60 34.74
CA LEU G 420 1.28 3.97 35.78
C LEU G 420 -0.01 3.32 35.22
N SER G 421 -0.59 3.94 34.19
CA SER G 421 -1.83 3.44 33.59
C SER G 421 -1.58 2.07 33.00
N LEU G 422 -0.42 1.91 32.38
CA LEU G 422 -0.02 0.66 31.76
C LEU G 422 0.21 -0.36 32.85
N ILE G 423 0.89 0.07 33.91
CA ILE G 423 1.19 -0.82 35.03
C ILE G 423 -0.08 -1.46 35.61
N GLN G 424 -1.12 -0.67 35.80
CA GLN G 424 -2.35 -1.22 36.34
C GLN G 424 -3.06 -2.13 35.35
N GLU G 425 -3.06 -1.74 34.09
CA GLU G 425 -3.74 -2.56 33.09
C GLU G 425 -3.04 -3.91 32.93
N LEU G 426 -1.70 -3.90 32.93
CA LEU G 426 -0.89 -5.11 32.77
C LEU G 426 -1.02 -6.10 33.91
N ASP G 427 -1.68 -5.72 34.98
CA ASP G 427 -1.70 -6.53 36.19
C ASP G 427 -2.45 -7.87 36.03
N ASP G 428 -3.60 -7.87 35.36
CA ASP G 428 -4.31 -9.12 35.11
C ASP G 428 -4.25 -9.51 33.63
N THR G 429 -3.26 -9.00 32.92
CA THR G 429 -3.15 -9.19 31.50
C THR G 429 -2.35 -10.45 31.15
N ARG G 430 -2.96 -11.32 30.34
CA ARG G 430 -2.31 -12.58 29.98
C ARG G 430 -1.35 -12.50 28.80
N LEU G 431 -1.60 -11.59 27.87
CA LEU G 431 -0.82 -11.50 26.64
C LEU G 431 -0.77 -10.05 26.16
N ILE G 432 0.40 -9.61 25.67
CA ILE G 432 0.57 -8.28 25.10
C ILE G 432 0.86 -8.36 23.60
N ILE G 433 0.14 -7.56 22.81
CA ILE G 433 0.36 -7.51 21.36
C ILE G 433 0.70 -6.08 20.95
N ASP G 434 1.75 -5.91 20.15
CA ASP G 434 2.16 -4.62 19.60
C ASP G 434 2.53 -4.84 18.14
N LEU G 435 1.76 -4.27 17.22
CA LEU G 435 1.96 -4.55 15.81
C LEU G 435 2.60 -3.38 15.07
N SER G 436 3.22 -2.46 15.81
CA SER G 436 3.93 -1.29 15.24
C SER G 436 5.21 -1.71 14.61
N GLN G 437 5.80 -0.84 13.80
CA GLN G 437 7.11 -1.17 13.25
C GLN G 437 8.16 -0.79 14.27
N GLN G 438 7.82 0.10 15.19
CA GLN G 438 8.62 0.32 16.38
C GLN G 438 7.73 0.32 17.63
N PRO G 439 7.66 -0.84 18.32
CA PRO G 439 6.80 -1.09 19.46
C PRO G 439 7.19 -0.20 20.62
N ASN G 440 6.22 0.19 21.44
CA ASN G 440 6.49 1.07 22.57
C ASN G 440 7.53 0.47 23.50
N LEU G 441 8.72 1.07 23.50
CA LEU G 441 9.79 0.73 24.44
C LEU G 441 9.31 0.46 25.85
N TYR G 442 8.55 1.36 26.45
CA TYR G 442 8.12 1.10 27.83
C TYR G 442 7.26 -0.16 28.00
N THR G 443 6.38 -0.45 27.05
CA THR G 443 5.60 -1.68 27.19
C THR G 443 6.46 -2.97 27.09
N GLN G 444 7.55 -2.87 26.33
CA GLN G 444 8.48 -3.98 26.25
C GLN G 444 9.12 -4.25 27.60
N ILE G 445 9.60 -3.19 28.24
CA ILE G 445 10.16 -3.27 29.58
C ILE G 445 9.10 -3.70 30.59
N ALA G 446 7.97 -3.01 30.65
CA ALA G 446 6.89 -3.34 31.58
C ALA G 446 6.40 -4.76 31.40
N GLY G 447 6.37 -5.23 30.18
CA GLY G 447 5.88 -6.56 29.92
C GLY G 447 6.74 -7.67 30.48
N ILE G 448 8.05 -7.59 30.25
CA ILE G 448 8.91 -8.63 30.78
C ILE G 448 8.99 -8.52 32.29
N SER G 449 8.99 -7.29 32.80
CA SER G 449 9.01 -7.03 34.23
C SER G 449 7.82 -7.64 34.95
N ALA G 450 6.71 -7.80 34.26
CA ALA G 450 5.52 -8.28 34.92
C ALA G 450 5.36 -9.76 34.61
N GLY G 451 6.27 -10.27 33.76
CA GLY G 451 6.26 -11.66 33.36
C GLY G 451 5.06 -12.03 32.51
N ILE G 452 4.91 -11.29 31.41
CA ILE G 452 3.82 -11.51 30.46
C ILE G 452 4.43 -11.69 29.08
N PRO G 453 3.90 -12.66 28.30
CA PRO G 453 4.50 -12.86 26.97
C PRO G 453 4.11 -11.73 26.02
N GLN G 454 4.95 -11.44 25.03
CA GLN G 454 4.69 -10.34 24.11
C GLN G 454 4.84 -10.77 22.67
N ILE G 455 3.84 -10.44 21.85
CA ILE G 455 3.92 -10.63 20.40
C ILE G 455 4.31 -9.30 19.69
N ASN G 456 5.42 -9.30 18.96
CA ASN G 456 5.90 -8.13 18.22
C ASN G 456 6.17 -8.48 16.74
N LEU G 457 6.51 -7.48 15.92
CA LEU G 457 6.83 -7.73 14.52
C LEU G 457 8.30 -7.57 14.26
N VAL G 458 9.00 -7.06 15.27
CA VAL G 458 10.45 -6.90 15.19
C VAL G 458 11.09 -7.39 16.48
N ALA G 459 12.33 -7.86 16.39
CA ALA G 459 13.02 -8.43 17.54
C ALA G 459 13.51 -7.37 18.53
N SER G 460 13.66 -7.80 19.78
CA SER G 460 14.14 -6.94 20.86
C SER G 460 14.96 -7.72 21.91
N ASP G 461 15.65 -6.98 22.77
CA ASP G 461 16.38 -7.58 23.86
C ASP G 461 15.40 -8.10 24.92
N TYR G 462 14.15 -7.67 24.82
CA TYR G 462 13.17 -8.03 25.83
C TYR G 462 12.28 -9.20 25.39
N VAL G 463 12.13 -9.39 24.10
CA VAL G 463 11.41 -10.57 23.64
C VAL G 463 12.31 -11.54 22.93
N THR G 464 12.29 -12.76 23.45
CA THR G 464 13.04 -13.88 22.90
C THR G 464 12.06 -14.86 22.27
N HIS G 465 12.22 -15.08 20.98
CA HIS G 465 11.26 -15.86 20.20
C HIS G 465 11.01 -17.25 20.76
N LEU G 466 9.74 -17.57 20.95
CA LEU G 466 9.27 -18.88 21.42
C LEU G 466 9.56 -19.19 22.89
N GLN G 467 10.17 -18.23 23.59
CA GLN G 467 10.36 -18.37 25.04
C GLN G 467 9.65 -17.27 25.84
N ASN G 468 10.10 -16.05 25.61
CA ASN G 468 9.53 -14.82 26.18
C ASN G 468 8.22 -14.39 25.52
N GLY G 469 8.21 -14.42 24.20
CA GLY G 469 7.07 -14.03 23.38
C GLY G 469 7.24 -14.63 21.99
N TYR G 470 6.57 -14.05 21.01
CA TYR G 470 6.62 -14.55 19.64
C TYR G 470 7.00 -13.38 18.75
N ILE G 471 7.86 -13.60 17.79
CA ILE G 471 8.17 -12.54 16.86
C ILE G 471 7.65 -12.87 15.48
N LEU G 472 6.64 -12.13 15.06
CA LEU G 472 5.88 -12.41 13.84
C LEU G 472 6.62 -12.02 12.57
N ASP G 473 6.48 -12.87 11.55
CA ASP G 473 6.95 -12.49 10.23
C ASP G 473 5.97 -11.51 9.64
N SER G 474 4.69 -11.72 9.93
CA SER G 474 3.63 -10.82 9.49
C SER G 474 2.36 -10.91 10.35
N ILE G 475 1.54 -9.87 10.28
CA ILE G 475 0.22 -9.83 10.91
C ILE G 475 -0.66 -11.06 10.57
N SER G 476 -0.37 -11.74 9.47
CA SER G 476 -1.18 -12.86 9.02
C SER G 476 -1.11 -14.02 9.99
N GLN G 477 0.07 -14.20 10.58
CA GLN G 477 0.32 -15.31 11.49
C GLN G 477 -0.16 -15.06 12.93
N LEU G 478 -0.72 -13.89 13.19
CA LEU G 478 -1.13 -13.53 14.55
C LEU G 478 -1.86 -14.59 15.34
N ALA G 479 -2.72 -15.38 14.70
CA ALA G 479 -3.49 -16.35 15.48
C ALA G 479 -2.63 -17.51 15.96
N VAL G 480 -1.72 -18.00 15.14
CA VAL G 480 -0.87 -19.09 15.62
C VAL G 480 0.02 -18.62 16.77
N ALA G 481 0.46 -17.36 16.73
CA ALA G 481 1.26 -16.78 17.80
C ALA G 481 0.42 -16.62 19.07
N ALA G 482 -0.82 -16.18 18.91
CA ALA G 482 -1.68 -15.91 20.04
C ALA G 482 -1.99 -17.18 20.77
N ASP G 483 -2.34 -18.25 20.06
CA ASP G 483 -2.64 -19.46 20.80
C ASP G 483 -1.49 -20.37 21.17
N TYR G 484 -0.28 -20.06 20.71
CA TYR G 484 0.90 -20.65 21.31
C TYR G 484 0.89 -20.43 22.80
N TYR G 485 0.49 -19.23 23.23
CA TYR G 485 0.39 -18.89 24.65
C TYR G 485 -1.01 -18.95 25.24
N LEU G 486 -2.04 -18.97 24.42
CA LEU G 486 -3.39 -18.98 25.00
C LEU G 486 -4.05 -20.36 25.08
N GLN G 487 -3.53 -21.31 24.32
CA GLN G 487 -4.00 -22.69 24.39
C GLN G 487 -3.24 -23.41 25.50
N GLY G 488 -3.96 -23.83 26.54
CA GLY G 488 -3.35 -24.59 27.62
C GLY G 488 -2.34 -23.80 28.43
N LEU G 489 -1.68 -24.47 29.36
CA LEU G 489 -0.95 -23.75 30.39
C LEU G 489 0.55 -23.88 30.28
N LYS G 490 1.03 -24.89 29.57
CA LYS G 490 2.46 -25.20 29.62
C LYS G 490 3.37 -24.11 29.06
N ASN G 491 3.08 -23.62 27.86
CA ASN G 491 3.93 -22.60 27.24
C ASN G 491 3.90 -21.27 27.98
N TRP G 492 2.73 -20.91 28.50
CA TRP G 492 2.59 -19.65 29.17
C TRP G 492 3.47 -19.68 30.41
N ASN G 493 3.28 -20.74 31.21
CA ASN G 493 4.04 -20.93 32.44
C ASN G 493 5.52 -20.92 32.16
N GLN G 494 5.92 -21.53 31.05
CA GLN G 494 7.33 -21.51 30.69
C GLN G 494 7.84 -20.07 30.51
N ALA G 495 7.02 -19.22 29.90
CA ALA G 495 7.43 -17.83 29.62
C ALA G 495 7.67 -17.04 30.90
N LEU G 496 6.90 -17.39 31.93
CA LEU G 496 7.00 -16.77 33.24
C LEU G 496 8.37 -17.04 33.81
N ILE G 497 8.66 -18.33 33.95
CA ILE G 497 9.96 -18.82 34.38
C ILE G 497 11.12 -18.19 33.62
N TYR G 498 11.06 -18.16 32.29
CA TYR G 498 12.12 -17.52 31.52
C TYR G 498 12.32 -16.05 31.90
N SER G 499 11.21 -15.33 32.11
CA SER G 499 11.29 -13.90 32.40
C SER G 499 11.76 -13.63 33.83
N ILE G 500 11.28 -14.44 34.78
CA ILE G 500 11.67 -14.32 36.19
C ILE G 500 13.17 -14.44 36.34
N GLU G 501 13.73 -15.44 35.69
CA GLU G 501 15.16 -15.69 35.74
C GLU G 501 15.93 -14.58 35.01
N LYS G 502 15.25 -13.83 34.16
CA LYS G 502 15.90 -12.74 33.44
C LYS G 502 15.90 -11.46 34.27
N ILE G 503 14.84 -11.27 35.05
CA ILE G 503 14.74 -10.16 35.99
C ILE G 503 15.87 -10.28 37.01
N LYS G 504 15.98 -11.46 37.61
CA LYS G 504 17.01 -11.77 38.62
C LYS G 504 18.41 -11.41 38.15
N LEU G 505 18.85 -12.00 37.04
CA LEU G 505 20.17 -11.74 36.46
C LEU G 505 20.49 -10.24 36.29
N ASN G 506 19.45 -9.41 36.21
CA ASN G 506 19.63 -7.98 35.95
C ASN G 506 19.17 -7.02 37.08
N THR G 507 18.67 -7.58 38.18
CA THR G 507 18.38 -6.77 39.37
C THR G 507 18.81 -7.46 40.67
N GLY G 508 19.66 -6.81 41.45
CA GLY G 508 20.00 -7.32 42.76
C GLY G 508 21.47 -7.23 43.08
N HIS G 509 21.94 -8.18 43.88
CA HIS G 509 23.33 -8.19 44.29
C HIS G 509 24.20 -8.35 43.06
N GLN G 510 23.92 -9.42 42.31
CA GLN G 510 24.78 -9.82 41.20
C GLN G 510 25.03 -8.75 40.15
N VAL G 511 24.35 -7.62 40.25
CA VAL G 511 24.60 -6.52 39.33
C VAL G 511 25.73 -5.67 39.87
N ILE G 512 25.70 -5.34 41.16
CA ILE G 512 26.76 -4.53 41.75
C ILE G 512 28.00 -5.41 42.02
N LYS G 513 27.75 -6.69 42.24
CA LYS G 513 28.82 -7.68 42.36
C LYS G 513 29.65 -7.64 41.10
N ARG G 514 28.97 -7.55 39.96
CA ARG G 514 29.63 -7.45 38.66
C ARG G 514 30.25 -6.08 38.38
N TRP G 515 29.75 -5.01 38.99
CA TRP G 515 30.30 -3.69 38.70
C TRP G 515 31.66 -3.51 39.33
N GLU G 516 31.79 -4.04 40.54
CA GLU G 516 33.02 -3.90 41.28
C GLU G 516 34.08 -4.77 40.63
N LYS G 517 33.66 -5.98 40.24
CA LYS G 517 34.50 -6.91 39.49
C LYS G 517 35.03 -6.29 38.20
N TRP G 518 34.23 -5.45 37.55
CA TRP G 518 34.59 -4.74 36.31
C TRP G 518 35.36 -3.45 36.61
N LEU G 519 35.33 -3.02 37.87
CA LEU G 519 36.01 -1.81 38.28
C LEU G 519 37.40 -2.08 38.84
N LYS G 520 37.72 -3.36 39.04
CA LYS G 520 39.07 -3.77 39.47
C LYS G 520 40.10 -3.41 38.40
N GLU G 521 39.66 -3.44 37.13
CA GLU G 521 40.50 -3.07 35.99
C GLU G 521 40.52 -1.57 35.76
N ALA G 522 40.13 -0.81 36.79
CA ALA G 522 40.29 0.64 36.80
C ALA G 522 41.53 0.99 37.63
N ILE G 523 42.48 0.06 37.68
CA ILE G 523 43.79 0.29 38.33
C ILE G 523 44.94 -0.23 37.47
N LYS H 2 0.44 35.05 47.60
CA LYS H 2 0.88 35.09 49.00
C LYS H 2 0.37 33.85 49.76
N ILE H 3 1.09 32.74 49.64
CA ILE H 3 0.68 31.47 50.21
C ILE H 3 0.76 31.46 51.73
N GLN H 4 -0.30 30.99 52.37
CA GLN H 4 -0.28 30.83 53.83
C GLN H 4 0.44 29.55 54.22
N LYS H 5 1.68 29.70 54.65
CA LYS H 5 2.47 28.55 55.05
C LYS H 5 2.04 28.03 56.43
N HIS H 6 2.02 26.69 56.57
CA HIS H 6 1.75 26.02 57.85
C HIS H 6 1.95 24.52 57.72
N LYS H 7 2.46 23.89 58.79
CA LYS H 7 2.74 22.45 58.80
C LYS H 7 1.48 21.66 59.17
N GLU H 8 0.44 22.36 59.61
CA GLU H 8 -0.80 21.73 60.01
C GLU H 8 -1.64 21.33 58.78
N ILE H 9 -2.38 20.23 58.89
CA ILE H 9 -3.26 19.81 57.82
C ILE H 9 -4.69 20.07 58.22
N TYR H 10 -5.37 20.94 57.50
CA TYR H 10 -6.73 21.38 57.85
C TYR H 10 -7.85 20.54 57.22
N TRP H 11 -9.08 20.96 57.45
CA TRP H 11 -10.23 20.24 56.94
C TRP H 11 -10.35 20.30 55.41
N GLY H 12 -10.66 21.47 54.85
CA GLY H 12 -10.87 21.60 53.42
C GLY H 12 -12.27 21.21 52.96
N SER H 32 -25.35 18.63 54.14
CA SER H 32 -24.13 18.92 54.90
C SER H 32 -24.35 19.96 56.00
N THR H 33 -24.02 19.57 57.24
CA THR H 33 -24.03 20.51 58.35
C THR H 33 -22.64 20.60 59.00
N ILE H 34 -21.67 21.03 58.19
CA ILE H 34 -20.30 21.33 58.63
C ILE H 34 -20.10 22.84 58.56
N ILE H 35 -19.94 23.51 59.70
CA ILE H 35 -19.79 24.96 59.71
C ILE H 35 -18.31 25.40 59.69
N PHE H 36 -17.88 25.96 58.57
CA PHE H 36 -16.50 26.42 58.44
C PHE H 36 -16.29 27.76 59.14
N HIS H 37 -16.39 27.76 60.47
CA HIS H 37 -16.17 28.96 61.26
C HIS H 37 -14.86 29.64 60.85
N SER H 38 -13.77 28.86 60.76
CA SER H 38 -12.47 29.35 60.30
C SER H 38 -11.68 28.19 59.66
N PRO H 39 -10.79 28.49 58.69
CA PRO H 39 -9.98 27.43 58.08
C PRO H 39 -9.29 26.52 59.11
N ASP H 40 -9.05 27.04 60.32
CA ASP H 40 -8.45 26.23 61.38
C ASP H 40 -9.42 25.77 62.50
N GLN H 41 -10.73 25.95 62.31
CA GLN H 41 -11.71 25.39 63.23
C GLN H 41 -13.06 25.10 62.59
N VAL H 42 -13.41 23.82 62.54
CA VAL H 42 -14.62 23.38 61.86
C VAL H 42 -15.57 22.75 62.88
N TYR H 43 -16.83 23.19 62.88
CA TYR H 43 -17.84 22.64 63.79
C TYR H 43 -18.71 21.65 63.02
N PHE H 44 -19.07 20.56 63.68
CA PHE H 44 -19.87 19.52 63.06
C PHE H 44 -20.87 18.96 64.06
N GLU H 45 -22.01 18.49 63.54
CA GLU H 45 -23.00 17.76 64.32
C GLU H 45 -23.85 16.86 63.41
N ASN H 46 -24.41 15.80 63.98
CA ASN H 46 -25.40 14.96 63.27
C ASN H 46 -26.82 15.54 63.33
N LEU H 48 -27.16 11.07 61.00
CA LEU H 48 -26.47 11.45 59.75
C LEU H 48 -25.34 10.52 59.39
N ILE H 49 -24.42 10.29 60.34
CA ILE H 49 -23.33 9.34 60.17
C ILE H 49 -23.35 8.26 61.24
N ALA H 50 -23.48 7.00 60.84
CA ALA H 50 -23.66 5.89 61.78
C ALA H 50 -22.34 5.36 62.35
N SER H 51 -22.40 4.82 63.56
CA SER H 51 -21.23 4.18 64.17
C SER H 51 -20.60 3.14 63.25
N GLY H 52 -19.35 3.40 62.84
CA GLY H 52 -18.62 2.52 61.96
C GLY H 52 -18.29 3.23 60.66
N GLN H 53 -19.07 4.26 60.36
CA GLN H 53 -18.98 4.98 59.09
C GLN H 53 -17.92 6.08 59.11
N THR H 54 -17.79 6.77 57.98
CA THR H 54 -16.70 7.72 57.82
C THR H 54 -17.16 9.19 57.76
N ILE H 55 -16.64 10.01 58.66
CA ILE H 55 -16.99 11.42 58.74
C ILE H 55 -16.25 12.28 57.72
N HIS H 56 -15.00 11.93 57.44
CA HIS H 56 -14.18 12.74 56.55
C HIS H 56 -12.94 11.95 56.17
N GLU H 57 -12.26 12.35 55.10
CA GLU H 57 -11.14 11.57 54.61
C GLU H 57 -10.13 12.51 53.98
N TRP H 58 -8.85 12.21 54.16
CA TRP H 58 -7.76 12.97 53.55
C TRP H 58 -6.91 11.98 52.80
N SER H 59 -6.30 12.39 51.70
CA SER H 59 -5.51 11.44 50.91
C SER H 59 -4.19 12.02 50.44
N SER H 60 -3.22 11.16 50.14
CA SER H 60 -1.93 11.64 49.64
C SER H 60 -1.84 11.57 48.11
N SER H 61 -2.94 11.16 47.48
CA SER H 61 -2.98 10.84 46.06
C SER H 61 -4.34 11.20 45.46
N TRP H 62 -4.34 11.43 44.14
CA TRP H 62 -5.58 11.69 43.37
C TRP H 62 -6.38 10.39 43.13
N ASN H 63 -7.59 10.33 43.68
CA ASN H 63 -8.44 9.12 43.61
C ASN H 63 -8.84 8.75 42.18
N TYR H 64 -8.81 9.76 41.32
CA TYR H 64 -8.76 9.64 39.85
C TYR H 64 -8.26 10.96 39.24
N GLN H 65 -7.45 10.86 38.17
CA GLN H 65 -6.73 11.99 37.55
C GLN H 65 -7.54 13.27 37.18
N GLY H 66 -8.78 13.39 37.63
CA GLY H 66 -9.55 14.59 37.34
C GLY H 66 -10.27 15.11 38.57
N ASP H 67 -10.18 14.35 39.66
CA ASP H 67 -10.95 14.55 40.90
C ASP H 67 -11.00 16.00 41.40
N ARG H 68 -12.09 16.37 42.08
CA ARG H 68 -12.12 17.61 42.84
C ARG H 68 -11.59 17.32 44.27
N GLN H 69 -11.14 16.07 44.46
CA GLN H 69 -10.42 15.64 45.66
C GLN H 69 -8.90 15.71 45.47
N VAL H 70 -8.38 16.94 45.42
CA VAL H 70 -6.94 17.25 45.46
C VAL H 70 -6.28 16.67 46.72
N PRO H 71 -5.10 16.05 46.57
CA PRO H 71 -4.35 15.51 47.72
C PRO H 71 -4.09 16.57 48.80
N SER H 72 -4.08 16.14 50.05
CA SER H 72 -3.92 17.05 51.18
C SER H 72 -2.72 16.66 52.06
N LEU H 73 -2.54 15.35 52.25
CA LEU H 73 -1.46 14.77 53.03
C LEU H 73 -0.17 14.70 52.23
N PRO H 74 0.99 14.83 52.91
CA PRO H 74 2.27 14.90 52.21
C PRO H 74 2.86 13.53 51.90
N LEU H 75 3.78 13.47 50.93
CA LEU H 75 4.44 12.23 50.59
C LEU H 75 5.28 11.77 51.77
N LEU H 76 5.32 10.47 52.01
CA LEU H 76 6.06 9.87 53.13
C LEU H 76 7.20 8.99 52.61
N LYS H 77 8.29 8.85 53.39
CA LYS H 77 9.41 7.97 53.03
C LYS H 77 9.13 6.59 53.57
N ARG H 78 9.54 5.56 52.86
CA ARG H 78 9.21 4.22 53.28
C ARG H 78 10.17 3.70 54.33
N GLY H 79 9.65 2.88 55.23
CA GLY H 79 10.44 2.36 56.34
C GLY H 79 10.55 3.33 57.51
N ARG H 80 10.57 4.63 57.20
CA ARG H 80 10.66 5.65 58.23
C ARG H 80 9.41 5.68 59.12
N SER H 81 9.49 6.33 60.28
CA SER H 81 8.41 6.24 61.25
C SER H 81 7.92 7.62 61.65
N TYR H 82 6.61 7.72 61.88
CA TYR H 82 5.93 9.02 61.92
C TYR H 82 4.91 9.13 63.06
N SER H 83 4.61 10.36 63.46
CA SER H 83 3.53 10.59 64.42
C SER H 83 2.34 11.31 63.78
N LEU H 84 1.16 10.72 63.87
CA LEU H 84 -0.08 11.31 63.38
C LEU H 84 -0.87 11.85 64.55
N THR H 85 -1.17 13.14 64.54
CA THR H 85 -1.84 13.76 65.68
C THR H 85 -3.12 14.57 65.36
N ARG H 86 -4.19 14.33 66.12
CA ARG H 86 -5.47 15.04 65.94
C ARG H 86 -5.60 16.17 66.95
N ASP H 87 -5.93 17.36 66.46
CA ASP H 87 -6.24 18.47 67.35
C ASP H 87 -7.71 18.77 67.18
N THR H 89 -11.75 18.03 69.54
CA THR H 89 -12.44 17.55 70.73
C THR H 89 -13.89 17.23 70.37
N SER H 90 -14.40 16.14 70.94
CA SER H 90 -15.66 15.55 70.52
C SER H 90 -16.60 15.34 71.71
N TYR H 91 -17.91 15.47 71.50
CA TYR H 91 -18.88 15.02 72.51
C TYR H 91 -19.67 13.83 72.00
N PRO H 92 -19.61 12.68 72.71
CA PRO H 92 -18.81 12.33 73.89
C PRO H 92 -17.32 12.34 73.58
N SER H 93 -16.50 12.28 74.62
CA SER H 93 -15.08 12.46 74.44
C SER H 93 -14.43 11.32 73.66
N GLU H 94 -15.02 10.14 73.74
CA GLU H 94 -14.39 8.99 73.13
C GLU H 94 -15.12 8.52 71.87
N SER H 95 -15.67 9.46 71.12
CA SER H 95 -16.58 9.11 70.03
C SER H 95 -15.99 9.01 68.61
N VAL H 96 -14.91 9.74 68.34
CA VAL H 96 -14.32 9.71 67.00
C VAL H 96 -13.01 8.91 66.94
N PHE H 97 -13.00 7.80 66.20
CA PHE H 97 -11.74 7.05 65.97
C PHE H 97 -10.95 7.65 64.80
N LEU H 98 -9.67 7.33 64.71
CA LEU H 98 -8.82 7.84 63.65
C LEU H 98 -8.18 6.70 62.86
N LYS H 99 -8.62 6.49 61.63
CA LYS H 99 -8.11 5.38 60.81
C LYS H 99 -7.01 5.81 59.86
N LEU H 100 -6.00 4.94 59.72
CA LEU H 100 -4.90 5.19 58.81
C LEU H 100 -4.80 4.02 57.85
N ILE H 101 -4.97 4.30 56.55
CA ILE H 101 -4.96 3.21 55.57
C ILE H 101 -3.83 3.39 54.60
N PHE H 102 -3.14 2.30 54.27
CA PHE H 102 -2.04 2.34 53.31
C PHE H 102 -2.44 1.54 52.11
N PHE H 103 -2.22 2.11 50.92
CA PHE H 103 -2.49 1.40 49.70
C PHE H 103 -1.22 1.36 48.89
N ASP H 104 -1.08 0.36 48.03
CA ASP H 104 0.04 0.31 47.07
C ASP H 104 -0.38 0.97 45.76
N ARG H 105 0.40 0.78 44.70
CA ARG H 105 -0.10 1.03 43.33
C ARG H 105 -1.18 -0.01 43.18
N TYR H 106 -1.88 -0.07 42.06
CA TYR H 106 -2.99 -1.06 42.00
C TYR H 106 -4.08 -0.77 43.05
N ASN H 107 -3.83 0.17 43.96
CA ASN H 107 -4.80 0.62 44.94
C ASN H 107 -5.45 -0.44 45.82
N ARG H 108 -4.69 -1.50 46.12
CA ARG H 108 -5.08 -2.50 47.10
C ARG H 108 -4.70 -2.00 48.47
N GLU H 109 -5.45 -2.37 49.49
CA GLU H 109 -5.04 -1.99 50.82
C GLU H 109 -3.86 -2.86 51.26
N VAL H 110 -2.87 -2.24 51.87
CA VAL H 110 -1.71 -2.96 52.39
C VAL H 110 -1.98 -3.38 53.84
N SER H 111 -2.53 -2.46 54.62
CA SER H 111 -2.81 -2.65 56.04
C SER H 111 -3.49 -1.40 56.56
N ASN H 112 -4.25 -1.51 57.66
CA ASN H 112 -4.89 -0.34 58.28
C ASN H 112 -4.66 -0.25 59.78
N HIS H 113 -4.79 0.93 60.34
CA HIS H 113 -4.60 1.14 61.78
C HIS H 113 -5.68 2.05 62.34
N VAL H 114 -6.23 1.67 63.50
CA VAL H 114 -7.24 2.47 64.17
C VAL H 114 -6.74 2.98 65.52
N GLU H 115 -7.02 4.23 65.83
CA GLU H 115 -6.62 4.80 67.11
C GLU H 115 -7.75 5.48 67.85
N ARG H 116 -8.06 5.02 69.06
CA ARG H 116 -9.10 5.67 69.87
C ARG H 116 -8.58 6.98 70.42
N SER H 117 -7.26 7.03 70.65
CA SER H 117 -6.62 8.19 71.29
C SER H 117 -6.49 9.37 70.34
N ASP H 118 -5.55 10.26 70.61
CA ASP H 118 -5.34 11.43 69.75
C ASP H 118 -3.95 11.49 69.16
N LYS H 119 -3.12 10.51 69.51
CA LYS H 119 -1.80 10.38 68.93
C LYS H 119 -1.66 8.99 68.35
N THR H 121 1.49 6.48 66.32
CA THR H 121 2.82 6.35 65.75
C THR H 121 2.79 5.13 64.88
N PHE H 122 3.29 5.28 63.66
CA PHE H 122 3.33 4.19 62.71
C PHE H 122 4.63 4.20 61.95
N THR H 123 4.91 3.06 61.34
CA THR H 123 6.01 2.93 60.42
C THR H 123 5.41 2.72 59.01
N TYR H 124 5.77 3.62 58.09
CA TYR H 124 5.22 3.66 56.73
C TYR H 124 5.70 2.46 55.95
N PRO H 125 4.81 1.49 55.68
CA PRO H 125 5.19 0.17 55.14
C PRO H 125 5.96 0.28 53.85
N GLU H 126 6.88 -0.64 53.61
CA GLU H 126 7.76 -0.52 52.46
C GLU H 126 6.98 -0.84 51.18
N GLU H 127 5.79 -1.38 51.38
CA GLU H 127 4.90 -1.77 50.29
C GLU H 127 3.86 -0.68 49.95
N ALA H 128 4.01 0.51 50.50
CA ALA H 128 2.97 1.53 50.36
C ALA H 128 3.30 2.57 49.27
N TYR H 129 2.28 2.94 48.49
CA TYR H 129 2.42 3.96 47.47
C TYR H 129 1.76 5.22 47.96
N SER H 130 0.66 5.05 48.67
CA SER H 130 -0.12 6.17 49.11
C SER H 130 -0.85 5.78 50.38
N TYR H 131 -1.31 6.78 51.11
CA TYR H 131 -2.07 6.54 52.31
C TYR H 131 -3.26 7.50 52.36
N LYS H 132 -4.24 7.14 53.17
CA LYS H 132 -5.37 8.00 53.51
C LYS H 132 -5.55 7.98 55.01
N VAL H 133 -6.00 9.08 55.58
CA VAL H 133 -6.51 9.04 56.95
C VAL H 133 -7.98 9.45 56.96
N GLN H 134 -8.76 8.73 57.76
CA GLN H 134 -10.17 9.04 57.95
C GLN H 134 -10.40 9.30 59.42
N LEU H 135 -11.49 10.01 59.73
CA LEU H 135 -12.08 10.03 61.08
C LEU H 135 -13.31 9.15 61.00
N LEU H 136 -13.35 8.10 61.82
CA LEU H 136 -14.55 7.26 61.92
C LEU H 136 -15.51 7.75 63.02
N SER H 137 -16.65 7.10 63.15
CA SER H 137 -17.64 7.49 64.14
C SER H 137 -17.82 6.42 65.20
N ALA H 138 -18.18 6.85 66.41
CA ALA H 138 -18.63 5.93 67.45
C ALA H 138 -19.62 6.69 68.32
N GLY H 139 -20.75 7.06 67.70
CA GLY H 139 -21.82 7.75 68.39
C GLY H 139 -21.58 9.24 68.55
N VAL H 140 -20.64 9.77 67.77
CA VAL H 140 -20.30 11.17 67.84
C VAL H 140 -21.55 11.99 67.71
N GLU H 141 -21.72 12.99 68.55
CA GLU H 141 -22.87 13.88 68.40
C GLU H 141 -22.40 15.23 67.90
N SER H 142 -21.21 15.63 68.31
CA SER H 142 -20.67 16.91 67.92
C SER H 142 -19.16 16.89 68.02
N PHE H 143 -18.49 17.64 67.15
CA PHE H 143 -17.07 17.92 67.35
C PHE H 143 -16.61 19.25 66.78
N GLU H 144 -15.54 19.78 67.35
CA GLU H 144 -14.82 20.91 66.79
C GLU H 144 -13.44 20.39 66.39
N PHE H 145 -13.04 20.71 65.17
CA PHE H 145 -11.81 20.16 64.62
C PHE H 145 -10.85 21.27 64.25
N HIS H 146 -9.63 21.22 64.78
CA HIS H 146 -8.61 22.18 64.40
C HIS H 146 -7.70 21.64 63.28
N CYS H 147 -6.98 20.54 63.54
CA CYS H 147 -6.09 20.02 62.51
C CYS H 147 -5.57 18.59 62.70
N LEU H 148 -4.84 18.15 61.69
CA LEU H 148 -4.04 16.94 61.73
C LEU H 148 -2.58 17.39 61.66
N ARG H 149 -1.68 16.63 62.28
CA ARG H 149 -0.26 16.91 62.21
C ARG H 149 0.52 15.65 61.99
N ILE H 150 1.40 15.66 60.98
CA ILE H 150 2.32 14.55 60.77
C ILE H 150 3.76 15.01 60.93
N GLU H 151 4.48 14.40 61.86
CA GLU H 151 5.93 14.62 62.05
C GLU H 151 6.70 13.30 61.99
N GLU H 152 7.96 13.39 61.61
CA GLU H 152 8.83 12.20 61.59
C GLU H 152 9.46 11.93 62.95
N ILE H 153 9.50 10.66 63.34
CA ILE H 153 10.19 10.24 64.55
C ILE H 153 11.64 9.94 64.23
N LEU H 154 12.56 10.67 64.87
CA LEU H 154 14.00 10.47 64.66
C LEU H 154 14.68 9.79 65.86
#